data_7AM1
#
_entry.id   7AM1
#
_cell.length_a   69.463
_cell.length_b   74.003
_cell.length_c   106.467
_cell.angle_alpha   91.274
_cell.angle_beta   91.802
_cell.angle_gamma   117.647
#
_symmetry.space_group_name_H-M   'P 1'
#
loop_
_entity.id
_entity.type
_entity.pdbx_description
1 polymer 'Protein SSD1'
2 non-polymer 'PENTAETHYLENE GLYCOL'
3 non-polymer 2-AMINO-2-HYDROXYMETHYL-PROPANE-1,3-DIOL
4 water water
#
_entity_poly.entity_id   1
_entity_poly.type   'polypeptide(L)'
_entity_poly.pdbx_seq_one_letter_code
;GPDSSLFAPYLPQANIPELIQEGRLVAGILRVNKKNRSDAWVSTDGALDADIYICGSKDRNRALEGDLVAVELLVVDDVW
ESKKEKEEKKRRKDASMQHDLIPLNSSDDYHNDASVTAATSNNFLSSPSSSDSLSKDDLSVRRKRSSTINNDSDSLSSPT
KSGVRRRSSLKQRPTQKKNDDVEVEGQSLLLVEEEEINDKYKPLYAGHVVAVLDRIPGQLFSGTLGLLRPSQQANSDNNK
PPQSPKIAWFKPTDKKVPLIAIPTELAPKDFVENADKYSEKLFVASIKRWPITSLHPFGILVSELGDIHDPDTEIDSILR
DNNFLSNEYLDQKNPQKEKPSFQPLPLTAESLEYRRNFTDTNEYNIFAISELGWVSEFALHVRNNGNGTLELGCHVVDVT
SHIEEGSSVDRRARKRSSAVFMPQKLVNLLPQSFNDELSLAPGKESATLSVVYTLDSSTLRIKSTWVGESTISPSNILSL
EQLDEKLSTGSPTSYLSTVQEIARSFYARRINDPEATLLPTLSLLESLDDEKVKVDLNILDRTLGFVVINEIKRKVNSTV
AEKIYTKLGDLALLRRQMQPIATKMASFRKKIQNFGYNFDTNTADELIKGVLKIKDDDVRVGIEILLFKTMPRARYFIAG
KVDPDQYGHYALNLPIYTHFTAPMRRYADHVVHRQLKAVIHDTPYTEDMEALKITSEYCNFKKDCAYQAQEQAIHLLLCK
TINDMGNTTGQLLTMATVLQVYESSFDVFIPEFGIEKRVHGDQLPLIKAEFDGTNRVLELHWQPGVDSATFIPADEKNPK
SYRNSIKNKFRSTAAEIANIELDKEAESEPLISDPLSKELSDLHLTVPNLRLPSASDNKQNALEKFISTTETRIENDNYI
QEIHELQKIPILLRAEVGMALPCLTVRALNPFMKRV
;
_entity_poly.pdbx_strand_id   A,B
#
# COMPACT_ATOMS: atom_id res chain seq x y z
N PRO A 2 -1.34 -25.97 -41.63
CA PRO A 2 -2.71 -26.50 -41.72
C PRO A 2 -2.82 -27.71 -42.65
N ASP A 3 -1.81 -28.57 -42.60
CA ASP A 3 -1.76 -29.76 -43.46
C ASP A 3 -1.11 -30.93 -42.72
N SER A 4 0.15 -30.75 -42.32
CA SER A 4 0.95 -31.82 -41.73
C SER A 4 0.96 -31.71 -40.20
N SER A 5 1.75 -32.57 -39.56
CA SER A 5 1.80 -32.69 -38.09
C SER A 5 3.25 -32.69 -37.58
N LEU A 6 3.98 -31.61 -37.86
CA LEU A 6 5.38 -31.45 -37.50
C LEU A 6 5.57 -30.24 -36.58
N PHE A 7 6.40 -30.40 -35.55
CA PHE A 7 6.60 -29.35 -34.55
C PHE A 7 7.37 -28.16 -35.14
N ALA A 8 6.93 -26.95 -34.78
CA ALA A 8 7.57 -25.73 -35.22
C ALA A 8 8.59 -25.25 -34.19
N PRO A 9 9.76 -24.77 -34.62
CA PRO A 9 10.71 -24.21 -33.65
C PRO A 9 10.12 -23.01 -32.93
N TYR A 10 10.52 -22.83 -31.68
CA TYR A 10 10.01 -21.73 -30.88
C TYR A 10 10.50 -20.38 -31.39
N LEU A 11 9.67 -19.36 -31.20
CA LEU A 11 10.08 -17.99 -31.47
C LEU A 11 11.17 -17.58 -30.48
N PRO A 12 12.14 -16.77 -30.91
CA PRO A 12 13.12 -16.24 -29.94
C PRO A 12 12.44 -15.45 -28.84
N GLN A 13 12.97 -15.57 -27.62
CA GLN A 13 12.39 -14.88 -26.48
C GLN A 13 12.29 -13.38 -26.74
N ALA A 14 13.32 -12.80 -27.37
CA ALA A 14 13.37 -11.35 -27.53
C ALA A 14 12.12 -10.77 -28.18
N ASN A 15 11.53 -11.52 -29.12
CA ASN A 15 10.39 -10.99 -29.88
C ASN A 15 9.09 -10.98 -29.10
N ILE A 16 8.95 -11.81 -28.08
CA ILE A 16 7.64 -12.04 -27.46
C ILE A 16 7.15 -10.82 -26.69
N PRO A 17 7.98 -10.18 -25.86
CA PRO A 17 7.48 -9.01 -25.10
C PRO A 17 6.74 -8.01 -25.97
N GLU A 18 7.35 -7.59 -27.08
CA GLU A 18 6.67 -6.66 -27.97
C GLU A 18 5.45 -7.29 -28.62
N LEU A 19 5.56 -8.55 -29.07
CA LEU A 19 4.44 -9.19 -29.74
C LEU A 19 3.24 -9.33 -28.82
N ILE A 20 3.48 -9.54 -27.52
CA ILE A 20 2.39 -9.59 -26.56
C ILE A 20 1.71 -8.23 -26.47
N GLN A 21 2.51 -7.15 -26.39
CA GLN A 21 1.94 -5.81 -26.27
C GLN A 21 1.06 -5.45 -27.46
N GLU A 22 1.47 -5.88 -28.66
CA GLU A 22 0.69 -5.59 -29.86
C GLU A 22 -0.58 -6.42 -29.97
N GLY A 23 -0.73 -7.46 -29.14
CA GLY A 23 -1.87 -8.34 -29.23
C GLY A 23 -1.71 -9.48 -30.22
N ARG A 24 -0.52 -9.64 -30.81
CA ARG A 24 -0.29 -10.73 -31.74
C ARG A 24 -0.20 -12.07 -31.01
N LEU A 25 0.37 -12.07 -29.81
CA LEU A 25 0.46 -13.25 -28.97
C LEU A 25 -0.18 -12.96 -27.61
N VAL A 26 -0.60 -14.02 -26.94
CA VAL A 26 -1.09 -13.93 -25.56
C VAL A 26 -0.41 -15.03 -24.75
N ALA A 27 -0.11 -14.73 -23.50
CA ALA A 27 0.57 -15.65 -22.60
C ALA A 27 -0.44 -16.28 -21.64
N GLY A 28 -0.08 -17.45 -21.12
CA GLY A 28 -0.96 -18.18 -20.23
C GLY A 28 -0.31 -19.47 -19.80
N ILE A 29 -1.00 -20.15 -18.87
CA ILE A 29 -0.52 -21.38 -18.26
C ILE A 29 -1.17 -22.55 -18.98
N LEU A 30 -0.35 -23.51 -19.42
CA LEU A 30 -0.84 -24.67 -20.14
C LEU A 30 -1.35 -25.73 -19.15
N ARG A 31 -2.52 -26.29 -19.45
CA ARG A 31 -3.07 -27.39 -18.65
C ARG A 31 -3.59 -28.45 -19.61
N VAL A 32 -3.07 -29.66 -19.48
CA VAL A 32 -3.48 -30.76 -20.36
C VAL A 32 -4.72 -31.42 -19.78
N ASN A 33 -5.64 -31.80 -20.66
CA ASN A 33 -6.84 -32.54 -20.24
C ASN A 33 -6.46 -33.96 -19.88
N LYS A 34 -6.49 -34.28 -18.58
CA LYS A 34 -6.09 -35.62 -18.14
C LYS A 34 -6.92 -36.69 -18.83
N LYS A 35 -8.20 -36.42 -19.08
CA LYS A 35 -9.06 -37.39 -19.76
C LYS A 35 -8.63 -37.57 -21.21
N ASN A 36 -8.62 -36.49 -22.00
CA ASN A 36 -8.19 -36.53 -23.40
C ASN A 36 -6.85 -35.81 -23.48
N ARG A 37 -5.77 -36.57 -23.32
CA ARG A 37 -4.43 -36.02 -23.21
C ARG A 37 -3.94 -35.40 -24.52
N SER A 38 -4.62 -35.64 -25.64
CA SER A 38 -4.21 -35.02 -26.90
C SER A 38 -4.54 -33.54 -26.95
N ASP A 39 -5.39 -33.05 -26.04
CA ASP A 39 -5.79 -31.66 -26.03
C ASP A 39 -5.29 -30.98 -24.76
N ALA A 40 -5.34 -29.65 -24.78
CA ALA A 40 -4.86 -28.84 -23.67
C ALA A 40 -5.56 -27.49 -23.74
N TRP A 41 -5.54 -26.79 -22.61
CA TRP A 41 -6.07 -25.43 -22.52
C TRP A 41 -4.98 -24.53 -21.98
N VAL A 42 -5.03 -23.27 -22.38
CA VAL A 42 -4.15 -22.24 -21.85
C VAL A 42 -5.03 -21.18 -21.20
N SER A 43 -4.91 -21.03 -19.89
CA SER A 43 -5.70 -20.06 -19.14
C SER A 43 -4.99 -18.72 -19.13
N THR A 44 -5.73 -17.67 -19.46
CA THR A 44 -5.22 -16.31 -19.43
C THR A 44 -5.50 -15.71 -18.06
N ASP A 45 -4.58 -14.88 -17.58
CA ASP A 45 -4.77 -14.14 -16.33
C ASP A 45 -5.55 -12.86 -16.61
N GLY A 46 -6.80 -13.05 -17.00
CA GLY A 46 -7.64 -11.91 -17.35
C GLY A 46 -7.20 -11.19 -18.60
N ALA A 47 -6.43 -11.84 -19.46
CA ALA A 47 -6.04 -11.27 -20.75
C ALA A 47 -7.00 -11.61 -21.88
N LEU A 48 -8.03 -12.40 -21.60
CA LEU A 48 -9.04 -12.74 -22.59
C LEU A 48 -10.29 -13.20 -21.83
N ASP A 49 -11.36 -13.42 -22.57
CA ASP A 49 -12.63 -13.81 -21.97
C ASP A 49 -12.73 -15.29 -21.64
N ALA A 50 -11.76 -16.11 -22.04
CA ALA A 50 -11.85 -17.55 -21.82
C ALA A 50 -10.45 -18.16 -21.85
N ASP A 51 -10.41 -19.50 -21.83
CA ASP A 51 -9.18 -20.24 -22.02
C ASP A 51 -9.01 -20.54 -23.50
N ILE A 52 -7.76 -20.74 -23.92
CA ILE A 52 -7.43 -20.99 -25.32
C ILE A 52 -7.28 -22.50 -25.52
N TYR A 53 -8.04 -23.04 -26.47
CA TYR A 53 -8.00 -24.46 -26.78
C TYR A 53 -6.77 -24.78 -27.61
N ILE A 54 -6.06 -25.84 -27.23
CA ILE A 54 -4.86 -26.30 -27.94
C ILE A 54 -5.15 -27.71 -28.43
N CYS A 55 -5.31 -27.86 -29.74
CA CYS A 55 -5.76 -29.11 -30.34
C CYS A 55 -4.56 -29.93 -30.79
N GLY A 56 -4.41 -31.12 -30.23
CA GLY A 56 -3.42 -32.07 -30.70
C GLY A 56 -2.02 -31.77 -30.20
N SER A 57 -1.10 -32.68 -30.51
CA SER A 57 0.26 -32.56 -30.03
C SER A 57 1.01 -31.46 -30.78
N LYS A 58 0.78 -31.32 -32.08
CA LYS A 58 1.54 -30.36 -32.87
C LYS A 58 1.38 -28.95 -32.32
N ASP A 59 0.13 -28.53 -32.09
CA ASP A 59 -0.13 -27.18 -31.62
C ASP A 59 0.34 -26.96 -30.18
N ARG A 60 0.43 -28.03 -29.38
CA ARG A 60 0.99 -27.90 -28.05
C ARG A 60 2.50 -27.67 -28.11
N ASN A 61 3.13 -28.12 -29.18
CA ASN A 61 4.53 -27.84 -29.48
C ASN A 61 5.45 -28.11 -28.29
N ARG A 62 5.31 -29.31 -27.74
CA ARG A 62 6.25 -29.85 -26.76
C ARG A 62 6.20 -29.15 -25.40
N ALA A 63 5.23 -28.27 -25.19
CA ALA A 63 5.06 -27.66 -23.88
C ALA A 63 4.59 -28.70 -22.87
N LEU A 64 4.93 -28.47 -21.60
CA LEU A 64 4.55 -29.37 -20.53
C LEU A 64 3.52 -28.73 -19.61
N GLU A 65 2.80 -29.60 -18.90
CA GLU A 65 1.87 -29.16 -17.86
C GLU A 65 2.52 -28.12 -16.97
N GLY A 66 1.80 -27.01 -16.74
CA GLY A 66 2.26 -25.95 -15.87
C GLY A 66 3.14 -24.91 -16.52
N ASP A 67 3.61 -25.16 -17.74
CA ASP A 67 4.41 -24.18 -18.45
C ASP A 67 3.65 -22.89 -18.63
N LEU A 68 4.36 -21.77 -18.51
CA LEU A 68 3.91 -20.50 -19.07
C LEU A 68 4.29 -20.48 -20.54
N VAL A 69 3.29 -20.35 -21.42
CA VAL A 69 3.51 -20.42 -22.86
C VAL A 69 2.98 -19.16 -23.53
N ALA A 70 3.58 -18.83 -24.67
CA ALA A 70 3.05 -17.85 -25.59
C ALA A 70 2.29 -18.58 -26.68
N VAL A 71 1.02 -18.20 -26.88
CA VAL A 71 0.17 -18.86 -27.86
C VAL A 71 -0.27 -17.83 -28.91
N GLU A 72 -0.31 -18.26 -30.16
CA GLU A 72 -0.87 -17.49 -31.26
C GLU A 72 -2.27 -18.01 -31.57
N LEU A 73 -3.25 -17.11 -31.60
CA LEU A 73 -4.63 -17.52 -31.82
C LEU A 73 -4.84 -17.97 -33.26
N LEU A 74 -5.87 -18.82 -33.44
CA LEU A 74 -6.22 -19.36 -34.73
C LEU A 74 -7.72 -19.26 -34.95
N VAL A 75 -8.13 -19.19 -36.22
CA VAL A 75 -9.54 -19.24 -36.55
C VAL A 75 -10.10 -20.58 -36.09
N VAL A 76 -11.09 -20.55 -35.21
CA VAL A 76 -11.63 -21.77 -34.62
C VAL A 76 -12.04 -22.77 -35.69
N ASP A 77 -12.46 -22.28 -36.86
CA ASP A 77 -12.90 -23.18 -37.92
C ASP A 77 -11.72 -23.95 -38.52
N ASP A 78 -10.59 -23.26 -38.74
CA ASP A 78 -9.41 -23.93 -39.27
C ASP A 78 -8.99 -25.10 -38.39
N VAL A 79 -8.91 -24.87 -37.09
CA VAL A 79 -8.58 -25.95 -36.15
C VAL A 79 -9.59 -27.09 -36.27
N TRP A 80 -10.88 -26.76 -36.18
CA TRP A 80 -11.92 -27.77 -36.25
C TRP A 80 -11.97 -28.42 -37.63
N ASN A 151 -16.24 -38.85 -29.04
CA ASN A 151 -16.05 -39.94 -29.99
C ASN A 151 -15.97 -41.28 -29.25
N ASP A 152 -14.90 -41.46 -28.48
CA ASP A 152 -14.69 -42.65 -27.66
C ASP A 152 -15.29 -42.51 -26.27
N SER A 153 -15.89 -41.36 -25.95
CA SER A 153 -16.43 -41.10 -24.63
C SER A 153 -17.88 -41.55 -24.53
N ASP A 154 -18.22 -42.17 -23.41
CA ASP A 154 -19.60 -42.57 -23.12
C ASP A 154 -20.31 -41.56 -22.22
N SER A 155 -19.77 -40.34 -22.12
CA SER A 155 -20.35 -39.29 -21.27
C SER A 155 -20.39 -37.96 -22.02
N LEU A 156 -20.80 -37.98 -23.28
CA LEU A 156 -20.81 -36.76 -24.08
C LEU A 156 -21.98 -35.84 -23.77
N SER A 157 -23.13 -36.39 -23.38
CA SER A 157 -24.31 -35.59 -23.11
C SER A 157 -24.16 -34.81 -21.81
N VAL A 164 -32.17 -36.62 -29.95
CA VAL A 164 -32.86 -35.45 -29.43
C VAL A 164 -33.68 -35.82 -28.19
N ARG A 165 -34.70 -36.65 -28.40
CA ARG A 165 -35.53 -37.14 -27.31
C ARG A 165 -34.98 -38.48 -26.82
N ARG A 166 -35.80 -39.24 -26.11
CA ARG A 166 -35.43 -40.59 -25.68
C ARG A 166 -34.96 -41.42 -26.87
N ARG A 167 -33.77 -42.01 -26.73
CA ARG A 167 -33.21 -42.81 -27.82
C ARG A 167 -32.10 -43.72 -27.30
N SER A 168 -31.82 -44.77 -28.07
CA SER A 168 -30.79 -45.75 -27.74
C SER A 168 -29.40 -45.12 -27.71
N SER A 169 -28.68 -45.34 -26.59
CA SER A 169 -27.42 -44.64 -26.39
C SER A 169 -26.31 -45.45 -25.75
N LEU A 170 -26.48 -46.75 -25.52
CA LEU A 170 -25.41 -47.55 -24.92
C LEU A 170 -24.15 -47.48 -25.78
N LYS A 171 -23.02 -47.18 -25.15
CA LYS A 171 -21.75 -47.02 -25.84
C LYS A 171 -20.69 -47.92 -25.22
N GLN A 172 -20.06 -48.75 -26.05
CA GLN A 172 -18.92 -49.56 -25.61
C GLN A 172 -17.64 -48.79 -25.91
N ARG A 173 -16.93 -48.41 -24.86
CA ARG A 173 -15.65 -47.73 -25.03
C ARG A 173 -14.60 -48.72 -25.56
N PRO A 174 -13.69 -48.27 -26.43
CA PRO A 174 -12.60 -49.15 -26.85
C PRO A 174 -11.74 -49.56 -25.66
N THR A 175 -11.02 -50.67 -25.82
CA THR A 175 -10.21 -51.19 -24.71
C THR A 175 -9.27 -50.12 -24.15
N GLN A 176 -8.58 -49.38 -25.02
CA GLN A 176 -7.63 -48.39 -24.54
C GLN A 176 -8.34 -47.28 -23.76
N LYS A 177 -9.50 -46.85 -24.24
CA LYS A 177 -10.23 -45.79 -23.56
C LYS A 177 -10.71 -46.26 -22.20
N LYS A 178 -11.29 -47.46 -22.14
CA LYS A 178 -11.69 -48.06 -20.87
C LYS A 178 -10.50 -48.13 -19.92
N ASN A 179 -9.35 -48.57 -20.42
CA ASN A 179 -8.16 -48.68 -19.57
C ASN A 179 -7.75 -47.32 -19.02
N ASP A 180 -7.70 -46.30 -19.89
CA ASP A 180 -7.31 -44.97 -19.45
C ASP A 180 -8.31 -44.40 -18.45
N ASP A 181 -9.60 -44.63 -18.70
CA ASP A 181 -10.64 -44.08 -17.81
C ASP A 181 -10.52 -44.62 -16.40
N VAL A 182 -10.26 -45.93 -16.26
CA VAL A 182 -10.18 -46.50 -14.92
C VAL A 182 -9.10 -45.79 -14.10
N GLU A 183 -7.98 -45.46 -14.74
CA GLU A 183 -6.92 -44.74 -14.03
C GLU A 183 -7.30 -43.28 -13.79
N VAL A 184 -7.69 -42.56 -14.84
CA VAL A 184 -7.97 -41.13 -14.69
C VAL A 184 -9.11 -40.91 -13.71
N GLU A 185 -10.21 -41.65 -13.88
CA GLU A 185 -11.36 -41.49 -13.00
C GLU A 185 -11.10 -42.06 -11.61
N GLY A 186 -10.35 -43.16 -11.53
CA GLY A 186 -10.24 -43.91 -10.30
C GLY A 186 -9.13 -43.49 -9.37
N GLN A 187 -8.12 -42.78 -9.88
CA GLN A 187 -6.94 -42.45 -9.09
C GLN A 187 -7.05 -41.10 -8.39
N SER A 188 -8.21 -40.44 -8.47
CA SER A 188 -8.46 -39.22 -7.71
C SER A 188 -9.77 -39.37 -6.95
N LEU A 189 -9.96 -38.50 -5.95
CA LEU A 189 -11.15 -38.63 -5.11
C LEU A 189 -12.40 -38.19 -5.85
N LEU A 190 -12.33 -37.08 -6.57
CA LEU A 190 -13.43 -36.55 -7.37
C LEU A 190 -13.11 -36.77 -8.86
N LEU A 191 -14.00 -36.29 -9.71
CA LEU A 191 -13.83 -36.41 -11.16
C LEU A 191 -13.45 -35.05 -11.75
N VAL A 192 -12.40 -35.04 -12.58
CA VAL A 192 -12.00 -33.80 -13.24
C VAL A 192 -13.07 -33.44 -14.27
N GLU A 193 -13.23 -32.15 -14.51
CA GLU A 193 -14.20 -31.68 -15.48
C GLU A 193 -13.52 -31.44 -16.83
N GLU A 194 -14.34 -31.38 -17.87
CA GLU A 194 -13.85 -31.11 -19.21
C GLU A 194 -15.02 -30.72 -20.10
N GLU A 195 -14.76 -29.83 -21.05
CA GLU A 195 -15.76 -29.38 -22.00
C GLU A 195 -15.25 -28.16 -22.76
N LYS A 202 -17.40 -26.50 -29.99
CA LYS A 202 -16.44 -25.55 -30.55
C LYS A 202 -16.16 -24.41 -29.55
N PRO A 203 -14.89 -24.16 -29.26
CA PRO A 203 -14.56 -23.13 -28.27
C PRO A 203 -14.62 -21.73 -28.86
N LEU A 204 -14.54 -20.74 -27.97
CA LEU A 204 -14.50 -19.35 -28.39
C LEU A 204 -13.12 -18.97 -28.93
N TYR A 205 -12.07 -19.55 -28.35
CA TYR A 205 -10.69 -19.26 -28.75
C TYR A 205 -9.94 -20.57 -28.96
N ALA A 206 -8.94 -20.52 -29.85
CA ALA A 206 -8.10 -21.67 -30.14
C ALA A 206 -6.78 -21.15 -30.67
N GLY A 207 -5.71 -21.85 -30.34
CA GLY A 207 -4.39 -21.39 -30.74
C GLY A 207 -3.36 -22.51 -30.76
N HIS A 208 -2.10 -22.10 -30.89
CA HIS A 208 -0.98 -23.03 -30.84
C HIS A 208 0.17 -22.36 -30.11
N VAL A 209 1.01 -23.19 -29.50
CA VAL A 209 2.10 -22.70 -28.66
C VAL A 209 3.28 -22.35 -29.56
N VAL A 210 3.76 -21.10 -29.44
CA VAL A 210 4.89 -20.65 -30.24
C VAL A 210 6.16 -20.48 -29.42
N ALA A 211 6.08 -20.58 -28.09
CA ALA A 211 7.27 -20.48 -27.26
C ALA A 211 6.89 -20.88 -25.84
N VAL A 212 7.87 -21.41 -25.12
CA VAL A 212 7.75 -21.64 -23.68
C VAL A 212 8.40 -20.46 -22.98
N LEU A 213 7.61 -19.72 -22.20
CA LEU A 213 8.13 -18.53 -21.54
C LEU A 213 8.76 -18.85 -20.20
N ASP A 214 8.20 -19.80 -19.44
CA ASP A 214 8.77 -20.14 -18.15
C ASP A 214 8.36 -21.56 -17.77
N ARG A 215 9.24 -22.23 -17.04
CA ARG A 215 9.00 -23.58 -16.53
C ARG A 215 9.78 -23.72 -15.23
N ILE A 216 9.11 -24.19 -14.19
CA ILE A 216 9.81 -24.47 -12.94
C ILE A 216 10.85 -25.54 -13.27
N PRO A 217 12.14 -25.31 -13.04
CA PRO A 217 13.14 -26.30 -13.45
C PRO A 217 13.24 -27.45 -12.44
N GLY A 218 13.85 -28.53 -12.89
CA GLY A 218 14.11 -29.66 -12.00
C GLY A 218 12.88 -30.41 -11.54
N GLN A 219 11.80 -30.41 -12.33
CA GLN A 219 10.62 -31.16 -11.95
C GLN A 219 10.91 -32.66 -12.01
N LEU A 220 10.29 -33.40 -11.10
CA LEU A 220 10.50 -34.84 -11.00
C LEU A 220 9.19 -35.56 -11.28
N PHE A 221 9.31 -36.79 -11.78
CA PHE A 221 8.16 -37.61 -12.14
C PHE A 221 8.39 -39.04 -11.69
N SER A 222 7.45 -39.58 -10.93
CA SER A 222 7.49 -40.98 -10.55
C SER A 222 6.75 -41.81 -11.59
N GLY A 223 7.19 -43.06 -11.74
CA GLY A 223 6.58 -43.92 -12.74
C GLY A 223 7.37 -45.21 -12.89
N THR A 224 7.05 -45.92 -13.97
CA THR A 224 7.61 -47.23 -14.24
C THR A 224 8.42 -47.19 -15.52
N LEU A 225 9.30 -48.17 -15.68
CA LEU A 225 10.27 -48.19 -16.77
C LEU A 225 10.15 -49.51 -17.51
N GLY A 226 10.09 -49.44 -18.85
CA GLY A 226 9.98 -50.64 -19.65
C GLY A 226 10.67 -50.48 -20.98
N LEU A 227 10.75 -51.60 -21.71
CA LEU A 227 11.34 -51.62 -23.04
C LEU A 227 10.27 -51.73 -24.13
N PRO A 245 18.17 -51.87 -29.01
CA PRO A 245 17.42 -51.29 -27.89
C PRO A 245 18.16 -50.12 -27.24
N LYS A 246 18.01 -48.93 -27.81
CA LYS A 246 18.70 -47.75 -27.32
C LYS A 246 17.85 -46.87 -26.42
N ILE A 247 16.55 -47.13 -26.30
CA ILE A 247 15.66 -46.31 -25.49
C ILE A 247 14.81 -47.21 -24.62
N ALA A 248 14.77 -46.90 -23.33
CA ALA A 248 13.80 -47.48 -22.40
C ALA A 248 12.72 -46.44 -22.12
N TRP A 249 11.47 -46.89 -22.00
CA TRP A 249 10.33 -46.00 -21.93
C TRP A 249 9.88 -45.83 -20.48
N PHE A 250 9.92 -44.59 -19.99
CA PHE A 250 9.46 -44.25 -18.66
C PHE A 250 8.01 -43.78 -18.75
N LYS A 251 7.14 -44.42 -17.97
CA LYS A 251 5.71 -44.10 -17.97
C LYS A 251 5.36 -43.36 -16.69
N PRO A 252 5.11 -42.04 -16.75
CA PRO A 252 4.77 -41.32 -15.52
C PRO A 252 3.42 -41.74 -14.96
N THR A 253 3.35 -41.88 -13.63
CA THR A 253 2.04 -42.08 -13.00
C THR A 253 1.15 -40.87 -13.24
N ASP A 254 1.75 -39.68 -13.36
CA ASP A 254 1.00 -38.49 -13.71
C ASP A 254 0.65 -38.57 -15.20
N LYS A 255 -0.63 -38.80 -15.50
CA LYS A 255 -1.05 -38.99 -16.88
C LYS A 255 -1.07 -37.71 -17.69
N LYS A 256 -0.81 -36.56 -17.08
CA LYS A 256 -0.65 -35.32 -17.84
C LYS A 256 0.75 -35.17 -18.39
N VAL A 257 1.64 -36.12 -18.11
CA VAL A 257 3.02 -36.09 -18.55
C VAL A 257 3.18 -37.17 -19.61
N PRO A 258 3.73 -36.85 -20.78
CA PRO A 258 3.87 -37.87 -21.83
C PRO A 258 4.91 -38.91 -21.43
N LEU A 259 4.88 -40.03 -22.14
CA LEU A 259 5.96 -41.00 -22.03
C LEU A 259 7.30 -40.30 -22.28
N ILE A 260 8.31 -40.69 -21.52
CA ILE A 260 9.63 -40.09 -21.61
C ILE A 260 10.60 -41.15 -22.12
N ALA A 261 11.34 -40.80 -23.17
CA ALA A 261 12.38 -41.68 -23.69
C ALA A 261 13.61 -41.57 -22.82
N ILE A 262 14.06 -42.70 -22.28
CA ILE A 262 15.27 -42.78 -21.46
C ILE A 262 16.32 -43.52 -22.27
N PRO A 263 17.43 -42.89 -22.67
CA PRO A 263 18.51 -43.66 -23.28
C PRO A 263 18.94 -44.77 -22.34
N THR A 264 18.97 -46.00 -22.87
CA THR A 264 19.23 -47.17 -22.04
C THR A 264 20.58 -47.13 -21.37
N GLU A 265 21.48 -46.24 -21.81
CA GLU A 265 22.73 -46.03 -21.09
C GLU A 265 22.50 -45.46 -19.68
N LEU A 266 21.30 -44.95 -19.40
CA LEU A 266 20.98 -44.41 -18.09
C LEU A 266 20.20 -45.38 -17.20
N ALA A 267 19.54 -46.38 -17.79
CA ALA A 267 18.83 -47.37 -16.99
C ALA A 267 19.82 -48.34 -16.34
N PRO A 268 19.39 -49.08 -15.32
CA PRO A 268 20.30 -50.03 -14.67
C PRO A 268 20.98 -50.96 -15.67
N LYS A 269 22.19 -51.38 -15.32
CA LYS A 269 23.04 -52.13 -16.25
C LYS A 269 22.34 -53.38 -16.79
N ASP A 270 21.78 -54.20 -15.90
CA ASP A 270 21.18 -55.46 -16.29
C ASP A 270 19.69 -55.34 -16.62
N PHE A 271 19.26 -54.17 -17.04
CA PHE A 271 17.87 -53.87 -17.37
C PHE A 271 17.52 -54.26 -18.80
N VAL A 272 18.46 -54.06 -19.74
CA VAL A 272 18.18 -54.37 -21.14
C VAL A 272 17.87 -55.84 -21.34
N GLU A 273 18.44 -56.72 -20.52
CA GLU A 273 18.21 -58.15 -20.67
C GLU A 273 16.97 -58.63 -19.93
N ASN A 274 16.71 -58.09 -18.73
CA ASN A 274 15.59 -58.54 -17.92
C ASN A 274 14.66 -57.38 -17.58
N ALA A 275 14.25 -56.60 -18.59
CA ALA A 275 13.40 -55.45 -18.33
C ALA A 275 12.12 -55.84 -17.61
N ASP A 276 11.64 -57.07 -17.84
CA ASP A 276 10.41 -57.52 -17.20
C ASP A 276 10.58 -57.66 -15.69
N LYS A 277 11.80 -57.87 -15.21
CA LYS A 277 12.03 -57.96 -13.77
C LYS A 277 11.80 -56.63 -13.05
N TYR A 278 11.91 -55.51 -13.77
CA TYR A 278 11.75 -54.19 -13.19
C TYR A 278 10.34 -53.63 -13.36
N SER A 279 9.44 -54.40 -13.96
CA SER A 279 8.11 -53.90 -14.28
C SER A 279 7.35 -53.42 -13.05
N GLU A 280 7.68 -53.92 -11.87
CA GLU A 280 6.97 -53.55 -10.64
C GLU A 280 7.81 -52.62 -9.77
N LYS A 281 8.80 -51.95 -10.34
CA LYS A 281 9.64 -51.02 -9.62
C LYS A 281 9.26 -49.59 -9.96
N LEU A 282 9.35 -48.70 -8.99
CA LEU A 282 9.07 -47.29 -9.19
C LEU A 282 10.39 -46.54 -9.35
N PHE A 283 10.48 -45.73 -10.39
CA PHE A 283 11.62 -44.85 -10.61
C PHE A 283 11.17 -43.40 -10.60
N VAL A 284 12.13 -42.51 -10.40
CA VAL A 284 11.91 -41.08 -10.57
C VAL A 284 12.72 -40.63 -11.77
N ALA A 285 12.10 -39.85 -12.66
CA ALA A 285 12.73 -39.36 -13.87
C ALA A 285 12.56 -37.86 -14.00
N SER A 286 13.37 -37.26 -14.86
CA SER A 286 13.25 -35.85 -15.21
C SER A 286 13.31 -35.71 -16.73
N ILE A 287 12.69 -34.66 -17.24
CA ILE A 287 12.71 -34.39 -18.68
C ILE A 287 13.87 -33.44 -18.97
N LYS A 288 14.74 -33.84 -19.90
CA LYS A 288 15.95 -33.11 -20.22
C LYS A 288 15.83 -32.29 -21.50
N ARG A 289 15.20 -32.83 -22.54
CA ARG A 289 15.13 -32.11 -23.80
C ARG A 289 13.96 -32.65 -24.60
N TRP A 290 13.46 -31.81 -25.51
CA TRP A 290 12.40 -32.22 -26.44
C TRP A 290 12.52 -31.37 -27.69
N PRO A 291 13.32 -31.80 -28.65
CA PRO A 291 13.48 -31.03 -29.88
C PRO A 291 12.33 -31.30 -30.86
N ILE A 292 12.23 -30.43 -31.86
CA ILE A 292 11.17 -30.57 -32.85
C ILE A 292 11.30 -31.88 -33.62
N THR A 293 12.47 -32.49 -33.61
CA THR A 293 12.70 -33.71 -34.38
C THR A 293 12.25 -34.99 -33.67
N SER A 294 11.72 -34.88 -32.46
CA SER A 294 11.26 -36.05 -31.70
C SER A 294 9.80 -35.89 -31.33
N LEU A 295 9.03 -36.98 -31.47
CA LEU A 295 7.63 -36.98 -31.07
C LEU A 295 7.46 -37.02 -29.55
N HIS A 296 8.52 -37.32 -28.82
CA HIS A 296 8.47 -37.53 -27.38
C HIS A 296 9.63 -36.81 -26.73
N PRO A 297 9.49 -36.39 -25.47
CA PRO A 297 10.62 -35.82 -24.75
C PRO A 297 11.63 -36.89 -24.37
N PHE A 298 12.85 -36.43 -24.14
CA PHE A 298 13.91 -37.26 -23.59
C PHE A 298 14.18 -36.85 -22.15
N GLY A 299 14.61 -37.81 -21.34
CA GLY A 299 14.80 -37.56 -19.92
C GLY A 299 15.91 -38.40 -19.32
N ILE A 300 16.07 -38.31 -17.99
CA ILE A 300 17.09 -39.06 -17.29
C ILE A 300 16.41 -39.76 -16.10
N LEU A 301 17.05 -40.82 -15.62
CA LEU A 301 16.62 -41.47 -14.39
C LEU A 301 17.29 -40.79 -13.22
N VAL A 302 16.49 -40.42 -12.21
CA VAL A 302 17.00 -39.78 -11.01
C VAL A 302 17.16 -40.77 -9.87
N SER A 303 16.18 -41.67 -9.69
CA SER A 303 16.22 -42.59 -8.56
C SER A 303 15.42 -43.84 -8.88
N GLU A 304 15.75 -44.90 -8.15
CA GLU A 304 14.94 -46.10 -8.05
C GLU A 304 14.34 -46.13 -6.65
N LEU A 305 13.01 -46.07 -6.57
CA LEU A 305 12.36 -45.93 -5.27
C LEU A 305 12.15 -47.27 -4.57
N GLY A 306 11.81 -48.31 -5.31
CA GLY A 306 11.58 -49.62 -4.74
C GLY A 306 10.30 -50.23 -5.27
N ASP A 307 9.81 -51.23 -4.54
CA ASP A 307 8.63 -51.97 -4.99
C ASP A 307 7.40 -51.08 -5.03
N ILE A 308 6.62 -51.23 -6.10
CA ILE A 308 5.51 -50.32 -6.40
C ILE A 308 4.45 -50.32 -5.31
N HIS A 309 4.25 -51.45 -4.64
CA HIS A 309 3.20 -51.56 -3.63
C HIS A 309 3.75 -51.62 -2.21
N ASP A 310 5.04 -51.35 -2.01
CA ASP A 310 5.55 -51.21 -0.66
C ASP A 310 4.98 -49.95 -0.03
N PRO A 311 4.40 -50.02 1.18
CA PRO A 311 3.75 -48.81 1.74
C PRO A 311 4.68 -47.61 1.84
N ASP A 312 5.90 -47.80 2.35
CA ASP A 312 6.83 -46.68 2.45
C ASP A 312 7.18 -46.12 1.08
N THR A 313 7.41 -47.00 0.10
CA THR A 313 7.71 -46.54 -1.25
C THR A 313 6.53 -45.76 -1.83
N GLU A 314 5.31 -46.21 -1.54
CA GLU A 314 4.13 -45.51 -2.03
C GLU A 314 4.13 -44.05 -1.60
N ILE A 315 4.48 -43.79 -0.33
CA ILE A 315 4.49 -42.43 0.18
C ILE A 315 5.70 -41.68 -0.37
N ASP A 316 6.87 -42.31 -0.36
CA ASP A 316 8.06 -41.68 -0.94
C ASP A 316 7.79 -41.28 -2.39
N SER A 317 7.09 -42.14 -3.14
CA SER A 317 6.82 -41.85 -4.54
C SER A 317 5.87 -40.66 -4.69
N ILE A 318 4.87 -40.57 -3.81
CA ILE A 318 3.98 -39.41 -3.83
C ILE A 318 4.76 -38.13 -3.57
N LEU A 319 5.69 -38.17 -2.60
CA LEU A 319 6.47 -36.98 -2.28
C LEU A 319 7.37 -36.58 -3.44
N ARG A 320 8.10 -37.55 -4.01
CA ARG A 320 9.02 -37.24 -5.11
C ARG A 320 8.27 -36.76 -6.34
N ASP A 321 7.15 -37.41 -6.66
CA ASP A 321 6.38 -37.01 -7.83
C ASP A 321 5.91 -35.57 -7.69
N ASN A 322 5.71 -35.11 -6.46
CA ASN A 322 5.37 -33.73 -6.19
C ASN A 322 6.57 -32.90 -5.74
N ASN A 323 7.79 -33.34 -6.07
CA ASN A 323 8.99 -32.49 -6.03
C ASN A 323 9.46 -32.19 -4.61
N PHE A 324 9.13 -33.07 -3.66
CA PHE A 324 9.62 -32.95 -2.29
C PHE A 324 10.70 -34.00 -2.09
N LEU A 325 11.96 -33.57 -2.11
CA LEU A 325 13.07 -34.44 -1.77
C LEU A 325 13.31 -34.50 -0.26
N SER A 326 13.00 -33.40 0.44
CA SER A 326 13.01 -33.37 1.90
C SER A 326 14.40 -33.64 2.47
N ASN A 327 15.44 -33.27 1.71
CA ASN A 327 16.82 -33.52 2.11
C ASN A 327 17.56 -32.25 2.50
N GLU A 328 16.87 -31.11 2.56
CA GLU A 328 17.56 -29.84 2.74
C GLU A 328 18.24 -29.72 4.10
N TYR A 329 17.84 -30.54 5.08
CA TYR A 329 18.35 -30.41 6.44
C TYR A 329 19.17 -31.60 6.92
N LEU A 330 19.26 -32.68 6.14
CA LEU A 330 19.93 -33.88 6.59
C LEU A 330 21.44 -33.67 6.67
N ASP A 331 22.07 -34.39 7.61
CA ASP A 331 23.50 -34.30 7.83
C ASP A 331 24.22 -35.33 6.96
N GLN A 332 25.27 -34.90 6.26
CA GLN A 332 26.06 -35.81 5.45
C GLN A 332 26.62 -36.95 6.30
N LYS A 333 27.18 -36.62 7.46
CA LYS A 333 27.75 -37.64 8.35
C LYS A 333 26.70 -38.69 8.71
N ASN A 334 25.52 -38.26 9.12
CA ASN A 334 24.45 -39.18 9.54
C ASN A 334 23.17 -38.77 8.83
N PRO A 335 22.62 -39.61 7.95
CA PRO A 335 21.41 -39.22 7.22
C PRO A 335 20.12 -39.35 8.02
N GLN A 336 20.11 -40.15 9.09
CA GLN A 336 18.89 -40.30 9.88
C GLN A 336 18.53 -39.02 10.63
N LYS A 337 19.51 -38.21 10.97
CA LYS A 337 19.30 -37.01 11.78
C LYS A 337 19.45 -35.76 10.91
N GLU A 338 19.04 -34.63 11.48
CA GLU A 338 19.21 -33.32 10.88
C GLU A 338 20.45 -32.65 11.43
N LYS A 339 21.01 -31.74 10.65
CA LYS A 339 22.26 -31.06 11.04
C LYS A 339 22.01 -30.20 12.27
N PRO A 340 22.65 -30.49 13.41
CA PRO A 340 22.36 -29.71 14.63
C PRO A 340 22.59 -28.21 14.46
N SER A 341 23.43 -27.78 13.53
CA SER A 341 23.69 -26.35 13.35
C SER A 341 22.44 -25.56 13.03
N PHE A 342 21.42 -26.21 12.47
CA PHE A 342 20.17 -25.52 12.15
C PHE A 342 19.39 -25.25 13.43
N GLN A 343 19.37 -23.98 13.84
CA GLN A 343 18.74 -23.56 15.09
C GLN A 343 18.15 -22.19 14.91
N PRO A 344 17.05 -21.88 15.58
CA PRO A 344 16.51 -20.52 15.53
C PRO A 344 17.44 -19.54 16.24
N LEU A 345 17.55 -18.34 15.68
CA LEU A 345 18.38 -17.31 16.29
C LEU A 345 17.61 -16.64 17.42
N PRO A 346 18.22 -16.47 18.60
CA PRO A 346 17.50 -15.81 19.69
C PRO A 346 17.39 -14.32 19.46
N LEU A 347 16.42 -13.71 20.15
CA LEU A 347 16.19 -12.27 20.03
C LEU A 347 17.04 -11.49 21.01
N THR A 348 17.51 -10.33 20.55
CA THR A 348 18.23 -9.39 21.40
C THR A 348 17.26 -8.56 22.24
N ALA A 349 17.77 -8.07 23.37
CA ALA A 349 16.95 -7.27 24.27
C ALA A 349 16.43 -6.00 23.58
N GLU A 350 17.16 -5.48 22.60
CA GLU A 350 16.71 -4.29 21.89
C GLU A 350 15.32 -4.50 21.29
N SER A 351 15.12 -5.65 20.63
CA SER A 351 13.81 -5.96 20.06
C SER A 351 12.78 -6.23 21.16
N LEU A 352 13.12 -7.13 22.09
CA LEU A 352 12.17 -7.59 23.09
C LEU A 352 11.53 -6.43 23.85
N GLU A 353 12.30 -5.39 24.16
CA GLU A 353 11.75 -4.26 24.89
C GLU A 353 10.71 -3.49 24.06
N TYR A 354 10.91 -3.44 22.74
CA TYR A 354 10.05 -2.65 21.85
C TYR A 354 8.73 -3.33 21.51
N ARG A 355 8.57 -4.61 21.83
CA ARG A 355 7.37 -5.34 21.42
C ARG A 355 6.22 -5.07 22.39
N ARG A 356 5.01 -5.00 21.85
CA ARG A 356 3.83 -4.90 22.70
C ARG A 356 3.73 -6.16 23.54
N ASN A 357 3.65 -6.00 24.85
CA ASN A 357 3.79 -7.13 25.77
C ASN A 357 2.41 -7.65 26.17
N PHE A 358 2.17 -8.93 25.92
CA PHE A 358 0.94 -9.61 26.34
C PHE A 358 1.25 -10.73 27.33
N THR A 359 2.29 -10.57 28.15
CA THR A 359 2.72 -11.66 29.02
C THR A 359 2.10 -11.62 30.40
N ASP A 360 1.45 -10.51 30.78
CA ASP A 360 0.80 -10.41 32.08
C ASP A 360 -0.44 -11.29 32.08
N THR A 361 -0.36 -12.44 32.77
CA THR A 361 -1.47 -13.37 32.81
C THR A 361 -2.64 -12.86 33.63
N ASN A 362 -2.49 -11.72 34.32
CA ASN A 362 -3.62 -11.09 34.98
C ASN A 362 -4.47 -10.27 34.02
N GLU A 363 -3.91 -9.85 32.89
CA GLU A 363 -4.60 -8.99 31.95
C GLU A 363 -5.06 -9.71 30.70
N TYR A 364 -4.33 -10.74 30.27
CA TYR A 364 -4.64 -11.46 29.03
C TYR A 364 -4.65 -12.95 29.32
N ASN A 365 -5.69 -13.62 28.86
CA ASN A 365 -5.81 -15.08 28.93
C ASN A 365 -5.65 -15.59 27.51
N ILE A 366 -4.41 -15.73 27.08
CA ILE A 366 -4.09 -16.17 25.72
C ILE A 366 -4.09 -17.70 25.69
N PHE A 367 -4.83 -18.27 24.76
CA PHE A 367 -4.77 -19.71 24.55
C PHE A 367 -4.15 -19.97 23.18
N ALA A 368 -3.13 -20.81 23.17
CA ALA A 368 -2.51 -21.24 21.93
C ALA A 368 -3.35 -22.36 21.33
N ILE A 369 -3.50 -22.36 20.02
CA ILE A 369 -4.23 -23.40 19.30
C ILE A 369 -3.23 -24.39 18.72
N SER A 370 -3.42 -25.66 19.03
CA SER A 370 -2.61 -26.73 18.49
C SER A 370 -3.43 -27.57 17.53
N GLU A 371 -2.76 -28.09 16.51
CA GLU A 371 -3.39 -28.96 15.52
C GLU A 371 -2.74 -30.34 15.64
N LEU A 372 -3.57 -31.37 15.59
CA LEU A 372 -3.09 -32.74 15.82
C LEU A 372 -1.88 -33.06 14.95
N GLY A 373 -0.79 -33.48 15.60
CA GLY A 373 0.42 -33.86 14.92
C GLY A 373 1.30 -32.71 14.50
N TRP A 374 0.91 -31.48 14.80
CA TRP A 374 1.61 -30.29 14.33
C TRP A 374 1.90 -29.40 15.53
N VAL A 375 2.65 -28.33 15.29
CA VAL A 375 3.02 -27.38 16.32
C VAL A 375 1.85 -26.44 16.61
N SER A 376 2.06 -25.49 17.51
CA SER A 376 1.14 -24.38 17.73
C SER A 376 1.77 -23.10 17.19
N GLU A 377 1.16 -22.50 16.19
CA GLU A 377 1.69 -21.28 15.62
C GLU A 377 0.72 -20.11 15.70
N PHE A 378 -0.46 -20.30 16.29
CA PHE A 378 -1.49 -19.27 16.36
C PHE A 378 -2.11 -19.31 17.74
N ALA A 379 -2.33 -18.12 18.32
CA ALA A 379 -2.91 -18.00 19.65
C ALA A 379 -3.87 -16.82 19.66
N LEU A 380 -4.81 -16.85 20.60
CA LEU A 380 -5.86 -15.85 20.67
C LEU A 380 -6.09 -15.41 22.10
N HIS A 381 -6.61 -14.19 22.25
CA HIS A 381 -7.23 -13.79 23.51
C HIS A 381 -8.46 -12.96 23.18
N VAL A 382 -9.41 -12.98 24.10
CA VAL A 382 -10.56 -12.08 24.06
C VAL A 382 -10.60 -11.39 25.42
N ARG A 383 -10.79 -10.09 25.40
CA ARG A 383 -10.72 -9.31 26.64
C ARG A 383 -11.81 -8.25 26.58
N ASN A 384 -12.48 -8.05 27.71
CA ASN A 384 -13.43 -6.95 27.87
C ASN A 384 -12.64 -5.71 28.29
N ASN A 385 -12.68 -4.67 27.45
CA ASN A 385 -11.94 -3.45 27.73
C ASN A 385 -12.66 -2.55 28.71
N GLY A 386 -13.94 -2.78 28.98
CA GLY A 386 -14.66 -2.05 30.00
C GLY A 386 -15.35 -0.78 29.54
N ASN A 387 -15.13 -0.33 28.31
CA ASN A 387 -15.74 0.89 27.80
C ASN A 387 -16.73 0.58 26.68
N GLY A 388 -17.53 -0.46 26.86
CA GLY A 388 -18.43 -0.91 25.82
C GLY A 388 -17.75 -1.55 24.62
N THR A 389 -16.48 -1.90 24.76
CA THR A 389 -15.74 -2.54 23.67
C THR A 389 -15.10 -3.82 24.17
N LEU A 390 -14.93 -4.76 23.24
CA LEU A 390 -14.16 -5.98 23.46
C LEU A 390 -12.89 -5.92 22.62
N GLU A 391 -11.99 -6.86 22.89
CA GLU A 391 -10.74 -6.97 22.16
C GLU A 391 -10.49 -8.42 21.79
N LEU A 392 -10.26 -8.66 20.51
CA LEU A 392 -9.82 -9.98 20.01
C LEU A 392 -8.38 -9.83 19.55
N GLY A 393 -7.46 -10.46 20.27
CA GLY A 393 -6.05 -10.49 19.89
C GLY A 393 -5.72 -11.75 19.14
N CYS A 394 -5.05 -11.59 18.00
CA CYS A 394 -4.67 -12.71 17.12
C CYS A 394 -3.15 -12.69 16.96
N HIS A 395 -2.50 -13.75 17.43
CA HIS A 395 -1.05 -13.79 17.57
C HIS A 395 -0.47 -14.92 16.73
N VAL A 396 0.55 -14.60 15.95
CA VAL A 396 1.23 -15.55 15.08
C VAL A 396 2.71 -15.57 15.44
N VAL A 397 3.29 -16.78 15.52
CA VAL A 397 4.72 -16.89 15.79
C VAL A 397 5.50 -16.03 14.80
N ASP A 398 6.44 -15.24 15.33
CA ASP A 398 7.27 -14.35 14.51
C ASP A 398 8.51 -15.13 14.06
N VAL A 399 8.26 -16.06 13.12
CA VAL A 399 9.30 -16.99 12.70
C VAL A 399 10.51 -16.25 12.16
N THR A 400 10.29 -15.23 11.33
CA THR A 400 11.40 -14.59 10.63
C THR A 400 12.29 -13.79 11.57
N SER A 401 11.81 -13.43 12.76
CA SER A 401 12.70 -12.83 13.76
C SER A 401 13.74 -13.83 14.26
N HIS A 402 13.62 -15.11 13.92
CA HIS A 402 14.60 -16.11 14.29
C HIS A 402 15.43 -16.59 13.11
N ILE A 403 15.29 -15.96 11.95
CA ILE A 403 15.96 -16.40 10.73
C ILE A 403 16.55 -15.18 10.04
N GLU A 404 17.86 -15.20 9.80
CA GLU A 404 18.51 -14.13 9.06
C GLU A 404 18.20 -14.30 7.57
N GLU A 405 17.60 -13.28 6.96
CA GLU A 405 17.23 -13.35 5.56
C GLU A 405 18.46 -13.63 4.70
N GLY A 406 18.35 -14.62 3.82
CA GLY A 406 19.45 -15.04 2.99
C GLY A 406 20.36 -16.07 3.62
N SER A 407 20.14 -16.41 4.89
CA SER A 407 20.95 -17.42 5.55
C SER A 407 20.68 -18.80 4.97
N SER A 408 21.49 -19.77 5.40
CA SER A 408 21.35 -21.14 4.94
C SER A 408 19.97 -21.71 5.27
N VAL A 409 19.47 -21.42 6.47
CA VAL A 409 18.15 -21.90 6.86
C VAL A 409 17.07 -21.28 5.97
N ASP A 410 17.18 -19.98 5.72
CA ASP A 410 16.19 -19.30 4.90
C ASP A 410 16.15 -19.89 3.50
N ARG A 411 17.32 -20.05 2.88
CA ARG A 411 17.39 -20.61 1.52
C ARG A 411 16.83 -22.02 1.47
N ARG A 412 17.15 -22.84 2.47
CA ARG A 412 16.69 -24.22 2.49
C ARG A 412 15.19 -24.29 2.74
N ALA A 413 14.67 -23.39 3.59
CA ALA A 413 13.22 -23.30 3.79
C ALA A 413 12.52 -22.76 2.55
N ARG A 414 13.15 -21.81 1.86
CA ARG A 414 12.59 -21.31 0.62
C ARG A 414 12.52 -22.43 -0.43
N LYS A 415 13.53 -23.30 -0.45
CA LYS A 415 13.52 -24.42 -1.40
C LYS A 415 12.40 -25.40 -1.08
N ARG A 416 12.24 -25.77 0.19
CA ARG A 416 11.12 -26.64 0.58
C ARG A 416 9.80 -25.96 0.28
N SER A 417 9.66 -24.70 0.71
CA SER A 417 8.57 -23.80 0.35
C SER A 417 7.27 -24.11 1.09
N SER A 418 6.86 -25.36 1.11
CA SER A 418 5.65 -25.73 1.82
C SER A 418 5.84 -27.03 2.58
N ALA A 419 5.28 -27.08 3.79
CA ALA A 419 5.15 -28.35 4.48
C ALA A 419 4.11 -29.20 3.77
N VAL A 420 4.18 -30.51 4.00
CA VAL A 420 3.27 -31.46 3.40
C VAL A 420 2.60 -32.25 4.52
N PHE A 421 1.27 -32.33 4.47
CA PHE A 421 0.50 -33.05 5.48
C PHE A 421 -0.26 -34.18 4.79
N MET A 422 0.07 -35.41 5.17
CA MET A 422 -0.60 -36.61 4.69
C MET A 422 -1.09 -37.41 5.90
N PRO A 423 -2.16 -38.20 5.74
CA PRO A 423 -2.59 -39.01 6.89
C PRO A 423 -1.49 -39.88 7.44
N GLN A 424 -0.63 -40.40 6.57
CA GLN A 424 0.43 -41.33 6.95
C GLN A 424 1.68 -40.65 7.49
N LYS A 425 1.92 -39.40 7.11
CA LYS A 425 3.19 -38.77 7.38
C LYS A 425 3.06 -37.26 7.20
N LEU A 426 3.98 -36.53 7.83
CA LEU A 426 4.06 -35.09 7.62
C LEU A 426 5.51 -34.74 7.34
N VAL A 427 5.71 -33.69 6.54
CA VAL A 427 7.04 -33.17 6.23
C VAL A 427 7.05 -31.70 6.62
N ASN A 428 7.97 -31.33 7.51
CA ASN A 428 8.02 -29.97 8.02
C ASN A 428 8.46 -29.00 6.92
N LEU A 429 8.14 -27.72 7.13
CA LEU A 429 8.80 -26.68 6.34
C LEU A 429 10.20 -26.42 6.87
N LEU A 430 10.32 -26.31 8.19
CA LEU A 430 11.53 -25.90 8.88
C LEU A 430 12.23 -27.09 9.52
N PRO A 431 13.46 -26.90 9.99
CA PRO A 431 14.11 -27.97 10.76
C PRO A 431 13.31 -28.31 12.00
N GLN A 432 13.40 -29.58 12.40
CA GLN A 432 12.69 -30.03 13.60
C GLN A 432 12.99 -29.13 14.78
N SER A 433 14.23 -28.66 14.88
CA SER A 433 14.62 -27.80 16.00
C SER A 433 13.79 -26.53 16.06
N PHE A 434 13.35 -26.02 14.91
CA PHE A 434 12.50 -24.83 14.91
C PHE A 434 11.10 -25.15 15.42
N ASN A 435 10.52 -26.25 14.93
CA ASN A 435 9.21 -26.68 15.42
C ASN A 435 9.21 -26.82 16.94
N ASP A 436 10.19 -27.56 17.47
CA ASP A 436 10.22 -27.84 18.90
C ASP A 436 10.38 -26.56 19.72
N GLU A 437 11.27 -25.67 19.30
CA GLU A 437 11.61 -24.51 20.13
C GLU A 437 10.63 -23.35 19.95
N LEU A 438 10.01 -23.22 18.78
CA LEU A 438 9.16 -22.06 18.50
C LEU A 438 7.68 -22.34 18.71
N SER A 439 7.28 -23.59 18.87
CA SER A 439 5.87 -23.92 19.08
C SER A 439 5.37 -23.22 20.34
N LEU A 440 4.26 -22.49 20.21
CA LEU A 440 3.69 -21.79 21.35
C LEU A 440 3.28 -22.79 22.44
N ALA A 441 3.58 -22.45 23.69
CA ALA A 441 3.26 -23.35 24.80
C ALA A 441 2.99 -22.52 26.05
N PRO A 442 2.14 -23.00 26.95
CA PRO A 442 1.89 -22.25 28.17
C PRO A 442 3.16 -22.01 28.96
N GLY A 443 3.28 -20.82 29.54
CA GLY A 443 4.44 -20.44 30.31
C GLY A 443 5.66 -20.07 29.51
N LYS A 444 5.65 -20.30 28.21
CA LYS A 444 6.78 -20.00 27.34
C LYS A 444 6.56 -18.63 26.69
N GLU A 445 7.54 -17.76 26.83
CA GLU A 445 7.50 -16.45 26.19
C GLU A 445 7.94 -16.60 24.74
N SER A 446 7.14 -16.05 23.83
CA SER A 446 7.39 -16.20 22.39
C SER A 446 7.21 -14.87 21.69
N ALA A 447 8.09 -14.59 20.74
CA ALA A 447 7.95 -13.43 19.87
C ALA A 447 6.88 -13.71 18.83
N THR A 448 5.97 -12.76 18.62
CA THR A 448 4.84 -12.96 17.75
C THR A 448 4.58 -11.70 16.94
N LEU A 449 3.77 -11.84 15.89
CA LEU A 449 3.17 -10.73 15.17
C LEU A 449 1.67 -10.80 15.43
N SER A 450 1.08 -9.69 15.87
CA SER A 450 -0.29 -9.72 16.35
C SER A 450 -1.17 -8.77 15.56
N VAL A 451 -2.41 -9.18 15.36
CA VAL A 451 -3.49 -8.34 14.86
C VAL A 451 -4.57 -8.30 15.93
N VAL A 452 -4.81 -7.12 16.50
CA VAL A 452 -5.70 -6.94 17.64
C VAL A 452 -6.90 -6.10 17.18
N TYR A 453 -8.09 -6.67 17.26
CA TYR A 453 -9.31 -5.98 16.88
C TYR A 453 -10.01 -5.45 18.13
N THR A 454 -10.41 -4.19 18.10
CA THR A 454 -11.30 -3.61 19.11
C THR A 454 -12.72 -3.64 18.55
N LEU A 455 -13.63 -4.25 19.31
CA LEU A 455 -14.98 -4.51 18.82
C LEU A 455 -16.02 -3.83 19.69
N ASP A 456 -17.10 -3.36 19.06
CA ASP A 456 -18.26 -2.94 19.83
C ASP A 456 -18.82 -4.13 20.59
N SER A 457 -18.97 -3.98 21.90
CA SER A 457 -19.35 -5.10 22.75
C SER A 457 -20.78 -5.60 22.49
N SER A 458 -21.60 -4.85 21.78
CA SER A 458 -22.97 -5.26 21.52
C SER A 458 -23.20 -5.76 20.10
N THR A 459 -22.62 -5.07 19.10
CA THR A 459 -22.75 -5.45 17.70
C THR A 459 -21.54 -6.24 17.19
N LEU A 460 -20.42 -6.21 17.92
CA LEU A 460 -19.17 -6.82 17.50
C LEU A 460 -18.59 -6.19 16.24
N ARG A 461 -19.07 -5.01 15.85
CA ARG A 461 -18.45 -4.30 14.74
C ARG A 461 -17.02 -3.91 15.13
N ILE A 462 -16.11 -3.95 14.17
CA ILE A 462 -14.71 -3.62 14.44
C ILE A 462 -14.58 -2.11 14.54
N LYS A 463 -14.17 -1.62 15.70
CA LYS A 463 -13.96 -0.20 15.92
C LYS A 463 -12.56 0.25 15.51
N SER A 464 -11.55 -0.60 15.70
CA SER A 464 -10.20 -0.27 15.29
C SER A 464 -9.39 -1.55 15.19
N THR A 465 -8.23 -1.44 14.54
CA THR A 465 -7.31 -2.56 14.36
C THR A 465 -5.89 -2.10 14.64
N TRP A 466 -5.18 -2.87 15.47
CA TRP A 466 -3.76 -2.67 15.72
C TRP A 466 -2.99 -3.85 15.16
N VAL A 467 -1.88 -3.56 14.49
CA VAL A 467 -1.00 -4.57 13.92
C VAL A 467 0.44 -4.22 14.29
N GLY A 468 1.17 -5.18 14.84
CA GLY A 468 2.52 -4.89 15.25
C GLY A 468 3.22 -6.10 15.82
N GLU A 469 4.48 -5.89 16.20
CA GLU A 469 5.28 -6.92 16.85
C GLU A 469 4.91 -7.01 18.33
N SER A 470 4.93 -8.23 18.86
CA SER A 470 4.42 -8.47 20.20
C SER A 470 5.18 -9.61 20.85
N THR A 471 4.83 -9.87 22.11
CA THR A 471 5.35 -10.98 22.89
C THR A 471 4.19 -11.54 23.69
N ILE A 472 4.01 -12.86 23.68
CA ILE A 472 2.92 -13.51 24.39
C ILE A 472 3.50 -14.57 25.31
N SER A 473 2.71 -14.95 26.31
CA SER A 473 3.00 -16.09 27.17
C SER A 473 1.67 -16.79 27.41
N PRO A 474 1.36 -17.82 26.61
CA PRO A 474 0.02 -18.41 26.70
C PRO A 474 -0.31 -18.91 28.10
N SER A 475 -1.56 -18.73 28.48
CA SER A 475 -2.07 -19.31 29.72
C SER A 475 -2.58 -20.72 29.52
N ASN A 476 -3.00 -21.04 28.30
CA ASN A 476 -3.59 -22.34 27.99
C ASN A 476 -3.24 -22.72 26.56
N ILE A 477 -3.32 -24.01 26.27
CA ILE A 477 -3.18 -24.51 24.92
C ILE A 477 -4.30 -25.53 24.70
N LEU A 478 -5.08 -25.31 23.64
CA LEU A 478 -6.18 -26.19 23.27
C LEU A 478 -5.94 -26.73 21.87
N SER A 479 -6.22 -28.03 21.68
CA SER A 479 -6.32 -28.57 20.34
C SER A 479 -7.68 -28.25 19.76
N LEU A 480 -7.75 -28.30 18.42
CA LEU A 480 -9.04 -28.09 17.76
C LEU A 480 -10.07 -29.11 18.21
N GLU A 481 -9.62 -30.34 18.51
CA GLU A 481 -10.52 -31.34 19.05
C GLU A 481 -11.04 -30.91 20.42
N GLN A 482 -10.15 -30.41 21.28
CA GLN A 482 -10.57 -29.91 22.58
C GLN A 482 -11.46 -28.68 22.43
N LEU A 483 -11.12 -27.78 21.50
CA LEU A 483 -11.98 -26.64 21.23
C LEU A 483 -13.38 -27.09 20.84
N ASP A 484 -13.46 -28.08 19.94
CA ASP A 484 -14.76 -28.60 19.53
C ASP A 484 -15.53 -29.14 20.73
N GLU A 485 -14.88 -29.97 21.55
CA GLU A 485 -15.55 -30.49 22.74
C GLU A 485 -16.14 -29.37 23.57
N LYS A 486 -15.36 -28.32 23.82
CA LYS A 486 -15.81 -27.24 24.69
C LYS A 486 -16.89 -26.38 24.04
N LEU A 487 -16.92 -26.27 22.71
CA LEU A 487 -17.94 -25.46 22.06
C LEU A 487 -19.30 -26.17 21.97
N SER A 488 -19.31 -27.50 22.04
CA SER A 488 -20.58 -28.24 21.97
C SER A 488 -21.16 -28.52 23.36
N THR A 489 -20.32 -29.06 24.24
CA THR A 489 -20.73 -29.42 25.60
C THR A 489 -20.05 -28.45 26.56
N GLY A 490 -20.61 -27.26 26.67
CA GLY A 490 -20.06 -26.24 27.56
C GLY A 490 -21.04 -25.11 27.74
N SER A 491 -20.69 -24.21 28.66
CA SER A 491 -21.54 -23.07 28.94
C SER A 491 -21.75 -22.26 27.66
N PRO A 492 -22.98 -21.83 27.39
CA PRO A 492 -23.24 -21.04 26.17
C PRO A 492 -22.81 -19.58 26.27
N THR A 493 -22.31 -19.14 27.42
CA THR A 493 -21.81 -17.78 27.59
C THR A 493 -20.32 -17.76 27.94
N SER A 494 -19.62 -18.88 27.80
CA SER A 494 -18.25 -18.97 28.23
C SER A 494 -17.32 -18.14 27.34
N TYR A 495 -16.06 -18.05 27.80
CA TYR A 495 -14.99 -17.40 27.06
C TYR A 495 -14.95 -17.87 25.61
N LEU A 496 -14.94 -19.18 25.40
CA LEU A 496 -14.84 -19.73 24.05
C LEU A 496 -16.10 -19.48 23.24
N SER A 497 -17.27 -19.42 23.90
CA SER A 497 -18.49 -19.08 23.19
C SER A 497 -18.41 -17.68 22.60
N THR A 498 -17.74 -16.76 23.27
CA THR A 498 -17.59 -15.43 22.73
C THR A 498 -16.69 -15.45 21.50
N VAL A 499 -15.64 -16.26 21.52
CA VAL A 499 -14.77 -16.40 20.35
C VAL A 499 -15.58 -16.89 19.16
N GLN A 500 -16.46 -17.88 19.39
CA GLN A 500 -17.29 -18.39 18.31
C GLN A 500 -18.18 -17.30 17.74
N GLU A 501 -18.83 -16.51 18.61
CA GLU A 501 -19.71 -15.48 18.11
C GLU A 501 -18.94 -14.40 17.36
N ILE A 502 -17.71 -14.12 17.78
CA ILE A 502 -16.86 -13.19 17.03
C ILE A 502 -16.53 -13.77 15.66
N ALA A 503 -16.09 -15.03 15.64
CA ALA A 503 -15.83 -15.68 14.35
C ALA A 503 -17.07 -15.66 13.47
N ARG A 504 -18.25 -15.92 14.06
CA ARG A 504 -19.48 -15.90 13.28
C ARG A 504 -19.76 -14.53 12.68
N SER A 505 -19.49 -13.47 13.45
CA SER A 505 -19.74 -12.12 12.95
C SER A 505 -18.75 -11.76 11.83
N PHE A 506 -17.49 -12.18 11.94
CA PHE A 506 -16.57 -12.02 10.83
C PHE A 506 -17.09 -12.74 9.59
N TYR A 507 -17.53 -13.99 9.79
CA TYR A 507 -18.01 -14.81 8.70
C TYR A 507 -19.23 -14.20 8.03
N ALA A 508 -20.19 -13.76 8.86
CA ALA A 508 -21.43 -13.19 8.33
C ALA A 508 -21.15 -11.96 7.47
N ARG A 509 -20.18 -11.14 7.88
CA ARG A 509 -19.84 -9.99 7.07
C ARG A 509 -19.10 -10.41 5.81
N ARG A 510 -18.21 -11.42 5.92
CA ARG A 510 -17.45 -11.86 4.76
C ARG A 510 -18.37 -12.35 3.64
N ILE A 511 -19.38 -13.16 3.99
CA ILE A 511 -20.29 -13.69 2.99
C ILE A 511 -21.56 -12.84 2.88
N ASN A 512 -21.60 -11.72 3.59
CA ASN A 512 -22.68 -10.74 3.41
C ASN A 512 -24.05 -11.33 3.77
N ASP A 513 -24.08 -12.10 4.85
CA ASP A 513 -25.32 -12.70 5.35
C ASP A 513 -25.39 -12.51 6.86
N PRO A 514 -26.06 -11.46 7.33
CA PRO A 514 -26.06 -11.17 8.77
C PRO A 514 -26.43 -12.34 9.66
N GLU A 515 -27.37 -13.18 9.24
CA GLU A 515 -27.86 -14.28 10.06
C GLU A 515 -27.05 -15.55 9.90
N ALA A 516 -25.91 -15.50 9.22
CA ALA A 516 -25.17 -16.70 8.87
C ALA A 516 -24.68 -17.42 10.11
N THR A 517 -24.75 -18.75 10.07
CA THR A 517 -24.15 -19.63 11.08
C THR A 517 -22.90 -20.27 10.49
N LEU A 518 -21.93 -20.58 11.35
CA LEU A 518 -20.65 -21.07 10.86
C LEU A 518 -20.78 -22.41 10.15
N LEU A 519 -21.78 -23.22 10.53
CA LEU A 519 -22.09 -24.43 9.78
C LEU A 519 -23.46 -24.28 9.12
N PRO A 520 -23.68 -24.87 7.94
CA PRO A 520 -22.74 -25.70 7.18
C PRO A 520 -21.60 -24.89 6.54
N THR A 521 -20.49 -25.57 6.24
CA THR A 521 -19.31 -24.93 5.69
C THR A 521 -18.96 -25.56 4.35
N LEU A 522 -18.03 -24.93 3.64
CA LEU A 522 -17.68 -25.34 2.29
C LEU A 522 -16.24 -25.86 2.33
N SER A 523 -16.11 -27.16 2.60
CA SER A 523 -14.79 -27.75 2.79
C SER A 523 -13.98 -27.75 1.50
N LEU A 524 -14.64 -27.95 0.35
CA LEU A 524 -13.91 -28.01 -0.91
C LEU A 524 -13.41 -26.62 -1.31
N LEU A 525 -14.22 -25.59 -1.11
CA LEU A 525 -13.75 -24.25 -1.43
C LEU A 525 -12.55 -23.86 -0.57
N GLU A 526 -12.55 -24.26 0.71
CA GLU A 526 -11.38 -24.00 1.54
C GLU A 526 -10.13 -24.59 0.90
N SER A 527 -10.23 -25.79 0.32
CA SER A 527 -9.06 -26.46 -0.23
C SER A 527 -8.55 -25.79 -1.51
N LEU A 528 -9.35 -24.91 -2.11
CA LEU A 528 -8.82 -24.06 -3.17
C LEU A 528 -7.79 -23.08 -2.65
N ASP A 529 -7.82 -22.74 -1.36
CA ASP A 529 -6.86 -21.78 -0.84
C ASP A 529 -5.72 -22.41 -0.05
N ASP A 530 -5.97 -23.51 0.65
CA ASP A 530 -5.00 -24.01 1.61
C ASP A 530 -5.20 -25.51 1.77
N GLU A 531 -4.24 -26.15 2.44
CA GLU A 531 -4.34 -27.57 2.74
C GLU A 531 -4.62 -27.78 4.22
N LYS A 532 -5.19 -28.94 4.53
CA LYS A 532 -5.40 -29.33 5.91
C LYS A 532 -4.07 -29.62 6.58
N VAL A 533 -4.00 -29.32 7.88
CA VAL A 533 -2.86 -29.67 8.70
C VAL A 533 -3.14 -31.03 9.34
N LYS A 534 -4.25 -31.11 10.07
CA LYS A 534 -4.77 -32.41 10.51
C LYS A 534 -5.61 -32.96 9.36
N VAL A 535 -5.16 -34.05 8.76
CA VAL A 535 -5.81 -34.57 7.57
C VAL A 535 -6.85 -35.61 7.95
N ASP A 536 -7.98 -35.57 7.25
CA ASP A 536 -9.05 -36.54 7.42
C ASP A 536 -9.11 -37.46 6.21
N LEU A 537 -9.60 -38.67 6.45
CA LEU A 537 -9.85 -39.59 5.34
C LEU A 537 -10.91 -39.06 4.40
N ASN A 538 -11.79 -38.18 4.88
CA ASN A 538 -12.83 -37.59 4.06
C ASN A 538 -12.52 -36.10 3.88
N ILE A 539 -12.26 -35.70 2.63
CA ILE A 539 -11.94 -34.31 2.35
C ILE A 539 -13.10 -33.38 2.68
N LEU A 540 -14.31 -33.92 2.85
CA LEU A 540 -15.45 -33.08 3.17
C LEU A 540 -15.53 -32.73 4.65
N ASP A 541 -14.79 -33.42 5.50
CA ASP A 541 -14.90 -33.20 6.94
C ASP A 541 -14.33 -31.83 7.32
N ARG A 542 -15.08 -31.09 8.13
CA ARG A 542 -14.62 -29.88 8.79
C ARG A 542 -15.39 -29.80 10.10
N THR A 543 -14.71 -29.42 11.18
CA THR A 543 -15.36 -29.27 12.48
C THR A 543 -15.64 -27.80 12.77
N LEU A 544 -16.59 -27.58 13.67
CA LEU A 544 -16.91 -26.23 14.11
C LEU A 544 -15.68 -25.52 14.64
N GLY A 545 -14.87 -26.21 15.46
CA GLY A 545 -13.68 -25.58 16.00
C GLY A 545 -12.74 -25.08 14.92
N PHE A 546 -12.49 -25.92 13.91
CA PHE A 546 -11.65 -25.48 12.80
C PHE A 546 -12.25 -24.26 12.12
N VAL A 547 -13.57 -24.27 11.89
CA VAL A 547 -14.22 -23.19 11.15
C VAL A 547 -14.12 -21.88 11.93
N VAL A 548 -14.30 -21.95 13.26
CA VAL A 548 -14.18 -20.77 14.10
C VAL A 548 -12.80 -20.15 13.95
N ILE A 549 -11.75 -20.95 14.16
CA ILE A 549 -10.39 -20.44 14.06
C ILE A 549 -10.09 -20.05 12.61
N ASN A 550 -10.63 -20.79 11.63
CA ASN A 550 -10.34 -20.49 10.23
C ASN A 550 -10.93 -19.15 9.81
N GLU A 551 -12.14 -18.82 10.27
CA GLU A 551 -12.72 -17.54 9.88
C GLU A 551 -12.02 -16.39 10.58
N ILE A 552 -11.48 -16.61 11.77
CA ILE A 552 -10.67 -15.58 12.41
C ILE A 552 -9.37 -15.37 11.63
N LYS A 553 -8.73 -16.46 11.19
CA LYS A 553 -7.49 -16.36 10.42
C LYS A 553 -7.74 -15.71 9.07
N ARG A 554 -8.90 -15.98 8.45
CA ARG A 554 -9.21 -15.34 7.18
C ARG A 554 -9.33 -13.83 7.34
N LYS A 555 -9.93 -13.39 8.45
CA LYS A 555 -10.00 -11.96 8.73
C LYS A 555 -8.60 -11.40 8.97
N VAL A 556 -7.79 -12.10 9.77
CA VAL A 556 -6.42 -11.64 10.04
C VAL A 556 -5.65 -11.50 8.73
N ASN A 557 -5.68 -12.53 7.88
CA ASN A 557 -4.98 -12.46 6.61
C ASN A 557 -5.49 -11.30 5.76
N SER A 558 -6.80 -11.08 5.79
CA SER A 558 -7.38 -9.95 5.06
C SER A 558 -6.81 -8.62 5.56
N THR A 559 -6.70 -8.47 6.88
CA THR A 559 -6.20 -7.24 7.46
C THR A 559 -4.74 -7.00 7.07
N VAL A 560 -3.93 -8.05 7.12
CA VAL A 560 -2.51 -7.91 6.78
C VAL A 560 -2.35 -7.58 5.31
N ALA A 561 -3.14 -8.23 4.43
CA ALA A 561 -3.07 -7.92 3.01
C ALA A 561 -3.38 -6.46 2.74
N GLU A 562 -4.44 -5.93 3.36
CA GLU A 562 -4.80 -4.52 3.19
C GLU A 562 -3.67 -3.61 3.66
N LYS A 563 -3.04 -3.96 4.78
CA LYS A 563 -2.00 -3.12 5.35
C LYS A 563 -0.77 -3.08 4.45
N ILE A 564 -0.28 -4.25 4.00
CA ILE A 564 0.96 -4.26 3.23
C ILE A 564 0.75 -3.68 1.84
N TYR A 565 -0.44 -3.87 1.25
CA TYR A 565 -0.64 -3.26 -0.06
C TYR A 565 -0.71 -1.73 0.05
N THR A 566 -1.40 -1.23 1.09
CA THR A 566 -1.50 0.21 1.28
C THR A 566 -0.13 0.86 1.43
N LYS A 567 0.77 0.25 2.19
CA LYS A 567 2.07 0.88 2.46
C LYS A 567 3.13 0.51 1.44
N LEU A 568 3.23 -0.78 1.06
CA LEU A 568 4.26 -1.21 0.12
C LEU A 568 3.79 -1.23 -1.33
N GLY A 569 2.49 -1.20 -1.57
CA GLY A 569 1.98 -1.10 -2.93
C GLY A 569 2.48 -2.23 -3.81
N ASP A 570 3.14 -1.87 -4.91
CA ASP A 570 3.44 -2.79 -5.99
C ASP A 570 4.30 -3.98 -5.57
N LEU A 571 5.00 -3.91 -4.44
CA LEU A 571 5.85 -5.01 -4.01
C LEU A 571 5.14 -5.99 -3.07
N ALA A 572 3.87 -5.75 -2.71
CA ALA A 572 3.18 -6.62 -1.79
C ALA A 572 2.99 -8.02 -2.38
N LEU A 573 3.26 -9.04 -1.56
CA LEU A 573 2.95 -10.42 -1.92
C LEU A 573 1.53 -10.71 -1.45
N LEU A 574 0.64 -10.90 -2.41
CA LEU A 574 -0.78 -11.09 -2.16
C LEU A 574 -1.20 -12.47 -2.67
N ARG A 575 -2.48 -12.78 -2.52
CA ARG A 575 -3.02 -14.06 -2.95
C ARG A 575 -4.40 -13.84 -3.51
N ARG A 576 -4.62 -14.27 -4.75
CA ARG A 576 -5.90 -14.09 -5.39
C ARG A 576 -6.45 -15.43 -5.85
N GLN A 577 -7.71 -15.42 -6.25
CA GLN A 577 -8.39 -16.63 -6.71
C GLN A 577 -9.45 -16.19 -7.70
N MET A 578 -9.30 -16.61 -8.95
CA MET A 578 -10.10 -16.06 -10.03
C MET A 578 -11.48 -16.72 -10.08
N GLN A 579 -12.46 -15.92 -10.47
CA GLN A 579 -13.80 -16.43 -10.63
C GLN A 579 -13.84 -17.47 -11.75
N PRO A 580 -14.84 -18.34 -11.76
CA PRO A 580 -14.94 -19.33 -12.83
C PRO A 580 -15.01 -18.65 -14.18
N ILE A 581 -14.35 -19.27 -15.17
CA ILE A 581 -14.45 -18.79 -16.54
C ILE A 581 -15.91 -18.88 -16.99
N ALA A 582 -16.31 -17.93 -17.82
CA ALA A 582 -17.73 -17.78 -18.17
C ALA A 582 -18.33 -19.11 -18.61
N THR A 583 -17.64 -19.85 -19.48
CA THR A 583 -18.21 -21.10 -19.99
C THR A 583 -18.46 -22.10 -18.87
N LYS A 584 -17.52 -22.22 -17.94
CA LYS A 584 -17.71 -23.16 -16.83
C LYS A 584 -18.78 -22.67 -15.86
N MET A 585 -18.91 -21.37 -15.68
CA MET A 585 -20.01 -20.87 -14.86
C MET A 585 -21.34 -21.15 -15.54
N ALA A 586 -21.39 -20.97 -16.87
CA ALA A 586 -22.61 -21.24 -17.61
C ALA A 586 -22.98 -22.72 -17.54
N SER A 587 -21.99 -23.61 -17.51
CA SER A 587 -22.26 -25.03 -17.35
C SER A 587 -22.77 -25.34 -15.95
N PHE A 588 -22.11 -24.76 -14.94
CA PHE A 588 -22.54 -24.95 -13.56
C PHE A 588 -23.97 -24.48 -13.36
N ARG A 589 -24.29 -23.29 -13.90
CA ARG A 589 -25.64 -22.75 -13.75
C ARG A 589 -26.66 -23.67 -14.41
N LYS A 590 -26.37 -24.18 -15.60
CA LYS A 590 -27.29 -25.09 -16.26
C LYS A 590 -27.54 -26.33 -15.41
N LYS A 591 -26.49 -26.86 -14.78
CA LYS A 591 -26.65 -28.04 -13.95
C LYS A 591 -27.60 -27.79 -12.79
N ILE A 592 -27.35 -26.72 -12.01
CA ILE A 592 -28.19 -26.47 -10.85
C ILE A 592 -29.60 -26.09 -11.25
N GLN A 593 -29.77 -25.49 -12.44
CA GLN A 593 -31.11 -25.20 -12.92
C GLN A 593 -31.84 -26.47 -13.29
N ASN A 594 -31.15 -27.43 -13.91
CA ASN A 594 -31.74 -28.74 -14.13
C ASN A 594 -32.16 -29.37 -12.80
N PHE A 595 -31.36 -29.16 -11.75
CA PHE A 595 -31.72 -29.65 -10.43
C PHE A 595 -32.96 -28.95 -9.87
N GLY A 596 -33.31 -27.77 -10.40
CA GLY A 596 -34.44 -27.01 -9.91
C GLY A 596 -34.07 -25.79 -9.09
N TYR A 597 -32.78 -25.48 -8.94
CA TYR A 597 -32.34 -24.30 -8.22
C TYR A 597 -32.03 -23.19 -9.21
N ASN A 598 -32.66 -22.03 -9.01
CA ASN A 598 -32.51 -20.90 -9.93
C ASN A 598 -31.94 -19.68 -9.22
N PHE A 599 -31.10 -19.89 -8.22
CA PHE A 599 -30.53 -18.77 -7.48
C PHE A 599 -29.45 -18.07 -8.30
N ASP A 600 -29.13 -16.86 -7.88
CA ASP A 600 -28.21 -16.00 -8.64
C ASP A 600 -26.79 -16.51 -8.52
N THR A 601 -26.09 -16.57 -9.65
CA THR A 601 -24.70 -17.03 -9.71
C THR A 601 -23.76 -15.96 -10.27
N ASN A 602 -24.24 -14.71 -10.38
CA ASN A 602 -23.45 -13.64 -10.99
C ASN A 602 -22.35 -13.11 -10.08
N THR A 603 -22.43 -13.38 -8.78
CA THR A 603 -21.39 -12.97 -7.83
C THR A 603 -21.14 -14.11 -6.86
N ALA A 604 -19.90 -14.19 -6.35
CA ALA A 604 -19.61 -15.12 -5.27
C ALA A 604 -20.59 -14.95 -4.13
N ASP A 605 -20.94 -13.70 -3.82
CA ASP A 605 -21.90 -13.38 -2.78
C ASP A 605 -23.17 -14.22 -2.91
N GLU A 606 -23.90 -14.03 -4.01
CA GLU A 606 -25.20 -14.68 -4.15
C GLU A 606 -25.06 -16.17 -4.44
N LEU A 607 -23.99 -16.57 -5.13
CA LEU A 607 -23.81 -17.98 -5.45
C LEU A 607 -23.60 -18.80 -4.18
N ILE A 608 -22.69 -18.36 -3.32
CA ILE A 608 -22.39 -19.07 -2.08
C ILE A 608 -23.63 -19.10 -1.18
N LYS A 609 -24.36 -17.99 -1.11
CA LYS A 609 -25.58 -17.96 -0.31
C LYS A 609 -26.60 -18.96 -0.83
N GLY A 610 -26.69 -19.12 -2.15
CA GLY A 610 -27.61 -20.09 -2.71
C GLY A 610 -27.25 -21.52 -2.32
N VAL A 611 -25.96 -21.84 -2.34
CA VAL A 611 -25.53 -23.18 -1.94
C VAL A 611 -25.78 -23.40 -0.46
N LEU A 612 -25.39 -22.44 0.38
CA LEU A 612 -25.54 -22.60 1.83
C LEU A 612 -27.00 -22.69 2.25
N LYS A 613 -27.94 -22.20 1.42
CA LYS A 613 -29.36 -22.26 1.76
C LYS A 613 -29.93 -23.67 1.63
N ILE A 614 -29.25 -24.57 0.91
CA ILE A 614 -29.79 -25.89 0.62
C ILE A 614 -29.84 -26.72 1.90
N LYS A 615 -31.04 -27.16 2.27
CA LYS A 615 -31.21 -27.93 3.51
C LYS A 615 -30.70 -29.36 3.34
N ASP A 616 -30.96 -29.98 2.19
CA ASP A 616 -30.56 -31.36 1.95
C ASP A 616 -29.04 -31.45 1.91
N ASP A 617 -28.44 -32.15 2.88
CA ASP A 617 -26.99 -32.22 2.96
C ASP A 617 -26.39 -32.81 1.70
N ASP A 618 -27.02 -33.86 1.15
CA ASP A 618 -26.46 -34.51 -0.02
C ASP A 618 -26.45 -33.58 -1.23
N VAL A 619 -27.54 -32.86 -1.45
CA VAL A 619 -27.61 -31.93 -2.57
C VAL A 619 -26.61 -30.80 -2.38
N ARG A 620 -26.54 -30.25 -1.17
CA ARG A 620 -25.61 -29.16 -0.91
C ARG A 620 -24.17 -29.57 -1.20
N VAL A 621 -23.80 -30.78 -0.77
CA VAL A 621 -22.46 -31.28 -1.04
C VAL A 621 -22.26 -31.50 -2.53
N GLY A 622 -23.26 -32.09 -3.20
CA GLY A 622 -23.15 -32.33 -4.62
C GLY A 622 -22.96 -31.06 -5.42
N ILE A 623 -23.73 -30.02 -5.08
CA ILE A 623 -23.60 -28.75 -5.80
C ILE A 623 -22.24 -28.12 -5.51
N GLU A 624 -21.73 -28.25 -4.28
CA GLU A 624 -20.40 -27.75 -4.01
C GLU A 624 -19.35 -28.47 -4.86
N ILE A 625 -19.49 -29.80 -5.01
CA ILE A 625 -18.57 -30.54 -5.86
C ILE A 625 -18.57 -29.96 -7.27
N LEU A 626 -19.77 -29.73 -7.82
CA LEU A 626 -19.87 -29.16 -9.16
C LEU A 626 -19.21 -27.78 -9.23
N LEU A 627 -19.44 -26.94 -8.22
CA LEU A 627 -18.82 -25.62 -8.21
C LEU A 627 -17.31 -25.73 -8.11
N PHE A 628 -16.81 -26.62 -7.25
CA PHE A 628 -15.38 -26.79 -7.03
C PHE A 628 -14.66 -27.10 -8.33
N LYS A 629 -15.31 -27.83 -9.24
CA LYS A 629 -14.67 -28.24 -10.48
C LYS A 629 -14.44 -27.10 -11.44
N THR A 630 -15.15 -25.99 -11.28
CA THR A 630 -15.04 -24.89 -12.23
C THR A 630 -13.88 -23.96 -11.94
N MET A 631 -13.13 -24.20 -10.86
CA MET A 631 -12.17 -23.21 -10.40
C MET A 631 -10.79 -23.79 -10.18
N PRO A 632 -9.74 -23.08 -10.57
CA PRO A 632 -8.39 -23.45 -10.17
C PRO A 632 -8.13 -22.96 -8.75
N ARG A 633 -7.06 -23.48 -8.18
CA ARG A 633 -6.63 -23.04 -6.86
C ARG A 633 -6.19 -21.57 -6.89
N ALA A 634 -6.14 -20.98 -5.70
CA ALA A 634 -5.65 -19.62 -5.54
C ALA A 634 -4.17 -19.53 -5.92
N ARG A 635 -3.70 -18.30 -6.11
CA ARG A 635 -2.32 -18.06 -6.52
C ARG A 635 -1.72 -16.91 -5.73
N TYR A 636 -0.51 -17.12 -5.21
CA TYR A 636 0.30 -15.98 -4.80
C TYR A 636 0.68 -15.14 -6.01
N PHE A 637 0.82 -13.83 -5.79
CA PHE A 637 1.21 -12.92 -6.86
C PHE A 637 1.76 -11.65 -6.23
N ILE A 638 2.51 -10.89 -7.04
CA ILE A 638 3.05 -9.60 -6.62
C ILE A 638 2.14 -8.50 -7.16
N ALA A 639 1.72 -7.61 -6.27
CA ALA A 639 0.63 -6.68 -6.58
C ALA A 639 0.91 -5.90 -7.86
N GLY A 640 2.15 -5.46 -8.05
CA GLY A 640 2.48 -4.65 -9.21
C GLY A 640 2.40 -5.38 -10.54
N LYS A 641 2.30 -6.70 -10.52
CA LYS A 641 2.21 -7.47 -11.75
C LYS A 641 0.77 -7.70 -12.20
N VAL A 642 -0.21 -7.26 -11.41
CA VAL A 642 -1.62 -7.55 -11.66
C VAL A 642 -2.43 -6.26 -11.55
N ASP A 643 -3.47 -6.17 -12.35
CA ASP A 643 -4.35 -5.01 -12.30
C ASP A 643 -5.04 -4.97 -10.93
N PRO A 644 -5.03 -3.83 -10.23
CA PRO A 644 -5.66 -3.79 -8.89
C PRO A 644 -7.15 -4.10 -8.91
N ASP A 645 -7.79 -4.15 -10.07
CA ASP A 645 -9.18 -4.57 -10.16
C ASP A 645 -9.34 -6.09 -10.14
N GLN A 646 -8.23 -6.84 -10.13
CA GLN A 646 -8.26 -8.29 -10.21
C GLN A 646 -7.49 -8.94 -9.05
N TYR A 647 -7.47 -8.27 -7.90
CA TYR A 647 -6.87 -8.81 -6.69
C TYR A 647 -7.81 -9.73 -5.92
N GLY A 648 -9.06 -9.88 -6.37
CA GLY A 648 -10.06 -10.54 -5.56
C GLY A 648 -9.80 -12.03 -5.40
N HIS A 649 -10.26 -12.55 -4.27
CA HIS A 649 -10.24 -13.97 -3.94
C HIS A 649 -11.70 -14.42 -4.01
N TYR A 650 -12.09 -14.98 -5.15
CA TYR A 650 -13.51 -15.27 -5.40
C TYR A 650 -14.07 -16.22 -4.36
N ALA A 651 -13.37 -17.34 -4.10
CA ALA A 651 -13.93 -18.36 -3.22
C ALA A 651 -14.17 -17.83 -1.81
N LEU A 652 -13.39 -16.84 -1.38
CA LEU A 652 -13.55 -16.21 -0.07
C LEU A 652 -14.34 -14.91 -0.11
N ASN A 653 -14.78 -14.50 -1.31
CA ASN A 653 -15.53 -13.25 -1.47
C ASN A 653 -14.78 -12.08 -0.86
N LEU A 654 -13.46 -12.07 -1.04
CA LEU A 654 -12.63 -11.01 -0.47
C LEU A 654 -11.98 -10.17 -1.57
N PRO A 655 -11.94 -8.84 -1.41
CA PRO A 655 -11.33 -7.98 -2.44
C PRO A 655 -9.82 -8.04 -2.46
N ILE A 656 -9.19 -8.48 -1.37
CA ILE A 656 -7.73 -8.59 -1.31
C ILE A 656 -7.41 -9.61 -0.24
N TYR A 657 -6.29 -10.30 -0.39
CA TYR A 657 -5.96 -11.39 0.51
C TYR A 657 -4.46 -11.65 0.42
N THR A 658 -3.94 -12.31 1.45
CA THR A 658 -2.60 -12.87 1.42
C THR A 658 -2.51 -13.94 2.50
N HIS A 659 -1.31 -14.47 2.70
CA HIS A 659 -1.07 -15.53 3.68
C HIS A 659 -0.07 -15.06 4.72
N PHE A 660 -0.53 -15.00 5.96
CA PHE A 660 0.23 -14.49 7.10
C PHE A 660 0.16 -15.40 8.31
N THR A 661 -0.85 -16.28 8.42
CA THR A 661 -1.18 -16.95 9.67
C THR A 661 -0.52 -18.32 9.85
N ALA A 662 0.34 -18.77 8.93
CA ALA A 662 0.91 -20.11 9.02
C ALA A 662 2.37 -20.11 8.56
N PRO A 663 3.22 -19.31 9.20
CA PRO A 663 4.64 -19.28 8.81
C PRO A 663 5.41 -20.56 9.13
N MET A 664 4.90 -21.42 10.01
CA MET A 664 5.60 -22.67 10.30
C MET A 664 5.44 -23.71 9.20
N ARG A 665 4.51 -23.52 8.26
CA ARG A 665 4.29 -24.48 7.19
C ARG A 665 4.22 -23.88 5.80
N ARG A 666 4.20 -22.55 5.65
CA ARG A 666 4.16 -21.88 4.36
C ARG A 666 5.29 -20.86 4.28
N TYR A 667 6.13 -20.96 3.25
CA TYR A 667 7.20 -20.00 3.10
C TYR A 667 6.71 -18.65 2.61
N ALA A 668 5.61 -18.61 1.86
CA ALA A 668 5.07 -17.33 1.41
C ALA A 668 4.85 -16.40 2.60
N ASP A 669 4.38 -16.96 3.72
CA ASP A 669 4.15 -16.17 4.93
C ASP A 669 5.44 -15.52 5.42
N HIS A 670 6.59 -16.16 5.20
CA HIS A 670 7.85 -15.54 5.59
C HIS A 670 8.06 -14.24 4.85
N VAL A 671 7.84 -14.24 3.53
CA VAL A 671 7.94 -13.02 2.75
C VAL A 671 6.96 -11.98 3.26
N VAL A 672 5.72 -12.39 3.49
CA VAL A 672 4.70 -11.47 4.00
C VAL A 672 5.10 -10.92 5.36
N HIS A 673 5.64 -11.77 6.23
CA HIS A 673 6.06 -11.29 7.55
C HIS A 673 7.16 -10.24 7.44
N ARG A 674 8.14 -10.47 6.56
CA ARG A 674 9.20 -9.49 6.39
C ARG A 674 8.66 -8.20 5.77
N GLN A 675 7.68 -8.32 4.87
CA GLN A 675 7.04 -7.13 4.32
C GLN A 675 6.28 -6.36 5.39
N LEU A 676 5.57 -7.07 6.27
CA LEU A 676 4.81 -6.39 7.33
C LEU A 676 5.75 -5.67 8.29
N LYS A 677 6.85 -6.31 8.66
CA LYS A 677 7.79 -5.66 9.58
C LYS A 677 8.35 -4.38 8.99
N ALA A 678 8.69 -4.39 7.69
CA ALA A 678 9.12 -3.16 7.03
C ALA A 678 8.06 -2.07 7.17
N VAL A 679 6.80 -2.43 6.91
CA VAL A 679 5.71 -1.46 7.07
C VAL A 679 5.62 -1.00 8.53
N ILE A 680 5.69 -1.95 9.46
CA ILE A 680 5.60 -1.61 10.87
C ILE A 680 6.68 -0.61 11.25
N HIS A 681 7.94 -0.94 10.95
CA HIS A 681 9.08 -0.10 11.30
C HIS A 681 9.35 0.98 10.28
N ASP A 682 8.53 1.08 9.22
CA ASP A 682 8.69 2.11 8.21
C ASP A 682 10.12 2.15 7.67
N THR A 683 10.71 0.95 7.53
CA THR A 683 12.04 0.84 6.95
C THR A 683 11.94 0.62 5.44
N PRO A 684 12.97 1.00 4.69
CA PRO A 684 12.89 0.84 3.23
C PRO A 684 12.85 -0.63 2.84
N TYR A 685 11.89 -0.98 2.01
CA TYR A 685 11.74 -2.34 1.47
C TYR A 685 12.22 -2.30 0.03
N THR A 686 13.36 -2.94 -0.23
CA THR A 686 14.08 -2.77 -1.50
C THR A 686 14.21 -4.07 -2.29
N GLU A 687 13.25 -4.98 -2.14
CA GLU A 687 13.30 -6.22 -2.93
C GLU A 687 12.93 -5.95 -4.37
N ASP A 688 13.59 -6.65 -5.28
CA ASP A 688 13.31 -6.53 -6.70
C ASP A 688 11.95 -7.13 -7.01
N MET A 689 11.16 -6.42 -7.82
CA MET A 689 9.83 -6.93 -8.14
C MET A 689 9.93 -8.25 -8.90
N GLU A 690 10.92 -8.38 -9.78
CA GLU A 690 11.05 -9.60 -10.57
C GLU A 690 11.52 -10.77 -9.72
N ALA A 691 12.39 -10.51 -8.73
CA ALA A 691 12.77 -11.56 -7.80
C ALA A 691 11.56 -12.03 -6.98
N LEU A 692 10.73 -11.09 -6.53
CA LEU A 692 9.54 -11.47 -5.77
C LEU A 692 8.56 -12.24 -6.64
N LYS A 693 8.45 -11.87 -7.91
CA LYS A 693 7.59 -12.62 -8.83
C LYS A 693 8.05 -14.07 -8.93
N ILE A 694 9.36 -14.28 -9.06
CA ILE A 694 9.89 -15.63 -9.14
C ILE A 694 9.64 -16.38 -7.84
N THR A 695 9.75 -15.67 -6.71
CA THR A 695 9.47 -16.29 -5.42
C THR A 695 8.01 -16.70 -5.30
N SER A 696 7.08 -15.83 -5.73
CA SER A 696 5.66 -16.15 -5.60
C SER A 696 5.28 -17.33 -6.48
N GLU A 697 5.78 -17.37 -7.72
CA GLU A 697 5.40 -18.47 -8.60
C GLU A 697 5.99 -19.79 -8.13
N TYR A 698 7.20 -19.78 -7.56
CA TYR A 698 7.74 -21.00 -6.97
C TYR A 698 6.89 -21.45 -5.78
N CYS A 699 6.47 -20.51 -4.93
CA CYS A 699 5.58 -20.85 -3.83
C CYS A 699 4.30 -21.49 -4.35
N ASN A 700 3.74 -20.95 -5.44
CA ASN A 700 2.55 -21.55 -6.05
C ASN A 700 2.84 -22.99 -6.45
N PHE A 701 3.97 -23.21 -7.10
CA PHE A 701 4.29 -24.55 -7.58
C PHE A 701 4.37 -25.54 -6.42
N LYS A 702 5.16 -25.21 -5.40
CA LYS A 702 5.35 -26.14 -4.29
C LYS A 702 4.08 -26.30 -3.46
N LYS A 703 3.27 -25.24 -3.32
CA LYS A 703 2.04 -25.35 -2.55
C LYS A 703 1.03 -26.23 -3.25
N ASP A 704 0.88 -26.08 -4.57
CA ASP A 704 -0.04 -26.95 -5.28
C ASP A 704 0.45 -28.39 -5.27
N CYS A 705 1.78 -28.58 -5.26
CA CYS A 705 2.33 -29.91 -5.10
C CYS A 705 2.01 -30.49 -3.72
N ALA A 706 2.07 -29.67 -2.67
CA ALA A 706 1.73 -30.15 -1.33
C ALA A 706 0.26 -30.55 -1.26
N TYR A 707 -0.60 -29.79 -1.94
CA TYR A 707 -2.01 -30.16 -2.03
C TYR A 707 -2.19 -31.49 -2.75
N GLN A 708 -1.53 -31.65 -3.90
CA GLN A 708 -1.65 -32.90 -4.64
C GLN A 708 -1.16 -34.08 -3.82
N ALA A 709 -0.03 -33.90 -3.12
CA ALA A 709 0.48 -34.96 -2.27
C ALA A 709 -0.52 -35.33 -1.19
N GLN A 710 -1.14 -34.34 -0.56
CA GLN A 710 -2.09 -34.61 0.51
C GLN A 710 -3.26 -35.45 0.01
N GLU A 711 -3.86 -35.06 -1.12
CA GLU A 711 -5.01 -35.80 -1.63
C GLU A 711 -4.61 -37.16 -2.17
N GLN A 712 -3.43 -37.27 -2.77
CA GLN A 712 -2.97 -38.57 -3.26
C GLN A 712 -2.77 -39.54 -2.11
N ALA A 713 -2.25 -39.05 -0.97
CA ALA A 713 -2.04 -39.91 0.18
C ALA A 713 -3.37 -40.28 0.84
N ILE A 714 -4.31 -39.33 0.91
CA ILE A 714 -5.66 -39.67 1.36
C ILE A 714 -6.25 -40.77 0.48
N HIS A 715 -6.18 -40.56 -0.84
CA HIS A 715 -6.77 -41.51 -1.78
C HIS A 715 -6.18 -42.89 -1.58
N LEU A 716 -4.87 -42.96 -1.36
CA LEU A 716 -4.19 -44.24 -1.17
C LEU A 716 -4.74 -44.96 0.05
N LEU A 717 -4.78 -44.26 1.19
CA LEU A 717 -5.25 -44.89 2.42
C LEU A 717 -6.74 -45.20 2.37
N LEU A 718 -7.52 -44.37 1.66
CA LEU A 718 -8.94 -44.63 1.52
C LEU A 718 -9.21 -45.89 0.70
N CYS A 719 -8.43 -46.09 -0.36
CA CYS A 719 -8.58 -47.30 -1.17
C CYS A 719 -8.26 -48.54 -0.34
N LYS A 720 -7.19 -48.48 0.45
CA LYS A 720 -6.86 -49.57 1.36
C LYS A 720 -7.99 -49.83 2.36
N THR A 721 -8.62 -48.76 2.86
CA THR A 721 -9.70 -48.89 3.82
C THR A 721 -10.94 -49.48 3.17
N ILE A 722 -11.26 -49.01 1.96
CA ILE A 722 -12.41 -49.55 1.24
C ILE A 722 -12.24 -51.05 1.02
N ASN A 723 -11.02 -51.48 0.68
CA ASN A 723 -10.82 -52.90 0.41
C ASN A 723 -10.77 -53.73 1.68
N ASP A 724 -10.31 -53.15 2.79
CA ASP A 724 -10.31 -53.84 4.06
C ASP A 724 -11.73 -53.99 4.59
N MET A 725 -12.57 -52.97 4.38
CA MET A 725 -13.97 -53.07 4.78
C MET A 725 -14.70 -54.16 3.99
N GLY A 726 -14.27 -54.41 2.76
CA GLY A 726 -14.84 -55.51 1.98
C GLY A 726 -13.87 -56.65 1.78
N ASN A 727 -13.08 -56.95 2.81
CA ASN A 727 -12.01 -57.94 2.68
C ASN A 727 -12.53 -59.30 2.25
N THR A 728 -13.74 -59.68 2.66
CA THR A 728 -14.29 -60.98 2.30
C THR A 728 -15.17 -60.95 1.05
N THR A 729 -15.76 -59.78 0.75
CA THR A 729 -16.65 -59.64 -0.39
C THR A 729 -15.97 -59.03 -1.61
N GLY A 730 -14.78 -58.48 -1.45
CA GLY A 730 -14.08 -57.81 -2.53
C GLY A 730 -14.73 -56.54 -3.02
N GLN A 731 -15.68 -55.98 -2.25
CA GLN A 731 -16.40 -54.78 -2.67
C GLN A 731 -17.35 -54.39 -1.55
N LEU A 732 -17.77 -53.13 -1.58
CA LEU A 732 -18.75 -52.60 -0.66
C LEU A 732 -20.02 -52.25 -1.44
N LEU A 733 -21.13 -52.19 -0.72
CA LEU A 733 -22.41 -51.76 -1.28
C LEU A 733 -22.91 -50.62 -0.43
N THR A 734 -23.19 -49.48 -1.05
CA THR A 734 -23.66 -48.33 -0.30
C THR A 734 -24.61 -47.51 -1.15
N MET A 735 -25.49 -46.77 -0.49
CA MET A 735 -26.34 -45.83 -1.19
C MET A 735 -25.50 -44.62 -1.60
N ALA A 736 -25.71 -44.16 -2.82
CA ALA A 736 -25.04 -42.97 -3.34
C ALA A 736 -26.08 -42.08 -3.99
N THR A 737 -25.68 -40.85 -4.29
CA THR A 737 -26.54 -39.87 -4.95
C THR A 737 -26.03 -39.63 -6.35
N VAL A 738 -26.96 -39.62 -7.31
CA VAL A 738 -26.63 -39.32 -8.70
C VAL A 738 -26.43 -37.83 -8.86
N LEU A 739 -25.29 -37.43 -9.43
CA LEU A 739 -24.95 -36.02 -9.60
C LEU A 739 -25.13 -35.54 -11.04
N GLN A 740 -24.78 -36.37 -12.02
CA GLN A 740 -24.94 -36.04 -13.43
C GLN A 740 -25.29 -37.30 -14.19
N VAL A 741 -26.13 -37.15 -15.21
CA VAL A 741 -26.52 -38.26 -16.08
C VAL A 741 -26.04 -37.97 -17.50
N TYR A 742 -25.52 -39.00 -18.14
CA TYR A 742 -25.03 -38.90 -19.51
C TYR A 742 -25.68 -39.99 -20.35
N GLU A 743 -25.32 -40.01 -21.63
CA GLU A 743 -25.96 -40.92 -22.58
C GLU A 743 -25.66 -42.39 -22.27
N SER A 744 -24.47 -42.70 -21.74
CA SER A 744 -24.13 -44.09 -21.48
C SER A 744 -23.38 -44.25 -20.15
N SER A 745 -23.56 -43.30 -19.23
CA SER A 745 -22.87 -43.33 -17.95
C SER A 745 -23.54 -42.29 -17.06
N PHE A 746 -23.16 -42.28 -15.79
CA PHE A 746 -23.63 -41.26 -14.88
C PHE A 746 -22.68 -41.17 -13.70
N ASP A 747 -22.60 -39.98 -13.11
CA ASP A 747 -21.73 -39.74 -11.97
C ASP A 747 -22.52 -39.87 -10.67
N VAL A 748 -21.88 -40.46 -9.67
CA VAL A 748 -22.44 -40.59 -8.33
C VAL A 748 -21.42 -40.02 -7.38
N PHE A 749 -21.88 -39.50 -6.26
CA PHE A 749 -20.99 -39.10 -5.19
C PHE A 749 -21.48 -39.72 -3.89
N ILE A 750 -20.52 -39.95 -2.99
CA ILE A 750 -20.77 -40.67 -1.75
C ILE A 750 -20.22 -39.77 -0.65
N PRO A 751 -21.06 -38.92 -0.02
CA PRO A 751 -20.51 -37.97 0.96
C PRO A 751 -19.79 -38.63 2.11
N GLU A 752 -20.16 -39.87 2.46
CA GLU A 752 -19.53 -40.55 3.57
C GLU A 752 -18.07 -40.88 3.28
N PHE A 753 -17.69 -40.96 2.00
CA PHE A 753 -16.32 -41.21 1.60
C PHE A 753 -15.64 -40.00 1.00
N GLY A 754 -16.41 -38.97 0.62
CA GLY A 754 -15.83 -37.82 -0.07
C GLY A 754 -15.27 -38.16 -1.43
N ILE A 755 -15.99 -38.99 -2.20
CA ILE A 755 -15.56 -39.34 -3.54
C ILE A 755 -16.71 -39.16 -4.52
N GLU A 756 -16.33 -38.96 -5.78
CA GLU A 756 -17.25 -38.82 -6.90
C GLU A 756 -16.70 -39.70 -8.01
N LYS A 757 -17.53 -40.61 -8.53
CA LYS A 757 -17.08 -41.58 -9.51
C LYS A 757 -18.18 -41.80 -10.54
N ARG A 758 -17.82 -42.50 -11.62
CA ARG A 758 -18.69 -42.63 -12.79
C ARG A 758 -19.04 -44.09 -13.03
N VAL A 759 -20.34 -44.36 -13.13
CA VAL A 759 -20.84 -45.66 -13.54
C VAL A 759 -20.90 -45.69 -15.06
N HIS A 760 -20.27 -46.70 -15.66
CA HIS A 760 -20.22 -46.85 -17.11
C HIS A 760 -21.16 -47.96 -17.55
N GLY A 761 -22.00 -47.65 -18.55
CA GLY A 761 -22.92 -48.65 -19.04
C GLY A 761 -22.23 -49.88 -19.60
N ASP A 762 -21.07 -49.68 -20.23
CA ASP A 762 -20.34 -50.79 -20.84
C ASP A 762 -19.61 -51.65 -19.80
N GLN A 763 -19.82 -51.41 -18.52
CA GLN A 763 -19.33 -52.29 -17.48
C GLN A 763 -20.47 -52.94 -16.69
N LEU A 764 -21.70 -52.74 -17.15
CA LEU A 764 -22.88 -53.32 -16.53
C LEU A 764 -23.52 -54.35 -17.45
N PRO A 765 -24.15 -55.40 -16.88
CA PRO A 765 -24.83 -56.39 -17.73
C PRO A 765 -26.13 -55.86 -18.31
N LEU A 766 -26.02 -55.10 -19.40
CA LEU A 766 -27.15 -54.43 -20.01
C LEU A 766 -27.47 -55.04 -21.37
N ILE A 767 -28.73 -54.85 -21.79
CA ILE A 767 -29.12 -55.12 -23.17
C ILE A 767 -29.04 -53.86 -24.01
N LYS A 768 -29.44 -52.73 -23.45
CA LYS A 768 -29.34 -51.44 -24.12
C LYS A 768 -29.48 -50.35 -23.06
N ALA A 769 -29.46 -49.11 -23.53
CA ALA A 769 -29.73 -47.95 -22.69
C ALA A 769 -30.37 -46.90 -23.58
N GLU A 770 -31.26 -46.10 -22.98
CA GLU A 770 -31.90 -45.00 -23.69
C GLU A 770 -31.75 -43.74 -22.87
N PHE A 771 -31.46 -42.64 -23.55
CA PHE A 771 -31.12 -41.39 -22.91
C PHE A 771 -32.07 -40.29 -23.38
N ASP A 772 -32.65 -39.58 -22.40
CA ASP A 772 -33.56 -38.47 -22.65
C ASP A 772 -32.80 -37.20 -22.26
N GLY A 773 -32.23 -36.53 -23.27
CA GLY A 773 -31.40 -35.37 -23.02
C GLY A 773 -32.15 -34.16 -22.53
N THR A 774 -33.45 -34.07 -22.82
CA THR A 774 -34.24 -32.94 -22.34
C THR A 774 -34.51 -33.06 -20.84
N ASN A 775 -34.90 -34.26 -20.39
CA ASN A 775 -35.25 -34.47 -19.00
C ASN A 775 -34.09 -34.99 -18.17
N ARG A 776 -32.90 -35.21 -18.77
CA ARG A 776 -31.74 -35.68 -18.04
C ARG A 776 -32.07 -36.99 -17.31
N VAL A 777 -32.49 -37.98 -18.08
CA VAL A 777 -32.90 -39.27 -17.55
C VAL A 777 -32.28 -40.37 -18.40
N LEU A 778 -31.59 -41.30 -17.75
CA LEU A 778 -30.98 -42.44 -18.41
C LEU A 778 -31.73 -43.70 -17.99
N GLU A 779 -32.22 -44.45 -18.97
CA GLU A 779 -32.96 -45.68 -18.72
C GLU A 779 -32.07 -46.86 -19.07
N LEU A 780 -31.67 -47.62 -18.05
CA LEU A 780 -30.87 -48.81 -18.23
C LEU A 780 -31.80 -49.99 -18.47
N HIS A 781 -31.53 -50.76 -19.53
CA HIS A 781 -32.25 -51.99 -19.81
C HIS A 781 -31.37 -53.15 -19.36
N TRP A 782 -31.69 -53.71 -18.21
CA TRP A 782 -30.83 -54.70 -17.58
C TRP A 782 -31.04 -56.08 -18.16
N GLN A 783 -29.99 -56.89 -18.11
CA GLN A 783 -30.11 -58.32 -18.32
C GLN A 783 -30.68 -58.93 -17.03
N PRO A 784 -31.88 -59.50 -17.06
CA PRO A 784 -32.46 -60.02 -15.81
C PRO A 784 -31.58 -61.12 -15.21
N GLY A 785 -31.45 -61.09 -13.89
CA GLY A 785 -30.78 -62.15 -13.15
C GLY A 785 -29.27 -62.12 -13.15
N VAL A 786 -28.65 -61.16 -13.82
CA VAL A 786 -27.19 -61.08 -13.90
C VAL A 786 -26.69 -60.11 -12.84
N ASP A 787 -25.91 -60.62 -11.90
CA ASP A 787 -25.42 -59.81 -10.80
C ASP A 787 -24.30 -58.89 -11.28
N SER A 788 -24.47 -57.58 -11.07
CA SER A 788 -23.44 -56.62 -11.43
C SER A 788 -22.17 -56.83 -10.62
N ALA A 789 -22.30 -57.35 -9.40
CA ALA A 789 -21.15 -57.50 -8.52
C ALA A 789 -20.14 -58.48 -9.11
N THR A 790 -20.61 -59.45 -9.89
CA THR A 790 -19.73 -60.49 -10.41
C THR A 790 -19.64 -60.45 -11.93
N PHE A 791 -20.25 -59.46 -12.58
CA PHE A 791 -20.28 -59.43 -14.03
C PHE A 791 -18.93 -59.04 -14.60
N ILE A 792 -18.47 -59.80 -15.60
CA ILE A 792 -17.23 -59.50 -16.30
C ILE A 792 -17.58 -59.15 -17.74
N PRO A 793 -17.49 -57.88 -18.15
CA PRO A 793 -17.78 -57.53 -19.54
C PRO A 793 -16.93 -58.36 -20.49
N ALA A 794 -17.54 -58.78 -21.60
CA ALA A 794 -16.84 -59.65 -22.55
C ALA A 794 -15.54 -59.01 -23.03
N ASP A 795 -15.55 -57.69 -23.27
CA ASP A 795 -14.37 -57.03 -23.82
C ASP A 795 -13.24 -56.90 -22.80
N GLU A 796 -13.47 -57.23 -21.53
CA GLU A 796 -12.44 -57.12 -20.50
C GLU A 796 -11.75 -58.43 -20.21
N LYS A 797 -12.09 -59.51 -20.93
CA LYS A 797 -11.33 -60.76 -20.85
C LYS A 797 -10.14 -60.75 -21.81
N ASN A 798 -10.03 -59.73 -22.65
CA ASN A 798 -8.87 -59.53 -23.49
C ASN A 798 -7.63 -59.34 -22.61
N PRO A 799 -6.51 -59.99 -22.91
CA PRO A 799 -5.28 -59.73 -22.13
C PRO A 799 -4.79 -58.28 -22.24
N LYS A 800 -5.35 -57.49 -23.16
CA LYS A 800 -5.04 -56.07 -23.23
C LYS A 800 -5.85 -55.23 -22.25
N SER A 801 -6.86 -55.82 -21.61
CA SER A 801 -7.68 -55.10 -20.66
C SER A 801 -6.92 -54.88 -19.34
N TYR A 802 -7.19 -53.73 -18.72
CA TYR A 802 -6.68 -53.47 -17.37
C TYR A 802 -7.05 -54.57 -16.39
N ARG A 803 -8.18 -55.25 -16.62
CA ARG A 803 -8.61 -56.29 -15.71
C ARG A 803 -7.56 -57.37 -15.53
N ASN A 804 -6.80 -57.66 -16.58
CA ASN A 804 -5.81 -58.73 -16.51
C ASN A 804 -4.74 -58.46 -15.47
N SER A 805 -4.50 -57.18 -15.17
CA SER A 805 -3.51 -56.78 -14.18
C SER A 805 -4.10 -56.54 -12.80
N ILE A 806 -5.39 -56.79 -12.62
CA ILE A 806 -6.01 -56.62 -11.31
C ILE A 806 -5.55 -57.75 -10.39
N LYS A 807 -4.99 -57.37 -9.25
CA LYS A 807 -4.50 -58.35 -8.28
C LYS A 807 -5.61 -58.84 -7.36
N ASN A 808 -6.60 -58.00 -7.07
CA ASN A 808 -7.71 -58.36 -6.17
C ASN A 808 -8.92 -58.71 -7.02
N LYS A 809 -8.92 -59.91 -7.59
CA LYS A 809 -9.92 -60.28 -8.58
C LYS A 809 -11.23 -60.80 -8.00
N PHE A 810 -11.28 -61.16 -6.72
CA PHE A 810 -12.45 -61.87 -6.21
C PHE A 810 -13.56 -60.91 -5.83
N ARG A 811 -14.77 -61.20 -6.31
N ARG A 811 -14.77 -61.22 -6.28
CA ARG A 811 -15.98 -60.46 -5.96
CA ARG A 811 -15.97 -60.44 -5.96
C ARG A 811 -17.05 -61.44 -5.52
C ARG A 811 -17.08 -61.40 -5.55
N SER A 812 -17.61 -61.20 -4.34
CA SER A 812 -18.76 -61.96 -3.87
C SER A 812 -20.04 -61.50 -4.57
N THR A 813 -21.12 -62.25 -4.37
CA THR A 813 -22.40 -61.82 -4.92
C THR A 813 -22.90 -60.60 -4.14
N ALA A 814 -23.79 -59.83 -4.78
CA ALA A 814 -24.37 -58.67 -4.12
C ALA A 814 -25.10 -59.04 -2.84
N ALA A 815 -25.81 -60.17 -2.85
CA ALA A 815 -26.55 -60.59 -1.67
C ALA A 815 -25.62 -60.79 -0.48
N GLU A 816 -24.44 -61.38 -0.68
CA GLU A 816 -23.51 -61.57 0.42
C GLU A 816 -23.08 -60.24 1.02
N ILE A 817 -22.82 -59.24 0.18
CA ILE A 817 -22.40 -57.93 0.66
C ILE A 817 -23.50 -57.28 1.47
N ALA A 818 -24.74 -57.33 0.95
CA ALA A 818 -25.86 -56.70 1.62
C ALA A 818 -26.08 -57.30 3.00
N ASN A 819 -26.04 -58.64 3.09
CA ASN A 819 -26.26 -59.31 4.36
C ASN A 819 -25.24 -58.88 5.41
N ILE A 820 -23.96 -58.98 5.09
CA ILE A 820 -22.92 -58.69 6.08
C ILE A 820 -23.04 -57.24 6.55
N GLU A 821 -23.25 -56.31 5.63
CA GLU A 821 -23.32 -54.90 6.00
C GLU A 821 -24.52 -54.61 6.89
N LEU A 822 -25.70 -55.08 6.50
CA LEU A 822 -26.91 -54.78 7.26
C LEU A 822 -26.93 -55.48 8.61
N ASP A 823 -26.42 -56.71 8.67
CA ASP A 823 -26.32 -57.41 9.96
C ASP A 823 -25.44 -56.64 10.92
N LYS A 824 -24.34 -56.07 10.42
CA LYS A 824 -23.44 -55.29 11.26
C LYS A 824 -24.05 -53.94 11.65
N GLU A 825 -24.94 -53.40 10.82
CA GLU A 825 -25.53 -52.08 11.12
C GLU A 825 -26.29 -52.10 12.44
N ALA A 826 -27.29 -52.98 12.54
CA ALA A 826 -28.05 -53.10 13.79
C ALA A 826 -27.13 -53.34 14.97
N GLU A 827 -26.05 -54.09 14.75
CA GLU A 827 -25.12 -54.51 15.79
C GLU A 827 -24.09 -53.44 16.15
N SER A 828 -24.00 -52.35 15.39
CA SER A 828 -22.98 -51.34 15.62
C SER A 828 -21.58 -51.97 15.58
N GLU A 829 -21.40 -53.06 14.74
CA GLU A 829 -20.16 -53.79 14.64
C GLU A 829 -19.34 -53.34 13.43
N PRO A 830 -18.02 -53.39 13.53
CA PRO A 830 -17.17 -52.90 12.43
C PRO A 830 -17.01 -53.86 11.28
N LEU A 831 -16.95 -53.28 10.07
CA LEU A 831 -16.53 -54.02 8.88
C LEU A 831 -15.01 -54.05 8.75
N ILE A 832 -14.34 -53.06 9.32
CA ILE A 832 -12.90 -52.88 9.16
C ILE A 832 -12.14 -53.85 10.06
N SER A 833 -11.04 -54.39 9.55
CA SER A 833 -10.22 -55.30 10.33
C SER A 833 -9.63 -54.59 11.54
N ASP A 834 -9.22 -55.38 12.52
CA ASP A 834 -8.68 -54.85 13.76
C ASP A 834 -7.30 -54.23 13.53
N PRO A 835 -6.44 -54.83 12.72
CA PRO A 835 -5.15 -54.19 12.42
C PRO A 835 -5.29 -52.80 11.81
N LEU A 836 -6.16 -52.65 10.80
CA LEU A 836 -6.33 -51.34 10.19
C LEU A 836 -7.05 -50.39 11.13
N SER A 837 -8.01 -50.89 11.92
CA SER A 837 -8.69 -50.04 12.88
C SER A 837 -7.70 -49.44 13.87
N LYS A 838 -6.71 -50.24 14.30
CA LYS A 838 -5.65 -49.71 15.14
C LYS A 838 -4.83 -48.66 14.40
N GLU A 839 -4.50 -48.92 13.13
CA GLU A 839 -3.71 -47.99 12.35
C GLU A 839 -4.42 -46.64 12.25
N LEU A 840 -5.69 -46.65 11.86
CA LEU A 840 -6.44 -45.40 11.72
C LEU A 840 -6.56 -44.68 13.05
N SER A 841 -6.77 -45.43 14.13
CA SER A 841 -6.86 -44.82 15.46
C SER A 841 -5.56 -44.11 15.81
N ASP A 842 -4.42 -44.78 15.57
CA ASP A 842 -3.13 -44.15 15.83
C ASP A 842 -2.96 -42.87 15.03
N LEU A 843 -3.40 -42.88 13.77
CA LEU A 843 -3.37 -41.69 12.93
C LEU A 843 -4.51 -40.73 13.23
N HIS A 844 -5.36 -41.05 14.21
CA HIS A 844 -6.50 -40.19 14.56
C HIS A 844 -7.40 -39.95 13.34
N LEU A 845 -7.68 -41.03 12.62
CA LEU A 845 -8.59 -41.02 11.49
C LEU A 845 -9.86 -41.77 11.86
N THR A 846 -10.92 -41.56 11.07
CA THR A 846 -12.23 -42.13 11.32
C THR A 846 -12.63 -43.05 10.18
N VAL A 847 -13.10 -44.24 10.52
CA VAL A 847 -13.52 -45.21 9.50
C VAL A 847 -14.73 -44.66 8.75
N PRO A 848 -14.76 -44.74 7.42
CA PRO A 848 -15.96 -44.27 6.71
C PRO A 848 -17.20 -45.06 7.10
N ASN A 849 -18.34 -44.37 7.12
CA ASN A 849 -19.62 -44.98 7.39
C ASN A 849 -20.35 -45.27 6.09
N LEU A 850 -21.00 -46.43 6.03
CA LEU A 850 -21.83 -46.75 4.88
C LEU A 850 -23.17 -46.04 4.99
N ARG A 851 -23.76 -45.73 3.84
CA ARG A 851 -25.12 -45.24 3.77
C ARG A 851 -26.02 -46.41 3.39
N LEU A 852 -26.79 -46.90 4.34
CA LEU A 852 -27.62 -48.07 4.14
C LEU A 852 -29.09 -47.66 4.02
N PRO A 853 -29.91 -48.47 3.34
CA PRO A 853 -31.34 -48.12 3.24
C PRO A 853 -32.03 -48.34 4.58
N SER A 854 -32.78 -47.34 5.02
CA SER A 854 -33.44 -47.38 6.33
C SER A 854 -34.88 -47.88 6.17
N ALA A 855 -34.99 -49.15 5.78
CA ALA A 855 -36.29 -49.77 5.56
C ALA A 855 -36.64 -50.73 6.69
N GLN A 860 -37.94 -59.00 4.89
CA GLN A 860 -37.31 -58.41 3.73
C GLN A 860 -35.85 -58.81 3.81
N ASN A 861 -35.31 -59.47 2.78
CA ASN A 861 -33.91 -59.82 2.86
C ASN A 861 -33.05 -58.57 2.60
N ALA A 862 -31.78 -58.66 3.00
CA ALA A 862 -30.89 -57.51 2.93
C ALA A 862 -30.85 -56.93 1.52
N LEU A 863 -30.63 -57.79 0.52
CA LEU A 863 -30.56 -57.32 -0.87
C LEU A 863 -31.84 -56.59 -1.27
N GLU A 864 -33.00 -57.10 -0.88
CA GLU A 864 -34.26 -56.46 -1.24
C GLU A 864 -34.35 -55.05 -0.68
N LYS A 865 -33.80 -54.83 0.52
CA LYS A 865 -33.78 -53.48 1.07
C LYS A 865 -33.05 -52.50 0.15
N PHE A 866 -31.92 -52.92 -0.42
CA PHE A 866 -31.24 -52.07 -1.38
C PHE A 866 -32.04 -51.91 -2.66
N ILE A 867 -32.61 -53.01 -3.16
CA ILE A 867 -33.30 -52.96 -4.44
C ILE A 867 -34.54 -52.09 -4.36
N SER A 868 -35.21 -52.05 -3.21
CA SER A 868 -36.43 -51.25 -3.09
C SER A 868 -36.18 -49.75 -3.20
N THR A 869 -34.92 -49.30 -3.13
CA THR A 869 -34.61 -47.89 -3.34
C THR A 869 -34.56 -47.49 -4.80
N THR A 870 -34.63 -48.44 -5.72
CA THR A 870 -34.47 -48.15 -7.15
C THR A 870 -35.82 -47.91 -7.80
N GLU A 871 -35.79 -47.21 -8.94
CA GLU A 871 -36.99 -46.91 -9.72
C GLU A 871 -36.95 -47.79 -10.96
N THR A 872 -37.82 -48.81 -10.99
CA THR A 872 -37.77 -49.84 -12.02
C THR A 872 -39.13 -50.10 -12.62
N ARG A 873 -39.13 -50.73 -13.79
CA ARG A 873 -40.37 -51.18 -14.40
C ARG A 873 -40.07 -52.23 -15.46
N ILE A 874 -41.05 -53.11 -15.69
CA ILE A 874 -40.94 -54.21 -16.62
C ILE A 874 -41.94 -53.97 -17.74
N GLU A 875 -41.44 -53.77 -18.96
CA GLU A 875 -42.28 -53.55 -20.14
C GLU A 875 -42.05 -54.75 -21.07
N ASN A 876 -42.95 -55.73 -21.01
CA ASN A 876 -42.74 -56.97 -21.75
C ASN A 876 -41.36 -57.51 -21.40
N ASP A 877 -40.43 -57.59 -22.35
CA ASP A 877 -39.12 -58.15 -22.04
C ASP A 877 -38.08 -57.10 -21.69
N ASN A 878 -38.47 -55.83 -21.56
CA ASN A 878 -37.56 -54.79 -21.11
C ASN A 878 -37.60 -54.65 -19.59
N TYR A 879 -36.42 -54.75 -18.97
CA TYR A 879 -36.26 -54.62 -17.52
C TYR A 879 -35.55 -53.29 -17.26
N ILE A 880 -36.33 -52.24 -17.01
CA ILE A 880 -35.87 -50.87 -17.09
C ILE A 880 -35.65 -50.29 -15.70
N GLN A 881 -34.51 -49.65 -15.51
CA GLN A 881 -34.23 -48.84 -14.33
C GLN A 881 -34.01 -47.40 -14.77
N GLU A 882 -34.68 -46.46 -14.10
CA GLU A 882 -34.54 -45.05 -14.39
C GLU A 882 -33.46 -44.45 -13.49
N ILE A 883 -32.53 -43.72 -14.09
CA ILE A 883 -31.48 -43.00 -13.38
C ILE A 883 -31.77 -41.51 -13.51
N HIS A 884 -32.04 -40.86 -12.38
CA HIS A 884 -32.36 -39.44 -12.33
C HIS A 884 -31.29 -38.69 -11.54
N GLU A 885 -31.04 -37.45 -11.90
CA GLU A 885 -30.10 -36.63 -11.15
C GLU A 885 -30.65 -36.39 -9.75
N LEU A 886 -29.77 -36.51 -8.75
CA LEU A 886 -30.05 -36.33 -7.33
C LEU A 886 -30.90 -37.45 -6.74
N GLN A 887 -31.13 -38.53 -7.48
CA GLN A 887 -31.77 -39.70 -6.90
C GLN A 887 -30.73 -40.53 -6.14
N LYS A 888 -31.21 -41.29 -5.16
CA LYS A 888 -30.38 -42.24 -4.44
C LYS A 888 -30.36 -43.55 -5.20
N ILE A 889 -29.20 -44.20 -5.23
CA ILE A 889 -29.02 -45.44 -5.98
C ILE A 889 -28.04 -46.33 -5.25
N PRO A 890 -28.27 -47.65 -5.19
CA PRO A 890 -27.27 -48.53 -4.56
C PRO A 890 -26.09 -48.76 -5.51
N ILE A 891 -24.89 -48.60 -4.97
CA ILE A 891 -23.66 -48.62 -5.76
C ILE A 891 -22.69 -49.62 -5.14
N LEU A 892 -22.11 -50.47 -5.98
CA LEU A 892 -21.00 -51.33 -5.59
C LEU A 892 -19.70 -50.56 -5.74
N LEU A 893 -18.90 -50.55 -4.68
CA LEU A 893 -17.70 -49.71 -4.61
C LEU A 893 -16.48 -50.58 -4.35
N ARG A 894 -15.46 -50.37 -5.18
CA ARG A 894 -14.22 -51.14 -5.12
C ARG A 894 -13.03 -50.25 -5.43
N ALA A 895 -11.87 -50.66 -4.94
CA ALA A 895 -10.57 -50.14 -5.35
C ALA A 895 -9.82 -51.25 -6.09
N GLU A 896 -9.61 -51.07 -7.40
CA GLU A 896 -8.86 -52.03 -8.20
C GLU A 896 -7.37 -51.88 -7.88
N VAL A 897 -6.74 -52.96 -7.42
CA VAL A 897 -5.34 -52.94 -7.07
C VAL A 897 -4.52 -53.50 -8.23
N GLY A 898 -3.38 -52.88 -8.49
CA GLY A 898 -2.53 -53.32 -9.58
C GLY A 898 -1.56 -52.27 -10.12
N MET A 899 -2.01 -51.02 -10.21
CA MET A 899 -1.18 -49.92 -10.68
C MET A 899 -0.43 -49.26 -9.53
N ALA A 900 0.47 -48.33 -9.88
CA ALA A 900 1.17 -47.55 -8.86
C ALA A 900 0.18 -46.96 -7.88
N LEU A 901 -0.96 -46.51 -8.39
CA LEU A 901 -2.04 -46.01 -7.57
C LEU A 901 -3.26 -46.89 -7.79
N PRO A 902 -3.99 -47.23 -6.73
CA PRO A 902 -5.23 -47.98 -6.92
C PRO A 902 -6.28 -47.14 -7.61
N CYS A 903 -7.27 -47.83 -8.18
CA CYS A 903 -8.31 -47.19 -8.97
C CYS A 903 -9.66 -47.49 -8.33
N LEU A 904 -10.35 -46.43 -7.89
CA LEU A 904 -11.70 -46.58 -7.39
C LEU A 904 -12.64 -46.78 -8.58
N THR A 905 -13.55 -47.73 -8.45
CA THR A 905 -14.52 -48.00 -9.49
C THR A 905 -15.88 -48.24 -8.83
N VAL A 906 -16.93 -47.90 -9.57
CA VAL A 906 -18.29 -48.04 -9.07
C VAL A 906 -19.14 -48.71 -10.15
N ARG A 907 -20.13 -49.49 -9.69
CA ARG A 907 -21.11 -50.13 -10.54
C ARG A 907 -22.48 -50.02 -9.88
N ALA A 908 -23.51 -49.86 -10.70
CA ALA A 908 -24.87 -49.92 -10.21
C ALA A 908 -25.25 -51.36 -9.91
N LEU A 909 -25.95 -51.55 -8.78
CA LEU A 909 -26.56 -52.82 -8.46
C LEU A 909 -27.65 -53.13 -9.49
N ASN A 910 -27.66 -54.36 -9.97
CA ASN A 910 -28.73 -54.79 -10.88
C ASN A 910 -30.00 -55.01 -10.08
N PRO A 911 -31.03 -54.16 -10.23
CA PRO A 911 -32.26 -54.37 -9.46
C PRO A 911 -33.05 -55.57 -9.92
N PHE A 912 -32.74 -56.14 -11.09
CA PHE A 912 -33.43 -57.33 -11.57
C PHE A 912 -32.59 -58.59 -11.41
N MET A 913 -31.80 -58.66 -10.35
CA MET A 913 -31.08 -59.87 -9.97
C MET A 913 -31.99 -60.74 -9.09
N LYS A 914 -31.70 -62.03 -9.08
CA LYS A 914 -32.47 -62.97 -8.26
C LYS A 914 -31.96 -63.03 -6.83
N SER B 4 15.59 29.80 -32.61
CA SER B 4 16.67 28.85 -32.43
C SER B 4 16.76 28.42 -30.97
N SER B 5 17.77 27.60 -30.67
CA SER B 5 18.01 27.12 -29.31
C SER B 5 19.49 27.29 -28.99
N LEU B 6 20.01 28.49 -29.23
CA LEU B 6 21.43 28.77 -29.06
C LEU B 6 21.60 29.91 -28.07
N PHE B 7 22.40 29.68 -27.03
CA PHE B 7 22.60 30.67 -25.99
C PHE B 7 23.50 31.79 -26.50
N ALA B 8 23.17 33.02 -26.12
CA ALA B 8 23.97 34.17 -26.52
C ALA B 8 25.02 34.48 -25.46
N PRO B 9 26.25 34.82 -25.85
CA PRO B 9 27.25 35.20 -24.84
C PRO B 9 26.81 36.44 -24.09
N TYR B 10 27.20 36.51 -22.82
CA TYR B 10 26.82 37.63 -21.98
C TYR B 10 27.54 38.90 -22.43
N LEU B 11 26.87 40.03 -22.25
CA LEU B 11 27.53 41.32 -22.46
C LEU B 11 28.62 41.52 -21.41
N PRO B 12 29.72 42.17 -21.78
CA PRO B 12 30.73 42.51 -20.77
C PRO B 12 30.12 43.36 -19.67
N GLN B 13 30.56 43.11 -18.43
CA GLN B 13 30.04 43.87 -17.30
C GLN B 13 30.21 45.36 -17.48
N ALA B 14 31.37 45.78 -18.02
CA ALA B 14 31.67 47.21 -18.09
C ALA B 14 30.57 48.00 -18.80
N ASN B 15 29.93 47.38 -19.81
CA ASN B 15 28.94 48.09 -20.61
C ASN B 15 27.61 48.29 -19.90
N ILE B 16 27.31 47.45 -18.91
CA ILE B 16 25.96 47.35 -18.35
C ILE B 16 25.60 48.57 -17.50
N PRO B 17 26.48 49.04 -16.60
CA PRO B 17 26.08 50.18 -15.75
C PRO B 17 25.52 51.36 -16.54
N GLU B 18 26.20 51.79 -17.60
CA GLU B 18 25.68 52.88 -18.41
C GLU B 18 24.37 52.50 -19.07
N LEU B 19 24.27 51.28 -19.59
CA LEU B 19 23.06 50.88 -20.31
C LEU B 19 21.84 50.90 -19.41
N ILE B 20 22.01 50.61 -18.11
CA ILE B 20 20.87 50.66 -17.20
C ILE B 20 20.37 52.08 -17.03
N GLN B 21 21.28 53.02 -16.74
CA GLN B 21 20.85 54.40 -16.53
C GLN B 21 20.24 54.98 -17.81
N GLU B 22 20.78 54.60 -18.97
CA GLU B 22 20.26 55.05 -20.25
C GLU B 22 18.92 54.40 -20.58
N GLY B 23 18.52 53.37 -19.84
CA GLY B 23 17.28 52.66 -20.11
C GLY B 23 17.36 51.56 -21.13
N ARG B 24 18.56 51.24 -21.62
CA ARG B 24 18.69 50.16 -22.59
C ARG B 24 18.49 48.79 -21.94
N LEU B 25 18.94 48.65 -20.69
CA LEU B 25 18.77 47.43 -19.92
C LEU B 25 18.11 47.73 -18.59
N VAL B 26 17.49 46.71 -18.00
CA VAL B 26 16.94 46.77 -16.66
C VAL B 26 17.38 45.54 -15.89
N ALA B 27 17.63 45.71 -14.59
CA ALA B 27 18.08 44.63 -13.72
C ALA B 27 16.92 44.11 -12.87
N GLY B 28 17.06 42.87 -12.42
CA GLY B 28 16.02 42.24 -11.63
C GLY B 28 16.42 40.84 -11.25
N ILE B 29 15.60 40.23 -10.41
CA ILE B 29 15.85 38.90 -9.86
C ILE B 29 15.05 37.89 -10.68
N LEU B 30 15.73 36.85 -11.16
CA LEU B 30 15.07 35.83 -11.95
C LEU B 30 14.37 34.83 -11.03
N ARG B 31 13.13 34.49 -11.41
CA ARG B 31 12.35 33.47 -10.73
C ARG B 31 11.71 32.61 -11.80
N VAL B 32 11.86 31.29 -11.71
CA VAL B 32 11.30 30.42 -12.72
C VAL B 32 9.80 30.31 -12.47
N ASN B 33 9.03 30.26 -13.54
CA ASN B 33 7.59 30.09 -13.43
C ASN B 33 7.30 28.71 -12.87
N LYS B 34 6.84 28.66 -11.62
CA LYS B 34 6.65 27.38 -10.95
C LYS B 34 5.71 26.47 -11.73
N LYS B 35 4.66 27.04 -12.34
CA LYS B 35 3.73 26.23 -13.12
C LYS B 35 4.38 25.70 -14.39
N ASN B 36 4.86 26.60 -15.24
CA ASN B 36 5.51 26.26 -16.51
C ASN B 36 7.01 26.56 -16.37
N ARG B 37 7.78 25.53 -16.01
CA ARG B 37 9.20 25.73 -15.71
C ARG B 37 10.01 26.15 -16.93
N SER B 38 9.45 26.07 -18.14
CA SER B 38 10.17 26.52 -19.31
C SER B 38 10.25 28.04 -19.38
N ASP B 39 9.42 28.74 -18.62
CA ASP B 39 9.36 30.19 -18.60
C ASP B 39 9.77 30.70 -17.23
N ALA B 40 9.96 32.02 -17.16
CA ALA B 40 10.42 32.64 -15.92
C ALA B 40 9.99 34.09 -15.91
N TRP B 41 10.04 34.69 -14.73
CA TRP B 41 9.79 36.11 -14.55
C TRP B 41 11.02 36.74 -13.92
N VAL B 42 11.22 38.02 -14.21
CA VAL B 42 12.26 38.83 -13.59
C VAL B 42 11.55 39.94 -12.83
N SER B 43 11.74 39.98 -11.52
CA SER B 43 11.11 40.99 -10.70
C SER B 43 11.98 42.24 -10.70
N THR B 44 11.35 43.38 -11.01
CA THR B 44 12.03 44.66 -11.06
C THR B 44 12.05 45.40 -9.73
N ASP B 45 11.33 44.91 -8.73
CA ASP B 45 11.34 45.48 -7.38
C ASP B 45 11.23 47.00 -7.42
N GLY B 46 10.06 47.44 -7.89
CA GLY B 46 9.78 48.86 -8.01
C GLY B 46 10.60 49.62 -9.03
N ALA B 47 11.26 48.93 -9.96
CA ALA B 47 11.91 49.58 -11.08
C ALA B 47 11.01 49.61 -12.31
N LEU B 48 9.83 49.00 -12.21
CA LEU B 48 8.81 49.02 -13.26
C LEU B 48 7.50 48.68 -12.57
N ASP B 49 6.40 48.83 -13.30
CA ASP B 49 5.09 48.58 -12.72
C ASP B 49 4.72 47.11 -12.68
N ALA B 50 5.54 46.23 -13.27
CA ALA B 50 5.23 44.81 -13.30
C ALA B 50 6.54 44.02 -13.43
N ASP B 51 6.40 42.70 -13.55
CA ASP B 51 7.53 41.81 -13.76
C ASP B 51 7.73 41.56 -15.26
N ILE B 52 8.96 41.19 -15.61
CA ILE B 52 9.34 40.97 -17.00
C ILE B 52 9.27 39.48 -17.29
N TYR B 53 8.48 39.11 -18.30
CA TYR B 53 8.31 37.72 -18.69
C TYR B 53 9.52 37.25 -19.50
N ILE B 54 10.06 36.09 -19.15
CA ILE B 54 11.19 35.49 -19.84
C ILE B 54 10.73 34.15 -20.40
N CYS B 55 10.59 34.07 -21.71
CA CYS B 55 9.97 32.91 -22.37
C CYS B 55 11.05 31.94 -22.84
N GLY B 56 10.99 30.70 -22.36
CA GLY B 56 11.83 29.63 -22.86
C GLY B 56 13.22 29.64 -22.27
N SER B 57 13.99 28.60 -22.64
CA SER B 57 15.34 28.43 -22.10
C SER B 57 16.33 29.40 -22.76
N LYS B 58 16.21 29.61 -24.06
CA LYS B 58 17.16 30.46 -24.78
C LYS B 58 17.19 31.86 -24.19
N ASP B 59 16.00 32.46 -24.00
CA ASP B 59 15.94 33.82 -23.48
C ASP B 59 16.38 33.90 -22.02
N ARG B 60 16.26 32.80 -21.27
CA ARG B 60 16.77 32.78 -19.90
C ARG B 60 18.30 32.75 -19.89
N ASN B 61 18.90 32.26 -20.97
CA ASN B 61 20.34 32.35 -21.20
C ASN B 61 21.14 31.89 -19.99
N ARG B 62 20.78 30.72 -19.48
CA ARG B 62 21.56 30.00 -18.48
C ARG B 62 21.52 30.66 -17.10
N ALA B 63 20.67 31.66 -16.89
CA ALA B 63 20.54 32.22 -15.55
C ALA B 63 19.87 31.21 -14.63
N LEU B 64 20.17 31.31 -13.34
CA LEU B 64 19.61 30.42 -12.35
C LEU B 64 18.61 31.17 -11.47
N GLU B 65 17.73 30.40 -10.84
CA GLU B 65 16.79 30.95 -9.86
C GLU B 65 17.52 31.88 -8.91
N GLY B 66 16.98 33.08 -8.74
CA GLY B 66 17.52 34.04 -7.81
C GLY B 66 18.61 34.93 -8.35
N ASP B 67 19.16 34.64 -9.53
CA ASP B 67 20.18 35.49 -10.11
C ASP B 67 19.65 36.91 -10.26
N LEU B 68 20.51 37.88 -9.99
CA LEU B 68 20.32 39.23 -10.49
C LEU B 68 20.82 39.26 -11.93
N VAL B 69 19.93 39.59 -12.86
CA VAL B 69 20.24 39.54 -14.28
C VAL B 69 20.02 40.90 -14.90
N ALA B 70 20.75 41.17 -15.97
CA ALA B 70 20.49 42.31 -16.84
C ALA B 70 19.59 41.85 -17.97
N VAL B 71 18.47 42.56 -18.16
CA VAL B 71 17.44 42.17 -19.11
C VAL B 71 17.31 43.23 -20.18
N GLU B 72 17.20 42.79 -21.43
CA GLU B 72 16.84 43.66 -22.54
C GLU B 72 15.38 43.39 -22.88
N LEU B 73 14.57 44.44 -22.89
CA LEU B 73 13.14 44.27 -23.12
C LEU B 73 12.89 43.92 -24.58
N LEU B 74 11.76 43.24 -24.82
CA LEU B 74 11.39 42.78 -26.14
C LEU B 74 9.93 43.12 -26.40
N VAL B 75 9.59 43.27 -27.68
CA VAL B 75 8.20 43.50 -28.05
C VAL B 75 7.38 42.28 -27.64
N VAL B 76 6.41 42.49 -26.75
CA VAL B 76 5.64 41.39 -26.20
C VAL B 76 4.98 40.57 -27.31
N ASP B 77 4.61 41.21 -28.41
CA ASP B 77 3.93 40.48 -29.49
C ASP B 77 4.90 39.57 -30.23
N ASP B 78 6.10 40.07 -30.54
CA ASP B 78 7.09 39.24 -31.22
C ASP B 78 7.41 37.99 -30.42
N VAL B 79 7.66 38.16 -29.12
CA VAL B 79 7.93 37.00 -28.26
C VAL B 79 6.75 36.03 -28.29
N TRP B 80 5.54 36.54 -28.04
CA TRP B 80 4.36 35.66 -28.02
C TRP B 80 4.10 35.06 -29.40
N GLU B 81 4.31 35.85 -30.46
CA GLU B 81 4.16 35.32 -31.81
C GLU B 81 5.14 34.17 -32.03
N SER B 82 6.39 34.35 -31.63
CA SER B 82 7.39 33.30 -31.74
C SER B 82 7.03 32.12 -30.84
N ASN B 151 -3.74 24.30 -25.00
CA ASN B 151 -4.77 24.18 -23.97
C ASN B 151 -4.57 22.92 -23.14
N ASP B 152 -3.39 22.79 -22.54
CA ASP B 152 -3.08 21.66 -21.67
C ASP B 152 -3.48 21.91 -20.22
N SER B 153 -3.97 23.10 -19.89
CA SER B 153 -4.35 23.43 -18.52
C SER B 153 -5.83 23.13 -18.29
N ASP B 154 -6.14 22.52 -17.15
CA ASP B 154 -7.51 22.26 -16.75
C ASP B 154 -8.05 23.31 -15.77
N SER B 155 -7.40 24.47 -15.70
CA SER B 155 -7.80 25.51 -14.76
C SER B 155 -7.87 26.86 -15.46
N LEU B 156 -8.43 26.88 -16.67
CA LEU B 156 -8.62 28.12 -17.41
C LEU B 156 -9.90 28.80 -16.94
N SER B 157 -9.80 30.10 -16.64
CA SER B 157 -10.95 30.84 -16.14
C SER B 157 -11.98 31.09 -17.24
N ARG B 166 -20.72 28.68 -21.79
CA ARG B 166 -20.99 27.45 -21.06
C ARG B 166 -21.19 26.27 -22.02
N ARG B 167 -20.39 25.22 -21.81
CA ARG B 167 -20.41 24.04 -22.66
C ARG B 167 -19.57 22.96 -21.98
N SER B 168 -19.52 21.78 -22.61
CA SER B 168 -18.68 20.70 -22.13
C SER B 168 -17.25 21.21 -21.99
N SER B 169 -16.65 20.99 -20.80
CA SER B 169 -15.38 21.61 -20.46
C SER B 169 -14.38 20.69 -19.81
N LEU B 170 -14.69 19.40 -19.67
CA LEU B 170 -13.73 18.48 -19.08
C LEU B 170 -12.47 18.41 -19.92
N LYS B 171 -11.32 18.54 -19.27
CA LYS B 171 -10.03 18.55 -19.95
C LYS B 171 -9.13 17.48 -19.36
N GLN B 172 -8.60 16.61 -20.23
CA GLN B 172 -7.63 15.60 -19.82
C GLN B 172 -6.23 16.17 -20.03
N ARG B 173 -5.52 16.38 -18.93
CA ARG B 173 -4.16 16.89 -19.03
C ARG B 173 -3.24 15.80 -19.59
N PRO B 174 -2.26 16.16 -20.41
CA PRO B 174 -1.28 15.16 -20.87
C PRO B 174 -0.49 14.61 -19.69
N THR B 175 0.07 13.41 -19.88
CA THR B 175 0.80 12.75 -18.81
C THR B 175 1.86 13.67 -18.20
N GLN B 176 2.64 14.34 -19.06
CA GLN B 176 3.70 15.22 -18.55
C GLN B 176 3.13 16.33 -17.68
N LYS B 177 2.00 16.91 -18.10
CA LYS B 177 1.38 17.97 -17.32
C LYS B 177 0.90 17.46 -15.97
N LYS B 178 0.22 16.30 -15.96
CA LYS B 178 -0.16 15.69 -14.69
C LYS B 178 1.05 15.49 -13.79
N ASN B 179 2.15 14.99 -14.36
CA ASN B 179 3.36 14.74 -13.57
C ASN B 179 3.91 16.03 -13.00
N ASP B 180 3.99 17.09 -13.83
CA ASP B 180 4.49 18.37 -13.33
C ASP B 180 3.56 18.95 -12.28
N ASP B 181 2.24 18.82 -12.49
CA ASP B 181 1.26 19.41 -11.58
C ASP B 181 1.35 18.79 -10.19
N VAL B 182 1.47 17.47 -10.10
CA VAL B 182 1.50 16.80 -8.80
C VAL B 182 2.66 17.32 -7.97
N GLU B 183 3.79 17.61 -8.63
CA GLU B 183 4.95 18.14 -7.92
C GLU B 183 4.70 19.59 -7.49
N VAL B 184 4.35 20.45 -8.44
CA VAL B 184 4.17 21.86 -8.15
C VAL B 184 3.08 22.06 -7.10
N GLU B 185 1.93 21.43 -7.32
CA GLU B 185 0.79 21.59 -6.42
C GLU B 185 0.98 20.81 -5.11
N GLY B 186 1.61 19.65 -5.16
CA GLY B 186 1.60 18.75 -4.02
C GLY B 186 2.72 18.91 -3.03
N GLN B 187 3.84 19.50 -3.42
CA GLN B 187 5.00 19.56 -2.54
C GLN B 187 5.07 20.85 -1.73
N SER B 188 4.03 21.67 -1.78
CA SER B 188 3.91 22.84 -0.91
C SER B 188 2.54 22.80 -0.24
N LEU B 189 2.41 23.56 0.84
CA LEU B 189 1.18 23.55 1.62
C LEU B 189 0.05 24.23 0.87
N LEU B 190 0.32 25.37 0.27
CA LEU B 190 -0.67 26.13 -0.49
C LEU B 190 -0.40 25.97 -1.99
N LEU B 191 -1.20 26.65 -2.80
CA LEU B 191 -1.07 26.62 -4.26
C LEU B 191 -0.49 27.96 -4.72
N VAL B 192 0.58 27.89 -5.51
CA VAL B 192 1.15 29.09 -6.12
C VAL B 192 0.27 29.53 -7.28
N GLU B 193 0.20 30.84 -7.50
CA GLU B 193 -0.52 31.40 -8.63
C GLU B 193 0.46 31.80 -9.73
N GLU B 194 -0.08 31.99 -10.93
CA GLU B 194 0.73 32.44 -12.07
C GLU B 194 -0.17 32.99 -13.19
N LYS B 200 -5.23 33.18 -25.12
CA LYS B 200 -3.79 33.42 -25.07
C LYS B 200 -3.47 34.69 -24.30
N TYR B 201 -3.05 34.53 -23.05
CA TYR B 201 -2.66 35.67 -22.23
C TYR B 201 -1.38 36.32 -22.78
N LYS B 202 -1.20 37.60 -22.42
CA LYS B 202 -0.05 38.37 -22.88
C LYS B 202 0.42 39.25 -21.73
N PRO B 203 1.71 39.21 -21.39
CA PRO B 203 2.20 40.01 -20.26
C PRO B 203 2.42 41.47 -20.66
N LEU B 204 2.66 42.29 -19.63
CA LEU B 204 2.92 43.70 -19.87
C LEU B 204 4.34 43.92 -20.38
N TYR B 205 5.30 43.14 -19.91
CA TYR B 205 6.69 43.26 -20.34
C TYR B 205 7.25 41.87 -20.64
N ALA B 206 8.24 41.82 -21.52
CA ALA B 206 8.91 40.58 -21.89
C ALA B 206 10.32 40.92 -22.35
N GLY B 207 11.27 40.02 -22.04
CA GLY B 207 12.64 40.27 -22.39
C GLY B 207 13.47 38.99 -22.42
N HIS B 208 14.78 39.17 -22.52
CA HIS B 208 15.72 38.06 -22.48
C HIS B 208 16.96 38.51 -21.71
N VAL B 209 17.62 37.53 -21.09
CA VAL B 209 18.75 37.80 -20.21
C VAL B 209 20.00 37.99 -21.04
N VAL B 210 20.67 39.14 -20.88
CA VAL B 210 21.89 39.44 -21.62
C VAL B 210 23.12 39.40 -20.74
N ALA B 211 22.96 39.26 -19.43
CA ALA B 211 24.10 39.15 -18.53
C ALA B 211 23.60 38.73 -17.16
N VAL B 212 24.45 38.00 -16.43
CA VAL B 212 24.23 37.72 -15.02
C VAL B 212 25.07 38.71 -14.23
N LEU B 213 24.42 39.55 -13.43
CA LEU B 213 25.12 40.58 -12.67
C LEU B 213 25.61 40.07 -11.33
N ASP B 214 24.83 39.22 -10.66
CA ASP B 214 25.20 38.73 -9.34
C ASP B 214 24.51 37.39 -9.09
N ARG B 215 25.18 36.55 -8.31
CA ARG B 215 24.64 35.27 -7.90
C ARG B 215 25.13 35.02 -6.48
N ILE B 216 24.20 34.69 -5.59
CA ILE B 216 24.57 34.35 -4.21
C ILE B 216 25.51 33.15 -4.24
N PRO B 217 26.69 33.22 -3.62
CA PRO B 217 27.66 32.14 -3.75
C PRO B 217 27.35 30.95 -2.82
N GLY B 218 28.00 29.83 -3.13
CA GLY B 218 27.90 28.66 -2.29
C GLY B 218 26.55 28.00 -2.26
N GLN B 219 25.78 28.11 -3.35
CA GLN B 219 24.48 27.44 -3.37
C GLN B 219 24.66 25.94 -3.53
N LEU B 220 23.82 25.19 -2.85
CA LEU B 220 23.85 23.73 -2.84
C LEU B 220 22.53 23.20 -3.36
N PHE B 221 22.59 22.00 -3.93
CA PHE B 221 21.41 21.36 -4.50
C PHE B 221 21.41 19.89 -4.10
N SER B 222 20.32 19.46 -3.48
CA SER B 222 20.14 18.06 -3.14
C SER B 222 19.43 17.35 -4.29
N GLY B 223 19.74 16.07 -4.44
CA GLY B 223 19.15 15.31 -5.53
C GLY B 223 19.80 13.96 -5.66
N THR B 224 19.52 13.32 -6.79
CA THR B 224 19.98 11.97 -7.05
C THR B 224 20.88 11.98 -8.28
N LEU B 225 21.65 10.91 -8.41
CA LEU B 225 22.67 10.76 -9.43
C LEU B 225 22.39 9.48 -10.21
N GLY B 226 22.38 9.58 -11.54
CA GLY B 226 22.10 8.43 -12.37
C GLY B 226 22.82 8.51 -13.71
N LEU B 227 22.71 7.42 -14.46
CA LEU B 227 23.24 7.34 -15.81
C LEU B 227 22.13 7.48 -16.85
N LEU B 228 22.53 7.81 -18.08
CA LEU B 228 21.59 7.93 -19.17
C LEU B 228 21.33 6.57 -19.82
N PRO B 245 30.29 6.31 -20.80
CA PRO B 245 29.64 7.12 -19.76
C PRO B 245 30.63 8.01 -19.00
N LYS B 246 30.89 9.21 -19.53
CA LYS B 246 31.79 10.15 -18.90
C LYS B 246 31.07 11.20 -18.07
N ILE B 247 29.74 11.22 -18.12
CA ILE B 247 28.95 12.19 -17.39
C ILE B 247 27.88 11.43 -16.61
N ALA B 248 27.78 11.72 -15.32
CA ALA B 248 26.66 11.28 -14.50
C ALA B 248 25.71 12.46 -14.32
N TRP B 249 24.41 12.16 -14.38
CA TRP B 249 23.40 13.20 -14.42
C TRP B 249 22.81 13.36 -13.02
N PHE B 250 22.94 14.56 -12.47
CA PHE B 250 22.41 14.88 -11.16
C PHE B 250 21.03 15.50 -11.34
N LYS B 251 20.03 14.91 -10.70
CA LYS B 251 18.65 15.38 -10.82
C LYS B 251 18.26 16.10 -9.54
N PRO B 252 18.18 17.44 -9.55
CA PRO B 252 17.84 18.15 -8.31
C PRO B 252 16.42 17.85 -7.86
N THR B 253 16.26 17.68 -6.54
CA THR B 253 14.92 17.65 -5.98
C THR B 253 14.19 18.97 -6.21
N ASP B 254 14.93 20.08 -6.26
CA ASP B 254 14.37 21.38 -6.59
C ASP B 254 14.07 21.44 -8.08
N LYS B 255 12.79 21.42 -8.43
CA LYS B 255 12.38 21.34 -9.83
C LYS B 255 12.64 22.64 -10.59
N LYS B 256 13.07 23.69 -9.91
CA LYS B 256 13.47 24.93 -10.56
C LYS B 256 14.92 24.91 -11.03
N VAL B 257 15.64 23.83 -10.77
CA VAL B 257 17.06 23.71 -11.10
C VAL B 257 17.21 22.68 -12.21
N PRO B 258 17.94 22.99 -13.28
CA PRO B 258 18.08 22.03 -14.38
C PRO B 258 18.92 20.83 -13.96
N LEU B 259 18.83 19.77 -14.76
CA LEU B 259 19.76 18.65 -14.62
C LEU B 259 21.18 19.17 -14.67
N ILE B 260 22.06 18.60 -13.85
CA ILE B 260 23.45 19.03 -13.75
C ILE B 260 24.35 17.91 -14.23
N ALA B 261 25.22 18.22 -15.18
CA ALA B 261 26.20 17.24 -15.66
C ALA B 261 27.35 17.16 -14.68
N ILE B 262 27.60 15.96 -14.18
CA ILE B 262 28.67 15.67 -13.23
C ILE B 262 29.70 14.80 -13.94
N PRO B 263 30.94 15.25 -14.12
CA PRO B 263 31.97 14.34 -14.64
C PRO B 263 32.08 13.09 -13.78
N THR B 264 32.04 11.93 -14.41
CA THR B 264 32.03 10.68 -13.66
C THR B 264 33.30 10.49 -12.83
N GLU B 265 34.37 11.23 -13.14
CA GLU B 265 35.57 11.19 -12.29
C GLU B 265 35.31 11.73 -10.90
N LEU B 266 34.19 12.43 -10.70
CA LEU B 266 33.82 12.97 -9.40
C LEU B 266 32.82 12.09 -8.66
N ALA B 267 32.14 11.19 -9.37
CA ALA B 267 31.22 10.27 -8.75
C ALA B 267 31.97 9.19 -7.98
N PRO B 268 31.28 8.48 -7.08
CA PRO B 268 31.94 7.38 -6.36
C PRO B 268 32.60 6.40 -7.32
N LYS B 269 33.68 5.78 -6.86
CA LYS B 269 34.49 4.93 -7.72
C LYS B 269 33.65 3.87 -8.42
N ASP B 270 32.79 3.18 -7.65
CA ASP B 270 31.98 2.09 -8.18
C ASP B 270 30.62 2.54 -8.67
N PHE B 271 30.49 3.80 -9.10
CA PHE B 271 29.17 4.29 -9.48
C PHE B 271 28.82 3.93 -10.92
N VAL B 272 29.78 4.03 -11.84
CA VAL B 272 29.52 3.69 -13.23
C VAL B 272 29.16 2.21 -13.34
N GLU B 273 29.72 1.38 -12.47
CA GLU B 273 29.48 -0.06 -12.51
C GLU B 273 28.23 -0.45 -11.73
N ASN B 274 27.95 0.22 -10.62
CA ASN B 274 26.82 -0.12 -9.76
C ASN B 274 25.89 1.07 -9.60
N ALA B 275 25.54 1.71 -10.71
CA ALA B 275 24.70 2.91 -10.67
C ALA B 275 23.34 2.65 -10.03
N ASP B 276 22.81 1.44 -10.18
CA ASP B 276 21.48 1.14 -9.64
C ASP B 276 21.48 1.15 -8.12
N LYS B 277 22.63 0.86 -7.49
CA LYS B 277 22.71 0.86 -6.04
C LYS B 277 22.54 2.26 -5.46
N TYR B 278 22.80 3.30 -6.24
CA TYR B 278 22.71 4.67 -5.79
C TYR B 278 21.37 5.34 -6.10
N SER B 279 20.42 4.61 -6.70
CA SER B 279 19.18 5.23 -7.14
C SER B 279 18.40 5.85 -5.99
N GLU B 280 18.55 5.33 -4.78
CA GLU B 280 17.85 5.83 -3.60
C GLU B 280 18.77 6.58 -2.64
N LYS B 281 19.91 7.05 -3.13
CA LYS B 281 20.85 7.82 -2.34
C LYS B 281 20.74 9.30 -2.69
N LEU B 282 20.88 10.16 -1.69
CA LEU B 282 20.87 11.59 -1.90
C LEU B 282 22.29 12.13 -1.92
N PHE B 283 22.60 12.93 -2.93
CA PHE B 283 23.84 13.66 -3.04
C PHE B 283 23.55 15.15 -2.99
N VAL B 284 24.57 15.93 -2.65
CA VAL B 284 24.52 17.38 -2.74
C VAL B 284 25.50 17.81 -3.81
N ALA B 285 25.05 18.71 -4.69
CA ALA B 285 25.85 19.18 -5.80
C ALA B 285 25.86 20.70 -5.79
N SER B 286 26.82 21.26 -6.53
CA SER B 286 26.87 22.68 -6.79
C SER B 286 27.15 22.87 -8.28
N ILE B 287 26.69 23.99 -8.82
CA ILE B 287 26.87 24.32 -10.23
C ILE B 287 28.14 25.16 -10.38
N LYS B 288 29.01 24.75 -11.32
CA LYS B 288 30.30 25.37 -11.54
C LYS B 288 30.34 26.32 -12.73
N ARG B 289 29.76 25.89 -13.85
CA ARG B 289 29.90 26.63 -15.10
C ARG B 289 28.77 26.19 -16.02
N TRP B 290 28.44 27.07 -16.95
CA TRP B 290 27.42 26.78 -17.96
C TRP B 290 27.74 27.62 -19.18
N PRO B 291 28.55 27.11 -20.09
CA PRO B 291 28.89 27.87 -21.30
C PRO B 291 27.78 27.79 -22.33
N ILE B 292 27.84 28.69 -23.31
CA ILE B 292 26.79 28.74 -24.32
C ILE B 292 26.74 27.46 -25.13
N THR B 293 27.81 26.68 -25.14
CA THR B 293 27.88 25.48 -25.96
C THR B 293 27.26 24.25 -25.33
N SER B 294 26.72 24.35 -24.11
CA SER B 294 26.13 23.21 -23.42
C SER B 294 24.68 23.50 -23.08
N LEU B 295 23.81 22.51 -23.29
CA LEU B 295 22.41 22.68 -22.95
C LEU B 295 22.17 22.62 -21.46
N HIS B 296 23.13 22.15 -20.67
CA HIS B 296 22.98 21.96 -19.24
C HIS B 296 24.21 22.49 -18.52
N PRO B 297 24.05 22.94 -17.28
CA PRO B 297 25.23 23.36 -16.51
C PRO B 297 26.06 22.15 -16.09
N PHE B 298 27.33 22.43 -15.80
CA PHE B 298 28.23 21.44 -15.23
C PHE B 298 28.42 21.73 -13.75
N GLY B 299 28.66 20.67 -12.98
CA GLY B 299 28.76 20.84 -11.54
C GLY B 299 29.66 19.78 -10.93
N ILE B 300 29.72 19.83 -9.60
CA ILE B 300 30.51 18.89 -8.81
C ILE B 300 29.63 18.33 -7.70
N LEU B 301 30.08 17.21 -7.15
CA LEU B 301 29.47 16.65 -5.97
C LEU B 301 30.10 17.27 -4.72
N VAL B 302 29.25 17.69 -3.80
CA VAL B 302 29.71 18.26 -2.53
C VAL B 302 29.68 17.22 -1.42
N SER B 303 28.63 16.40 -1.36
CA SER B 303 28.51 15.41 -0.30
C SER B 303 27.57 14.30 -0.75
N GLU B 304 27.70 13.15 -0.10
CA GLU B 304 26.70 12.09 -0.14
C GLU B 304 25.99 12.08 1.20
N LEU B 305 24.68 12.33 1.20
CA LEU B 305 23.97 12.50 2.46
C LEU B 305 23.52 11.17 3.05
N GLY B 306 23.06 10.23 2.22
CA GLY B 306 22.58 8.96 2.70
C GLY B 306 21.26 8.60 2.03
N ASP B 307 20.55 7.67 2.65
CA ASP B 307 19.31 7.17 2.06
C ASP B 307 18.27 8.27 1.97
N ILE B 308 17.58 8.32 0.83
CA ILE B 308 16.69 9.45 0.53
C ILE B 308 15.57 9.57 1.55
N HIS B 309 15.09 8.47 2.09
CA HIS B 309 13.97 8.50 3.03
C HIS B 309 14.38 8.17 4.46
N ASP B 310 15.67 8.20 4.76
CA ASP B 310 16.10 8.15 6.15
C ASP B 310 15.66 9.43 6.85
N PRO B 311 15.00 9.36 8.00
CA PRO B 311 14.43 10.59 8.59
C PRO B 311 15.45 11.70 8.80
N ASP B 312 16.63 11.39 9.35
CA ASP B 312 17.65 12.41 9.54
C ASP B 312 18.12 12.97 8.19
N THR B 313 18.33 12.09 7.21
CA THR B 313 18.75 12.53 5.89
C THR B 313 17.69 13.41 5.23
N GLU B 314 16.41 13.12 5.45
CA GLU B 314 15.36 13.98 4.92
C GLU B 314 15.54 15.42 5.41
N ILE B 315 15.86 15.59 6.70
CA ILE B 315 15.99 16.93 7.25
C ILE B 315 17.28 17.58 6.78
N ASP B 316 18.40 16.83 6.80
CA ASP B 316 19.65 17.37 6.27
C ASP B 316 19.50 17.82 4.83
N SER B 317 18.72 17.07 4.03
CA SER B 317 18.55 17.42 2.63
C SER B 317 17.79 18.74 2.48
N ILE B 318 16.77 18.96 3.31
CA ILE B 318 16.07 20.24 3.28
C ILE B 318 17.01 21.38 3.62
N LEU B 319 17.86 21.20 4.63
CA LEU B 319 18.79 22.26 5.00
C LEU B 319 19.79 22.52 3.88
N ARG B 320 20.41 21.46 3.34
CA ARG B 320 21.42 21.64 2.31
C ARG B 320 20.80 22.23 1.05
N ASP B 321 19.63 21.74 0.65
CA ASP B 321 18.99 22.25 -0.56
C ASP B 321 18.66 23.72 -0.43
N ASN B 322 18.40 24.19 0.79
CA ASN B 322 18.15 25.60 1.02
C ASN B 322 19.42 26.32 1.46
N ASN B 323 20.58 25.74 1.15
CA ASN B 323 21.88 26.39 1.15
C ASN B 323 22.42 26.64 2.54
N PHE B 324 21.99 25.81 3.50
CA PHE B 324 22.52 25.81 4.86
C PHE B 324 23.44 24.61 5.01
N LEU B 325 24.75 24.86 4.99
CA LEU B 325 25.71 23.81 5.28
C LEU B 325 25.90 23.63 6.77
N SER B 326 25.75 24.71 7.54
CA SER B 326 25.71 24.65 9.00
C SER B 326 27.01 24.11 9.61
N ASN B 327 28.13 24.34 8.95
CA ASN B 327 29.42 23.83 9.40
C ASN B 327 30.32 24.93 9.95
N GLU B 328 29.82 26.16 10.06
CA GLU B 328 30.67 27.30 10.38
C GLU B 328 31.27 27.23 11.78
N TYR B 329 30.72 26.41 12.67
CA TYR B 329 31.18 26.38 14.06
C TYR B 329 31.80 25.05 14.46
N LEU B 330 31.79 24.05 13.59
CA LEU B 330 32.33 22.75 13.98
C LEU B 330 33.84 22.84 14.15
N ASP B 331 34.36 22.00 15.04
CA ASP B 331 35.78 22.00 15.36
C ASP B 331 36.51 21.08 14.38
N GLN B 332 37.61 21.58 13.83
CA GLN B 332 38.41 20.77 12.91
C GLN B 332 38.83 19.46 13.57
N LYS B 333 39.30 19.53 14.82
CA LYS B 333 39.68 18.33 15.54
C LYS B 333 38.51 17.34 15.62
N ASN B 334 37.34 17.83 16.02
CA ASN B 334 36.16 16.99 16.19
C ASN B 334 34.96 17.65 15.53
N PRO B 335 34.38 17.06 14.48
CA PRO B 335 33.22 17.70 13.84
C PRO B 335 31.92 17.52 14.62
N GLN B 336 31.84 16.58 15.56
CA GLN B 336 30.63 16.38 16.33
C GLN B 336 30.37 17.56 17.28
N LYS B 337 31.43 18.23 17.72
CA LYS B 337 31.32 19.34 18.67
C LYS B 337 31.62 20.66 17.97
N GLU B 338 31.35 21.76 18.68
CA GLU B 338 31.69 23.10 18.21
C GLU B 338 33.01 23.53 18.84
N LYS B 339 33.71 24.43 18.14
CA LYS B 339 35.01 24.91 18.59
C LYS B 339 34.87 25.69 19.89
N PRO B 340 35.44 25.23 21.00
CA PRO B 340 35.26 25.95 22.27
C PRO B 340 35.69 27.41 22.23
N SER B 341 36.59 27.78 21.32
CA SER B 341 37.05 29.16 21.24
C SER B 341 35.92 30.14 20.96
N PHE B 342 34.83 29.67 20.36
CA PHE B 342 33.69 30.53 20.05
C PHE B 342 32.97 30.87 21.35
N GLN B 343 33.11 32.10 21.82
CA GLN B 343 32.54 32.52 23.08
C GLN B 343 32.15 33.98 22.97
N PRO B 344 31.09 34.41 23.65
CA PRO B 344 30.76 35.84 23.68
C PRO B 344 31.78 36.62 24.51
N LEU B 345 32.10 37.82 24.04
CA LEU B 345 33.04 38.68 24.74
C LEU B 345 32.34 39.43 25.87
N PRO B 346 32.94 39.48 27.06
CA PRO B 346 32.33 40.25 28.15
C PRO B 346 32.47 41.74 27.90
N LEU B 347 31.63 42.50 28.60
CA LEU B 347 31.64 43.95 28.49
C LEU B 347 32.67 44.55 29.44
N THR B 348 33.26 45.66 29.00
CA THR B 348 34.18 46.39 29.85
C THR B 348 33.40 47.21 30.87
N ALA B 349 34.05 47.49 32.00
CA ALA B 349 33.38 48.26 33.05
C ALA B 349 33.00 49.65 32.56
N GLU B 350 33.78 50.21 31.62
CA GLU B 350 33.44 51.50 31.05
C GLU B 350 32.05 51.48 30.42
N SER B 351 31.73 50.42 29.67
CA SER B 351 30.44 50.34 29.01
C SER B 351 29.31 50.20 30.03
N LEU B 352 29.42 49.25 30.94
CA LEU B 352 28.31 48.97 31.86
C LEU B 352 27.87 50.24 32.59
N GLU B 353 28.83 51.10 32.94
CA GLU B 353 28.50 52.32 33.69
C GLU B 353 27.61 53.26 32.88
N TYR B 354 27.77 53.30 31.56
CA TYR B 354 27.01 54.22 30.73
C TYR B 354 25.58 53.73 30.43
N ARG B 355 25.25 52.48 30.73
CA ARG B 355 23.97 51.93 30.34
C ARG B 355 22.88 52.32 31.32
N ARG B 356 21.68 52.57 30.80
CA ARG B 356 20.51 52.79 31.65
C ARG B 356 20.18 51.51 32.41
N ASN B 357 20.08 51.62 33.73
CA ASN B 357 19.99 50.46 34.60
C ASN B 357 18.53 50.15 34.90
N PHE B 358 18.10 48.92 34.58
CA PHE B 358 16.77 48.42 34.89
C PHE B 358 16.84 47.21 35.81
N THR B 359 17.84 47.16 36.70
CA THR B 359 18.07 45.97 37.52
C THR B 359 17.42 46.05 38.89
N ASP B 360 16.94 47.21 39.31
CA ASP B 360 16.27 47.33 40.62
C ASP B 360 14.92 46.64 40.54
N THR B 361 14.82 45.44 41.13
CA THR B 361 13.56 44.70 41.09
C THR B 361 12.48 45.35 41.95
N ASN B 362 12.82 46.35 42.76
CA ASN B 362 11.81 47.12 43.47
C ASN B 362 11.19 48.19 42.60
N GLU B 363 11.83 48.52 41.47
CA GLU B 363 11.33 49.54 40.56
C GLU B 363 10.75 48.99 39.28
N TYR B 364 11.26 47.87 38.78
CA TYR B 364 10.84 47.30 37.51
C TYR B 364 10.57 45.81 37.67
N ASN B 365 9.44 45.35 37.14
CA ASN B 365 9.09 43.93 37.11
C ASN B 365 9.28 43.46 35.67
N ILE B 366 10.52 43.17 35.31
CA ILE B 366 10.86 42.74 33.96
C ILE B 366 10.65 41.24 33.86
N PHE B 367 9.86 40.80 32.90
CA PHE B 367 9.76 39.38 32.62
C PHE B 367 10.28 39.09 31.22
N ALA B 368 11.15 38.10 31.13
CA ALA B 368 11.68 37.66 29.85
C ALA B 368 10.68 36.76 29.16
N ILE B 369 10.56 36.90 27.86
CA ILE B 369 9.69 36.04 27.06
C ILE B 369 10.55 34.94 26.46
N SER B 370 10.13 33.69 26.66
CA SER B 370 10.80 32.55 26.06
C SER B 370 9.91 31.96 24.99
N GLU B 371 10.54 31.41 23.96
CA GLU B 371 9.84 30.73 22.88
C GLU B 371 10.23 29.25 22.92
N LEU B 372 9.24 28.39 22.75
CA LEU B 372 9.43 26.96 22.92
C LEU B 372 10.59 26.46 22.07
N GLY B 373 11.57 25.82 22.71
CA GLY B 373 12.71 25.28 22.03
C GLY B 373 13.80 26.27 21.70
N TRP B 374 13.63 27.53 22.07
CA TRP B 374 14.53 28.63 21.71
C TRP B 374 14.92 29.38 22.97
N VAL B 375 15.83 30.33 22.81
CA VAL B 375 16.30 31.15 23.93
C VAL B 375 15.28 32.24 24.25
N SER B 376 15.60 33.07 25.23
CA SER B 376 14.87 34.30 25.51
C SER B 376 15.74 35.47 25.09
N GLU B 377 15.28 36.23 24.10
CA GLU B 377 16.03 37.39 23.62
C GLU B 377 15.26 38.69 23.75
N PHE B 378 14.05 38.66 24.30
CA PHE B 378 13.21 39.84 24.43
C PHE B 378 12.53 39.81 25.80
N ALA B 379 12.54 40.95 26.48
CA ALA B 379 11.93 41.07 27.80
C ALA B 379 11.22 42.41 27.86
N LEU B 380 10.21 42.50 28.73
CA LEU B 380 9.45 43.74 28.81
C LEU B 380 9.07 44.02 30.26
N HIS B 381 8.79 45.28 30.52
CA HIS B 381 8.15 45.66 31.78
C HIS B 381 7.08 46.70 31.49
N VAL B 382 6.11 46.73 32.42
CA VAL B 382 5.07 47.75 32.49
C VAL B 382 5.16 48.38 33.87
N ARG B 383 5.10 49.71 33.90
CA ARG B 383 5.29 50.48 35.13
C ARG B 383 4.33 51.65 35.12
N ASN B 384 3.72 51.90 36.28
CA ASN B 384 2.94 53.11 36.48
C ASN B 384 3.90 54.20 36.98
N ASN B 385 4.03 55.29 36.22
CA ASN B 385 4.92 56.37 36.59
C ASN B 385 4.31 57.33 37.61
N GLY B 386 3.00 57.26 37.84
CA GLY B 386 2.36 58.03 38.89
C GLY B 386 1.91 59.43 38.52
N ASN B 387 2.24 59.90 37.31
CA ASN B 387 1.88 61.24 36.87
C ASN B 387 0.92 61.18 35.68
N GLY B 388 -0.07 60.28 35.74
CA GLY B 388 -0.95 60.06 34.61
C GLY B 388 -0.31 59.37 33.42
N THR B 389 0.88 58.78 33.57
CA THR B 389 1.53 58.09 32.47
C THR B 389 1.92 56.69 32.91
N LEU B 390 2.01 55.79 31.94
CA LEU B 390 2.54 54.44 32.12
C LEU B 390 3.85 54.34 31.35
N GLU B 391 4.57 53.25 31.60
CA GLU B 391 5.83 53.00 30.91
C GLU B 391 5.86 51.56 30.45
N LEU B 392 6.10 51.36 29.16
CA LEU B 392 6.34 50.04 28.59
C LEU B 392 7.79 49.97 28.16
N GLY B 393 8.60 49.16 28.87
CA GLY B 393 9.99 48.97 28.53
C GLY B 393 10.12 47.70 27.68
N CYS B 394 10.83 47.83 26.57
CA CYS B 394 11.05 46.74 25.62
C CYS B 394 12.54 46.55 25.47
N HIS B 395 13.04 45.38 25.87
CA HIS B 395 14.47 45.11 26.01
C HIS B 395 14.86 43.96 25.11
N VAL B 396 15.92 44.15 24.33
CA VAL B 396 16.45 43.15 23.40
C VAL B 396 17.91 42.88 23.76
N VAL B 397 18.28 41.60 23.78
CA VAL B 397 19.66 41.23 24.03
C VAL B 397 20.59 42.02 23.12
N ASP B 398 21.63 42.60 23.71
CA ASP B 398 22.63 43.41 22.99
C ASP B 398 23.73 42.48 22.48
N VAL B 399 23.37 41.67 21.48
CA VAL B 399 24.25 40.62 21.00
C VAL B 399 25.58 41.20 20.53
N THR B 400 25.53 42.28 19.76
CA THR B 400 26.75 42.78 19.12
C THR B 400 27.74 43.38 20.12
N SER B 401 27.28 43.76 21.31
CA SER B 401 28.23 44.16 22.35
C SER B 401 29.09 42.99 22.82
N HIS B 402 28.74 41.76 22.43
CA HIS B 402 29.52 40.58 22.78
C HIS B 402 30.30 40.04 21.59
N ILE B 403 30.31 40.75 20.47
CA ILE B 403 30.94 40.29 19.22
C ILE B 403 31.73 41.45 18.63
N GLU B 404 33.01 41.21 18.36
CA GLU B 404 33.84 42.19 17.67
C GLU B 404 33.52 42.13 16.18
N GLU B 405 33.11 43.26 15.61
CA GLU B 405 32.78 43.31 14.20
C GLU B 405 33.99 42.87 13.38
N GLY B 406 33.76 41.96 12.43
CA GLY B 406 34.82 41.42 11.61
C GLY B 406 35.54 40.24 12.21
N SER B 407 35.23 39.86 13.44
CA SER B 407 35.86 38.71 14.07
C SER B 407 35.38 37.42 13.40
N SER B 408 36.01 36.31 13.80
CA SER B 408 35.64 35.02 13.24
C SER B 408 34.17 34.71 13.51
N VAL B 409 33.69 34.98 14.73
CA VAL B 409 32.29 34.70 15.04
C VAL B 409 31.38 35.57 14.19
N ASP B 410 31.69 36.85 14.06
CA ASP B 410 30.86 37.74 13.27
C ASP B 410 30.78 37.28 11.82
N ARG B 411 31.96 36.99 11.23
CA ARG B 411 32.00 36.54 9.84
C ARG B 411 31.22 35.23 9.65
N ARG B 412 31.34 34.30 10.60
CA ARG B 412 30.63 33.04 10.48
C ARG B 412 29.13 33.20 10.68
N ALA B 413 28.73 34.09 11.60
CA ALA B 413 27.32 34.37 11.78
C ALA B 413 26.74 35.09 10.56
N ARG B 414 27.52 35.98 9.96
CA ARG B 414 27.08 36.63 8.73
C ARG B 414 26.88 35.59 7.62
N LYS B 415 27.77 34.60 7.55
CA LYS B 415 27.64 33.57 6.53
C LYS B 415 26.38 32.74 6.73
N ARG B 416 26.09 32.35 7.98
CA ARG B 416 24.85 31.65 8.27
C ARG B 416 23.64 32.51 7.95
N SER B 417 23.66 33.75 8.44
CA SER B 417 22.71 34.81 8.11
C SER B 417 21.38 34.65 8.83
N SER B 418 20.80 33.45 8.82
CA SER B 418 19.54 33.23 9.52
C SER B 418 19.55 31.89 10.24
N ALA B 419 18.96 31.86 11.42
CA ALA B 419 18.65 30.59 12.05
C ALA B 419 17.51 29.94 11.26
N VAL B 420 17.36 28.62 11.42
CA VAL B 420 16.34 27.85 10.73
C VAL B 420 15.52 27.11 11.78
N PHE B 421 14.20 27.24 11.71
CA PHE B 421 13.30 26.59 12.66
C PHE B 421 12.38 25.64 11.91
N MET B 422 12.52 24.36 12.23
CA MET B 422 11.71 23.29 11.69
C MET B 422 11.07 22.54 12.85
N PRO B 423 9.92 21.90 12.63
CA PRO B 423 9.33 21.11 13.72
C PRO B 423 10.28 20.05 14.24
N GLN B 424 11.08 19.44 13.36
CA GLN B 424 11.93 18.33 13.75
C GLN B 424 13.22 18.79 14.41
N LYS B 425 13.71 19.99 14.08
CA LYS B 425 14.95 20.48 14.66
C LYS B 425 15.13 21.95 14.29
N LEU B 426 16.05 22.59 15.00
CA LEU B 426 16.41 23.96 14.71
C LEU B 426 17.92 24.07 14.55
N VAL B 427 18.34 25.06 13.77
CA VAL B 427 19.74 25.36 13.54
C VAL B 427 19.99 26.80 13.98
N ASN B 428 20.92 26.98 14.91
CA ASN B 428 21.18 28.30 15.46
C ASN B 428 21.81 29.22 14.43
N LEU B 429 21.68 30.52 14.69
CA LEU B 429 22.50 31.50 14.01
C LEU B 429 23.91 31.54 14.59
N LEU B 430 23.99 31.56 15.90
CA LEU B 430 25.23 31.75 16.64
C LEU B 430 25.71 30.43 17.23
N PRO B 431 26.94 30.40 17.73
CA PRO B 431 27.39 29.21 18.46
C PRO B 431 26.49 28.92 19.65
N GLN B 432 26.36 27.64 19.98
CA GLN B 432 25.55 27.23 21.13
C GLN B 432 25.96 28.00 22.39
N SER B 433 27.26 28.27 22.53
CA SER B 433 27.72 28.98 23.72
C SER B 433 27.09 30.36 23.84
N PHE B 434 26.77 30.99 22.71
CA PHE B 434 26.09 32.29 22.77
C PHE B 434 24.66 32.14 23.25
N ASN B 435 23.93 31.18 22.67
CA ASN B 435 22.57 30.92 23.15
C ASN B 435 22.57 30.70 24.65
N ASP B 436 23.45 29.81 25.13
CA ASP B 436 23.44 29.45 26.55
C ASP B 436 23.72 30.64 27.44
N GLU B 437 24.73 31.46 27.10
CA GLU B 437 25.13 32.51 28.03
C GLU B 437 24.33 33.79 27.88
N LEU B 438 23.78 34.06 26.69
CA LEU B 438 23.11 35.34 26.46
C LEU B 438 21.60 35.28 26.65
N SER B 439 21.02 34.08 26.71
CA SER B 439 19.58 33.98 26.89
C SER B 439 19.17 34.64 28.19
N LEU B 440 18.19 35.54 28.11
CA LEU B 440 17.71 36.24 29.30
C LEU B 440 17.14 35.23 30.29
N ALA B 441 17.45 35.44 31.58
CA ALA B 441 16.99 34.55 32.64
C ALA B 441 16.82 35.34 33.92
N PRO B 442 15.88 34.95 34.78
CA PRO B 442 15.71 35.68 36.05
C PRO B 442 16.98 35.66 36.88
N GLY B 443 17.26 36.79 37.53
CA GLY B 443 18.44 36.93 38.35
C GLY B 443 19.72 37.16 37.59
N LYS B 444 19.71 37.01 36.28
CA LYS B 444 20.91 37.18 35.45
C LYS B 444 20.94 38.60 34.90
N GLU B 445 22.05 39.29 35.11
CA GLU B 445 22.24 40.62 34.56
C GLU B 445 22.68 40.51 33.11
N SER B 446 21.99 41.21 32.21
CA SER B 446 22.24 41.11 30.78
C SER B 446 22.29 42.49 30.14
N ALA B 447 23.24 42.67 29.23
CA ALA B 447 23.31 43.88 28.43
C ALA B 447 22.24 43.83 27.34
N THR B 448 21.52 44.94 27.18
CA THR B 448 20.40 44.98 26.26
C THR B 448 20.36 46.31 25.54
N LEU B 449 19.56 46.35 24.47
CA LEU B 449 19.15 47.57 23.81
C LEU B 449 17.64 47.71 24.05
N SER B 450 17.23 48.87 24.55
CA SER B 450 15.86 49.06 25.03
C SER B 450 15.17 50.20 24.28
N VAL B 451 13.88 50.01 24.05
CA VAL B 451 12.97 51.05 23.57
C VAL B 451 11.90 51.20 24.65
N VAL B 452 11.86 52.37 25.29
CA VAL B 452 10.99 52.61 26.44
C VAL B 452 9.97 53.65 26.04
N TYR B 453 8.70 53.28 26.04
CA TYR B 453 7.61 54.18 25.69
C TYR B 453 6.99 54.73 26.96
N THR B 454 6.78 56.04 26.99
CA THR B 454 5.94 56.66 28.00
C THR B 454 4.58 56.89 27.36
N LEU B 455 3.53 56.34 27.98
CA LEU B 455 2.20 56.34 27.41
C LEU B 455 1.27 57.12 28.32
N ASP B 456 0.34 57.85 27.72
CA ASP B 456 -0.76 58.43 28.48
C ASP B 456 -1.61 57.32 29.09
N SER B 457 -1.84 57.39 30.40
CA SER B 457 -2.50 56.30 31.10
C SER B 457 -3.96 56.12 30.68
N SER B 458 -4.55 57.09 29.99
CA SER B 458 -5.94 56.99 29.57
C SER B 458 -6.10 56.65 28.10
N THR B 459 -5.32 57.28 27.23
CA THR B 459 -5.39 57.00 25.80
C THR B 459 -4.34 55.99 25.34
N LEU B 460 -3.33 55.73 26.17
CA LEU B 460 -2.17 54.91 25.83
C LEU B 460 -1.38 55.48 24.66
N ARG B 461 -1.63 56.74 24.28
CA ARG B 461 -0.80 57.39 23.28
C ARG B 461 0.61 57.57 23.80
N ILE B 462 1.57 57.45 22.90
CA ILE B 462 2.98 57.57 23.24
C ILE B 462 3.32 59.04 23.42
N LYS B 463 3.68 59.42 24.64
CA LYS B 463 4.08 60.78 24.93
C LYS B 463 5.57 60.99 24.68
N SER B 464 6.39 59.97 24.89
CA SER B 464 7.81 60.06 24.60
C SER B 464 8.37 58.66 24.44
N THR B 465 9.55 58.59 23.82
CA THR B 465 10.24 57.34 23.57
C THR B 465 11.71 57.53 23.90
N TRP B 466 12.26 56.62 24.68
CA TRP B 466 13.70 56.57 24.94
C TRP B 466 14.27 55.32 24.30
N VAL B 467 15.41 55.47 23.61
CA VAL B 467 16.11 54.35 22.97
C VAL B 467 17.57 54.44 23.37
N GLY B 468 18.12 53.34 23.85
CA GLY B 468 19.51 53.39 24.29
C GLY B 468 19.98 52.04 24.77
N GLU B 469 21.25 52.02 25.14
CA GLU B 469 21.86 50.83 25.72
C GLU B 469 21.45 50.75 27.18
N SER B 470 21.25 49.52 27.65
CA SER B 470 20.66 49.30 28.97
C SER B 470 21.19 48.00 29.56
N THR B 471 20.76 47.74 30.78
CA THR B 471 21.04 46.51 31.50
C THR B 471 19.80 46.12 32.28
N ILE B 472 19.41 44.85 32.19
CA ILE B 472 18.21 44.37 32.86
C ILE B 472 18.57 43.17 33.73
N SER B 473 17.67 42.88 34.67
CA SER B 473 17.74 41.65 35.48
C SER B 473 16.31 41.15 35.60
N PRO B 474 15.87 40.24 34.73
CA PRO B 474 14.46 39.84 34.75
C PRO B 474 14.03 39.33 36.11
N SER B 475 12.80 39.67 36.49
CA SER B 475 12.19 39.11 37.68
C SER B 475 11.49 37.79 37.39
N ASN B 476 11.04 37.61 36.16
CA ASN B 476 10.27 36.44 35.79
C ASN B 476 10.59 36.08 34.35
N ILE B 477 10.30 34.84 33.99
CA ILE B 477 10.42 34.39 32.61
C ILE B 477 9.17 33.60 32.28
N LEU B 478 8.48 34.00 31.22
CA LEU B 478 7.26 33.35 30.77
C LEU B 478 7.47 32.84 29.35
N SER B 479 6.99 31.63 29.09
CA SER B 479 6.86 31.17 27.72
C SER B 479 5.59 31.74 27.11
N LEU B 480 5.54 31.76 25.78
CA LEU B 480 4.34 32.22 25.11
C LEU B 480 3.13 31.37 25.50
N GLU B 481 3.34 30.08 25.77
CA GLU B 481 2.24 29.24 26.25
C GLU B 481 1.78 29.69 27.64
N GLN B 482 2.73 30.02 28.52
CA GLN B 482 2.37 30.50 29.85
C GLN B 482 1.67 31.86 29.75
N LEU B 483 2.15 32.74 28.87
CA LEU B 483 1.47 34.01 28.66
C LEU B 483 0.03 33.78 28.19
N ASP B 484 -0.16 32.87 27.23
CA ASP B 484 -1.50 32.56 26.74
C ASP B 484 -2.40 32.11 27.88
N GLU B 485 -1.93 31.16 28.69
CA GLU B 485 -2.72 30.68 29.81
C GLU B 485 -3.16 31.84 30.69
N LYS B 486 -2.24 32.74 31.02
CA LYS B 486 -2.56 33.81 31.95
C LYS B 486 -3.48 34.85 31.31
N LEU B 487 -3.39 35.02 29.99
CA LEU B 487 -4.25 35.97 29.30
C LEU B 487 -5.67 35.45 29.10
N SER B 488 -5.86 34.13 29.17
CA SER B 488 -7.19 33.55 29.02
C SER B 488 -7.88 33.40 30.38
N THR B 489 -7.19 32.81 31.36
CA THR B 489 -7.72 32.58 32.69
C THR B 489 -6.96 33.45 33.69
N GLY B 490 -7.36 34.72 33.77
CA GLY B 490 -6.72 35.63 34.71
C GLY B 490 -7.54 36.89 34.92
N SER B 491 -7.10 37.67 35.90
CA SER B 491 -7.77 38.91 36.24
C SER B 491 -7.83 39.84 35.03
N PRO B 492 -8.97 40.48 34.78
CA PRO B 492 -9.08 41.38 33.63
C PRO B 492 -8.38 42.72 33.82
N THR B 493 -7.82 42.98 35.00
CA THR B 493 -7.05 44.19 35.26
C THR B 493 -5.60 43.88 35.62
N SER B 494 -5.17 42.63 35.43
CA SER B 494 -3.85 42.20 35.87
C SER B 494 -2.75 42.88 35.06
N TYR B 495 -1.52 42.71 35.55
CA TYR B 495 -0.33 43.22 34.89
C TYR B 495 -0.29 42.83 33.41
N LEU B 496 -0.48 41.54 33.13
CA LEU B 496 -0.42 41.08 31.74
C LEU B 496 -1.62 41.56 30.95
N SER B 497 -2.77 41.76 31.60
CA SER B 497 -3.91 42.35 30.90
C SER B 497 -3.58 43.74 30.40
N THR B 498 -2.78 44.49 31.17
CA THR B 498 -2.36 45.81 30.73
C THR B 498 -1.41 45.71 29.54
N VAL B 499 -0.50 44.72 29.56
CA VAL B 499 0.37 44.50 28.42
C VAL B 499 -0.45 44.17 27.17
N GLN B 500 -1.48 43.33 27.32
CA GLN B 500 -2.32 43.02 26.17
C GLN B 500 -2.99 44.27 25.63
N GLU B 501 -3.52 45.12 26.52
CA GLU B 501 -4.22 46.32 26.07
C GLU B 501 -3.29 47.31 25.39
N ILE B 502 -2.04 47.41 25.87
CA ILE B 502 -1.07 48.25 25.19
C ILE B 502 -0.79 47.70 23.80
N ALA B 503 -0.56 46.38 23.71
CA ALA B 503 -0.35 45.76 22.41
C ALA B 503 -1.54 46.03 21.48
N ARG B 504 -2.76 45.92 22.00
CA ARG B 504 -3.94 46.17 21.19
C ARG B 504 -3.97 47.62 20.72
N SER B 505 -3.55 48.55 21.58
CA SER B 505 -3.55 49.96 21.19
C SER B 505 -2.52 50.25 20.11
N PHE B 506 -1.34 49.61 20.19
CA PHE B 506 -0.39 49.69 19.09
C PHE B 506 -0.98 49.13 17.80
N TYR B 507 -1.63 47.97 17.92
CA TYR B 507 -2.22 47.30 16.76
C TYR B 507 -3.31 48.15 16.14
N ALA B 508 -4.22 48.65 16.98
CA ALA B 508 -5.32 49.46 16.48
C ALA B 508 -4.82 50.69 15.74
N ARG B 509 -3.73 51.28 16.21
CA ARG B 509 -3.09 52.38 15.48
C ARG B 509 -2.45 51.89 14.19
N ARG B 510 -1.75 50.75 14.25
CA ARG B 510 -1.04 50.28 13.06
C ARG B 510 -1.99 50.03 11.90
N ILE B 511 -3.13 49.38 12.15
CA ILE B 511 -4.09 49.07 11.10
C ILE B 511 -5.19 50.11 10.99
N ASN B 512 -5.11 51.19 11.76
CA ASN B 512 -6.01 52.33 11.62
C ASN B 512 -7.45 51.95 11.93
N ASP B 513 -7.65 51.12 12.96
CA ASP B 513 -8.98 50.71 13.40
C ASP B 513 -9.03 50.80 14.92
N PRO B 514 -9.52 51.93 15.46
CA PRO B 514 -9.49 52.13 16.92
C PRO B 514 -10.11 50.99 17.73
N GLU B 515 -11.17 50.37 17.24
CA GLU B 515 -11.89 49.34 17.97
C GLU B 515 -11.27 47.96 17.77
N ALA B 516 -10.11 47.87 17.12
CA ALA B 516 -9.57 46.59 16.71
C ALA B 516 -9.23 45.71 17.90
N THR B 517 -9.51 44.41 17.76
CA THR B 517 -9.08 43.40 18.69
C THR B 517 -7.93 42.60 18.08
N LEU B 518 -7.04 42.10 18.93
CA LEU B 518 -5.84 41.43 18.44
C LEU B 518 -6.17 40.17 17.65
N LEU B 519 -7.30 39.53 17.95
CA LEU B 519 -7.81 38.43 17.13
C LEU B 519 -9.13 38.82 16.49
N PRO B 520 -9.42 38.33 15.27
CA PRO B 520 -8.58 37.42 14.50
C PRO B 520 -7.33 38.07 13.93
N THR B 521 -6.34 37.26 13.60
CA THR B 521 -5.06 37.72 13.10
C THR B 521 -4.79 37.10 11.73
N LEU B 522 -3.77 37.62 11.07
CA LEU B 522 -3.46 37.22 9.69
C LEU B 522 -2.12 36.49 9.71
N SER B 523 -2.19 35.16 9.92
CA SER B 523 -0.99 34.37 10.08
C SER B 523 -0.16 34.31 8.80
N LEU B 524 -0.81 34.30 7.64
CA LEU B 524 -0.05 34.19 6.39
C LEU B 524 0.70 35.49 6.08
N LEU B 525 0.08 36.65 6.32
CA LEU B 525 0.77 37.91 6.07
C LEU B 525 1.99 38.06 6.98
N GLU B 526 1.89 37.62 8.23
CA GLU B 526 3.05 37.61 9.12
C GLU B 526 4.21 36.85 8.48
N SER B 527 3.92 35.72 7.83
CA SER B 527 4.99 34.90 7.25
C SER B 527 5.65 35.58 6.05
N LEU B 528 5.00 36.59 5.47
CA LEU B 528 5.67 37.40 4.46
C LEU B 528 6.83 38.20 5.05
N ASP B 529 6.81 38.47 6.36
CA ASP B 529 7.89 39.22 6.98
C ASP B 529 8.87 38.37 7.77
N ASP B 530 8.45 37.27 8.38
CA ASP B 530 9.29 36.56 9.33
C ASP B 530 8.87 35.10 9.38
N GLU B 531 9.71 34.28 10.01
CA GLU B 531 9.42 32.87 10.22
C GLU B 531 9.05 32.61 11.68
N LYS B 532 8.34 31.51 11.91
CA LYS B 532 8.02 31.09 13.27
C LYS B 532 9.27 30.57 13.96
N VAL B 533 9.35 30.78 15.28
CA VAL B 533 10.39 30.21 16.11
C VAL B 533 9.88 28.88 16.65
N LYS B 534 8.76 28.93 17.35
CA LYS B 534 8.02 27.72 17.67
C LYS B 534 7.15 27.39 16.46
N VAL B 535 7.44 26.30 15.82
CA VAL B 535 6.74 25.95 14.58
C VAL B 535 5.55 25.07 14.91
N ASP B 536 4.45 25.31 14.19
CA ASP B 536 3.25 24.50 14.30
C ASP B 536 3.06 23.69 13.02
N LEU B 537 2.39 22.54 13.14
CA LEU B 537 2.03 21.76 11.97
C LEU B 537 1.11 22.54 11.04
N ASN B 538 0.36 23.50 11.57
CA ASN B 538 -0.57 24.31 10.78
C ASN B 538 -0.02 25.72 10.70
N ILE B 539 0.33 26.16 9.48
CA ILE B 539 0.88 27.49 9.29
C ILE B 539 -0.12 28.58 9.68
N LEU B 540 -1.40 28.23 9.79
CA LEU B 540 -2.42 29.20 10.17
C LEU B 540 -2.46 29.45 11.67
N ASP B 541 -1.85 28.60 12.49
CA ASP B 541 -1.96 28.75 13.93
C ASP B 541 -1.23 30.00 14.41
N ARG B 542 -1.91 30.79 15.24
CA ARG B 542 -1.30 31.88 15.99
C ARG B 542 -2.09 32.01 17.29
N THR B 543 -1.38 32.21 18.40
CA THR B 543 -2.03 32.39 19.69
C THR B 543 -2.10 33.87 20.03
N LEU B 544 -3.01 34.19 20.95
CA LEU B 544 -3.12 35.55 21.47
C LEU B 544 -1.80 36.01 22.07
N GLY B 545 -1.15 35.14 22.86
CA GLY B 545 0.11 35.52 23.47
C GLY B 545 1.15 35.93 22.45
N PHE B 546 1.31 35.11 21.40
CA PHE B 546 2.25 35.46 20.34
C PHE B 546 1.88 36.80 19.72
N VAL B 547 0.59 37.02 19.46
CA VAL B 547 0.17 38.24 18.76
C VAL B 547 0.43 39.45 19.64
N VAL B 548 0.19 39.33 20.96
CA VAL B 548 0.46 40.43 21.88
C VAL B 548 1.91 40.85 21.77
N ILE B 549 2.82 39.89 21.94
CA ILE B 549 4.25 40.18 21.90
C ILE B 549 4.67 40.60 20.50
N ASN B 550 4.06 40.02 19.47
CA ASN B 550 4.45 40.35 18.09
C ASN B 550 4.08 41.79 17.76
N GLU B 551 2.92 42.27 18.21
CA GLU B 551 2.54 43.64 17.88
C GLU B 551 3.38 44.65 18.67
N ILE B 552 3.82 44.28 19.86
CA ILE B 552 4.77 45.14 20.57
C ILE B 552 6.09 45.17 19.82
N LYS B 553 6.55 44.02 19.33
CA LYS B 553 7.80 43.97 18.58
C LYS B 553 7.70 44.74 17.27
N ARG B 554 6.53 44.71 16.62
CA ARG B 554 6.35 45.47 15.39
C ARG B 554 6.46 46.95 15.66
N LYS B 555 5.93 47.41 16.80
CA LYS B 555 6.08 48.80 17.19
C LYS B 555 7.53 49.14 17.47
N VAL B 556 8.22 48.27 18.22
CA VAL B 556 9.63 48.48 18.52
C VAL B 556 10.45 48.58 17.23
N ASN B 557 10.24 47.63 16.31
CA ASN B 557 10.98 47.67 15.04
C ASN B 557 10.70 48.96 14.28
N SER B 558 9.45 49.42 14.30
CA SER B 558 9.09 50.68 13.65
C SER B 558 9.86 51.84 14.28
N THR B 559 9.94 51.87 15.61
CA THR B 559 10.63 52.96 16.30
C THR B 559 12.10 52.96 15.95
N VAL B 560 12.74 51.78 15.95
CA VAL B 560 14.15 51.71 15.65
C VAL B 560 14.42 52.12 14.21
N ALA B 561 13.58 51.69 13.27
CA ALA B 561 13.76 52.10 11.88
C ALA B 561 13.70 53.61 11.75
N GLU B 562 12.71 54.25 12.37
CA GLU B 562 12.61 55.70 12.31
C GLU B 562 13.85 56.35 12.90
N LYS B 563 14.36 55.81 14.01
CA LYS B 563 15.52 56.40 14.68
C LYS B 563 16.76 56.32 13.78
N ILE B 564 17.03 55.14 13.21
CA ILE B 564 18.25 55.00 12.42
C ILE B 564 18.13 55.77 11.11
N TYR B 565 16.93 55.79 10.51
CA TYR B 565 16.76 56.52 9.26
C TYR B 565 16.90 58.03 9.50
N THR B 566 16.38 58.51 10.64
CA THR B 566 16.47 59.93 10.96
C THR B 566 17.92 60.41 10.92
N LYS B 567 18.85 59.62 11.46
CA LYS B 567 20.25 60.02 11.52
C LYS B 567 21.08 59.52 10.33
N LEU B 568 20.89 58.27 9.91
CA LEU B 568 21.76 57.68 8.91
C LEU B 568 21.26 57.87 7.48
N GLY B 569 19.99 58.21 7.29
CA GLY B 569 19.49 58.51 5.96
C GLY B 569 19.73 57.40 4.97
N ASP B 570 20.45 57.72 3.89
CA ASP B 570 20.63 56.80 2.77
C ASP B 570 21.34 55.51 3.16
N LEU B 571 22.02 55.48 4.31
CA LEU B 571 22.73 54.27 4.75
C LEU B 571 21.89 53.36 5.64
N ALA B 572 20.65 53.74 5.97
CA ALA B 572 19.85 52.93 6.88
C ALA B 572 19.55 51.55 6.28
N LEU B 573 19.70 50.51 7.09
CA LEU B 573 19.25 49.17 6.74
C LEU B 573 17.82 49.01 7.20
N LEU B 574 16.90 48.98 6.24
CA LEU B 574 15.46 48.95 6.47
C LEU B 574 14.89 47.67 5.88
N ARG B 575 13.57 47.53 5.98
CA ARG B 575 12.87 46.35 5.46
C ARG B 575 11.55 46.80 4.89
N ARG B 576 11.32 46.48 3.62
CA ARG B 576 10.10 46.89 2.95
C ARG B 576 9.35 45.67 2.43
N GLN B 577 8.13 45.90 1.99
CA GLN B 577 7.28 44.85 1.46
C GLN B 577 6.35 45.50 0.47
N MET B 578 6.49 45.12 -0.80
CA MET B 578 5.83 45.85 -1.87
C MET B 578 4.36 45.43 -1.98
N GLN B 579 3.54 46.38 -2.40
CA GLN B 579 2.14 46.08 -2.64
C GLN B 579 2.03 45.12 -3.81
N PRO B 580 0.93 44.40 -3.93
CA PRO B 580 0.77 43.48 -5.05
C PRO B 580 0.87 44.19 -6.38
N ILE B 581 1.46 43.50 -7.36
CA ILE B 581 1.47 43.99 -8.73
C ILE B 581 0.05 44.23 -9.19
N ALA B 582 -0.13 45.27 -10.01
CA ALA B 582 -1.47 45.71 -10.38
C ALA B 582 -2.34 44.57 -10.89
N THR B 583 -1.79 43.74 -11.79
CA THR B 583 -2.59 42.66 -12.36
C THR B 583 -3.00 41.67 -11.28
N LYS B 584 -2.10 41.35 -10.36
CA LYS B 584 -2.43 40.40 -9.31
C LYS B 584 -3.44 40.98 -8.33
N MET B 585 -3.39 42.29 -8.09
CA MET B 585 -4.41 42.92 -7.24
C MET B 585 -5.77 42.88 -7.94
N ALA B 586 -5.80 43.16 -9.25
CA ALA B 586 -7.06 43.11 -9.98
C ALA B 586 -7.67 41.72 -9.99
N SER B 587 -6.83 40.67 -10.00
CA SER B 587 -7.36 39.32 -9.93
C SER B 587 -7.96 39.04 -8.56
N PHE B 588 -7.25 39.45 -7.50
CA PHE B 588 -7.76 39.27 -6.15
C PHE B 588 -9.10 39.98 -5.98
N ARG B 589 -9.17 41.24 -6.42
CA ARG B 589 -10.42 41.99 -6.27
C ARG B 589 -11.56 41.31 -7.03
N LYS B 590 -11.28 40.83 -8.24
CA LYS B 590 -12.31 40.14 -9.01
C LYS B 590 -12.82 38.92 -8.25
N LYS B 591 -11.91 38.16 -7.62
CA LYS B 591 -12.31 36.97 -6.89
C LYS B 591 -13.25 37.33 -5.73
N ILE B 592 -12.83 38.26 -4.87
CA ILE B 592 -13.63 38.58 -3.70
C ILE B 592 -14.95 39.23 -4.10
N GLN B 593 -14.97 39.92 -5.24
CA GLN B 593 -16.24 40.47 -5.72
C GLN B 593 -17.18 39.36 -6.18
N ASN B 594 -16.64 38.34 -6.85
CA ASN B 594 -17.45 37.18 -7.19
C ASN B 594 -18.02 36.53 -5.93
N PHE B 595 -17.24 36.52 -4.84
CA PHE B 595 -17.72 36.00 -3.58
C PHE B 595 -18.82 36.86 -2.97
N GLY B 596 -18.96 38.12 -3.40
CA GLY B 596 -19.93 39.02 -2.83
C GLY B 596 -19.37 40.08 -1.90
N TYR B 597 -18.05 40.15 -1.75
CA TYR B 597 -17.40 41.16 -0.93
C TYR B 597 -16.91 42.30 -1.82
N ASN B 598 -17.31 43.52 -1.50
CA ASN B 598 -16.98 44.70 -2.30
C ASN B 598 -16.23 45.74 -1.49
N PHE B 599 -15.40 45.31 -0.54
CA PHE B 599 -14.68 46.27 0.29
C PHE B 599 -13.51 46.88 -0.47
N ASP B 600 -13.01 47.99 0.06
CA ASP B 600 -11.98 48.78 -0.62
C ASP B 600 -10.63 48.07 -0.54
N THR B 601 -9.93 47.99 -1.68
CA THR B 601 -8.64 47.34 -1.76
C THR B 601 -7.52 48.26 -2.25
N ASN B 602 -7.77 49.57 -2.32
CA ASN B 602 -6.76 50.49 -2.86
C ASN B 602 -5.62 50.76 -1.89
N THR B 603 -5.79 50.44 -0.61
CA THR B 603 -4.75 50.62 0.38
C THR B 603 -4.69 49.41 1.28
N ALA B 604 -3.48 49.12 1.78
CA ALA B 604 -3.33 48.08 2.79
C ALA B 604 -4.28 48.31 3.95
N ASP B 605 -4.45 49.58 4.34
CA ASP B 605 -5.35 49.97 5.41
C ASP B 605 -6.75 49.37 5.21
N GLU B 606 -7.42 49.76 4.13
CA GLU B 606 -8.80 49.32 3.92
C GLU B 606 -8.88 47.85 3.52
N LEU B 607 -7.88 47.34 2.80
CA LEU B 607 -7.94 45.94 2.37
C LEU B 607 -7.93 45.01 3.57
N ILE B 608 -6.98 45.19 4.48
CA ILE B 608 -6.86 44.33 5.65
C ILE B 608 -8.08 44.45 6.55
N LYS B 609 -8.59 45.68 6.74
CA LYS B 609 -9.80 45.82 7.54
C LYS B 609 -10.96 45.07 6.89
N GLY B 610 -11.02 45.07 5.55
CA GLY B 610 -12.07 44.32 4.87
C GLY B 610 -11.99 42.83 5.14
N VAL B 611 -10.77 42.28 5.16
CA VAL B 611 -10.62 40.86 5.47
C VAL B 611 -10.97 40.59 6.92
N LEU B 612 -10.41 41.38 7.84
CA LEU B 612 -10.61 41.14 9.26
C LEU B 612 -12.07 41.26 9.68
N LYS B 613 -12.87 41.99 8.91
CA LYS B 613 -14.28 42.19 9.23
C LYS B 613 -15.12 40.95 8.95
N ILE B 614 -14.63 39.99 8.17
CA ILE B 614 -15.43 38.83 7.77
C ILE B 614 -15.61 37.92 8.98
N LYS B 615 -16.87 37.68 9.36
CA LYS B 615 -17.16 36.89 10.55
C LYS B 615 -16.92 35.40 10.31
N ASP B 616 -17.28 34.89 9.13
CA ASP B 616 -17.11 33.48 8.81
C ASP B 616 -15.63 33.12 8.78
N ASP B 617 -15.20 32.27 9.71
CA ASP B 617 -13.78 31.93 9.81
C ASP B 617 -13.25 31.31 8.54
N ASP B 618 -14.02 30.42 7.91
CA ASP B 618 -13.53 29.73 6.71
C ASP B 618 -13.30 30.72 5.58
N VAL B 619 -14.26 31.61 5.36
CA VAL B 619 -14.15 32.60 4.28
C VAL B 619 -12.99 33.54 4.55
N ARG B 620 -12.86 34.02 5.79
CA ARG B 620 -11.76 34.94 6.12
C ARG B 620 -10.41 34.30 5.83
N VAL B 621 -10.25 33.03 6.18
CA VAL B 621 -9.01 32.33 5.89
C VAL B 621 -8.83 32.15 4.39
N GLY B 622 -9.91 31.81 3.69
CA GLY B 622 -9.80 31.63 2.25
C GLY B 622 -9.39 32.90 1.54
N ILE B 623 -9.96 34.03 1.93
CA ILE B 623 -9.61 35.30 1.29
C ILE B 623 -8.17 35.69 1.64
N GLU B 624 -7.72 35.40 2.86
CA GLU B 624 -6.32 35.66 3.17
C GLU B 624 -5.41 34.82 2.29
N ILE B 625 -5.75 33.54 2.06
CA ILE B 625 -4.94 32.70 1.18
C ILE B 625 -4.85 33.34 -0.20
N LEU B 626 -5.98 33.78 -0.74
CA LEU B 626 -5.97 34.44 -2.04
C LEU B 626 -5.09 35.68 -2.01
N LEU B 627 -5.20 36.49 -0.96
CA LEU B 627 -4.35 37.67 -0.84
C LEU B 627 -2.89 37.29 -0.72
N PHE B 628 -2.59 36.29 0.12
CA PHE B 628 -1.21 35.89 0.37
C PHE B 628 -0.49 35.52 -0.92
N LYS B 629 -1.20 34.88 -1.86
CA LYS B 629 -0.51 34.43 -3.07
C LYS B 629 -0.16 35.56 -4.02
N THR B 630 -0.72 36.76 -3.84
CA THR B 630 -0.43 37.89 -4.71
C THR B 630 0.80 38.69 -4.28
N MET B 631 1.45 38.30 -3.18
CA MET B 631 2.42 39.18 -2.56
C MET B 631 3.77 38.50 -2.37
N PRO B 632 4.86 39.19 -2.66
CA PRO B 632 6.19 38.66 -2.35
C PRO B 632 6.52 38.85 -0.88
N ARG B 633 7.54 38.11 -0.44
CA ARG B 633 8.05 38.31 0.90
C ARG B 633 8.69 39.69 1.02
N ALA B 634 8.81 40.17 2.26
CA ALA B 634 9.49 41.42 2.52
C ALA B 634 10.95 41.31 2.13
N ARG B 635 11.62 42.46 2.03
CA ARG B 635 13.03 42.53 1.63
C ARG B 635 13.77 43.55 2.48
N TYR B 636 14.93 43.14 3.00
CA TYR B 636 15.89 44.12 3.50
C TYR B 636 16.38 44.97 2.33
N PHE B 637 16.69 46.23 2.62
CA PHE B 637 17.19 47.14 1.59
C PHE B 637 17.90 48.29 2.26
N ILE B 638 18.75 48.96 1.49
CA ILE B 638 19.45 50.16 1.96
C ILE B 638 18.73 51.37 1.39
N ALA B 639 18.41 52.33 2.27
CA ALA B 639 17.49 53.40 1.90
C ALA B 639 17.94 54.12 0.65
N GLY B 640 19.24 54.40 0.53
CA GLY B 640 19.78 55.15 -0.60
C GLY B 640 19.74 54.42 -1.92
N LYS B 641 19.47 53.12 -1.91
CA LYS B 641 19.38 52.34 -3.14
C LYS B 641 17.96 52.20 -3.67
N VAL B 642 16.97 52.77 -2.98
CA VAL B 642 15.57 52.54 -3.31
C VAL B 642 14.84 53.88 -3.37
N ASP B 643 13.85 53.96 -4.24
CA ASP B 643 13.06 55.18 -4.37
C ASP B 643 12.35 55.46 -3.05
N PRO B 644 12.48 56.68 -2.49
CA PRO B 644 11.91 56.96 -1.16
C PRO B 644 10.39 56.88 -1.07
N ASP B 645 9.68 56.78 -2.20
CA ASP B 645 8.25 56.51 -2.16
C ASP B 645 7.93 55.03 -1.99
N GLN B 646 8.94 54.17 -1.91
CA GLN B 646 8.71 52.73 -1.85
C GLN B 646 9.37 52.11 -0.63
N TYR B 647 9.47 52.84 0.48
CA TYR B 647 9.98 52.28 1.72
C TYR B 647 8.92 51.51 2.50
N GLY B 648 7.66 51.56 2.06
CA GLY B 648 6.58 51.04 2.87
C GLY B 648 6.60 49.53 2.97
N HIS B 649 6.06 49.04 4.08
CA HIS B 649 5.86 47.62 4.33
C HIS B 649 4.35 47.40 4.20
N TYR B 650 3.92 46.98 3.01
CA TYR B 650 2.49 46.93 2.72
C TYR B 650 1.76 46.01 3.70
N ALA B 651 2.28 44.80 3.90
CA ALA B 651 1.56 43.84 4.73
C ALA B 651 1.37 44.34 6.15
N LEU B 652 2.29 45.15 6.65
CA LEU B 652 2.19 45.72 8.00
C LEU B 652 1.60 47.12 8.00
N ASN B 653 1.30 47.69 6.84
CA ASN B 653 0.79 49.05 6.73
C ASN B 653 1.69 50.05 7.46
N LEU B 654 3.00 49.84 7.34
CA LEU B 654 3.96 50.73 7.98
C LEU B 654 4.75 51.50 6.93
N PRO B 655 4.96 52.81 7.14
CA PRO B 655 5.72 53.60 6.16
C PRO B 655 7.20 53.32 6.18
N ILE B 656 7.73 52.79 7.27
CA ILE B 656 9.15 52.46 7.37
C ILE B 656 9.27 51.35 8.41
N TYR B 657 10.26 50.49 8.23
CA TYR B 657 10.38 49.31 9.07
C TYR B 657 11.80 48.79 9.01
N THR B 658 12.18 47.98 9.99
CA THR B 658 13.43 47.23 9.92
C THR B 658 13.33 46.07 10.91
N HIS B 659 14.42 45.34 11.08
CA HIS B 659 14.46 44.19 11.98
C HIS B 659 15.48 44.42 13.08
N PHE B 660 14.99 44.45 14.33
CA PHE B 660 15.80 44.77 15.51
C PHE B 660 15.56 43.82 16.67
N THR B 661 14.44 43.09 16.70
CA THR B 661 13.97 42.40 17.89
C THR B 661 14.42 40.94 17.98
N ALA B 662 15.22 40.44 17.05
CA ALA B 662 15.60 39.02 17.03
C ALA B 662 17.04 38.83 16.59
N PRO B 663 17.99 39.45 17.31
CA PRO B 663 19.41 39.30 16.94
C PRO B 663 19.96 37.90 17.16
N MET B 664 19.31 37.05 17.95
CA MET B 664 19.80 35.69 18.15
C MET B 664 19.49 34.77 16.98
N ARG B 665 18.61 35.17 16.06
CA ARG B 665 18.27 34.33 14.93
C ARG B 665 18.30 35.02 13.58
N ARG B 666 18.51 36.34 13.53
CA ARG B 666 18.59 37.09 12.28
C ARG B 666 19.87 37.92 12.29
N TYR B 667 20.71 37.75 11.27
CA TYR B 667 21.92 38.56 11.21
C TYR B 667 21.65 39.99 10.79
N ALA B 668 20.57 40.24 10.02
CA ALA B 668 20.24 41.61 9.67
C ALA B 668 20.14 42.47 10.92
N ASP B 669 19.58 41.91 12.00
CA ASP B 669 19.46 42.65 13.24
C ASP B 669 20.82 43.08 13.78
N HIS B 670 21.87 42.29 13.51
CA HIS B 670 23.21 42.68 13.93
C HIS B 670 23.62 43.99 13.26
N VAL B 671 23.44 44.08 11.94
CA VAL B 671 23.76 45.31 11.24
C VAL B 671 22.92 46.46 11.78
N VAL B 672 21.62 46.22 11.96
CA VAL B 672 20.73 47.26 12.48
C VAL B 672 21.17 47.69 13.87
N HIS B 673 21.57 46.74 14.73
CA HIS B 673 22.01 47.09 16.07
C HIS B 673 23.23 47.99 16.03
N ARG B 674 24.20 47.67 15.17
CA ARG B 674 25.39 48.50 15.05
C ARG B 674 25.05 49.87 14.48
N GLN B 675 24.08 49.95 13.56
CA GLN B 675 23.64 51.25 13.08
C GLN B 675 22.98 52.05 14.19
N LEU B 676 22.17 51.38 15.03
CA LEU B 676 21.52 52.10 16.12
C LEU B 676 22.54 52.59 17.14
N LYS B 677 23.54 51.78 17.46
CA LYS B 677 24.57 52.21 18.39
C LYS B 677 25.32 53.42 17.85
N ALA B 678 25.60 53.44 16.54
CA ALA B 678 26.20 54.63 15.95
C ALA B 678 25.35 55.86 16.23
N VAL B 679 24.04 55.75 16.04
CA VAL B 679 23.13 56.86 16.33
C VAL B 679 23.16 57.19 17.82
N ILE B 680 23.07 56.16 18.66
CA ILE B 680 23.05 56.38 20.11
C ILE B 680 24.27 57.16 20.55
N HIS B 681 25.46 56.68 20.20
CA HIS B 681 26.70 57.32 20.61
C HIS B 681 27.09 58.48 19.70
N ASP B 682 26.25 58.82 18.72
CA ASP B 682 26.52 59.94 17.82
C ASP B 682 27.91 59.82 17.20
N THR B 683 28.31 58.58 16.89
CA THR B 683 29.58 58.38 16.21
C THR B 683 29.39 58.34 14.70
N PRO B 684 30.39 58.72 13.92
CA PRO B 684 30.22 58.75 12.46
C PRO B 684 30.06 57.34 11.92
N TYR B 685 29.04 57.16 11.08
CA TYR B 685 28.77 55.88 10.44
C TYR B 685 29.25 55.98 8.99
N THR B 686 30.34 55.26 8.68
CA THR B 686 31.04 55.43 7.41
C THR B 686 31.06 54.14 6.59
N GLU B 687 30.06 53.29 6.76
CA GLU B 687 29.99 52.06 5.98
C GLU B 687 29.64 52.38 4.53
N ASP B 688 30.22 51.64 3.61
CA ASP B 688 29.93 51.84 2.19
C ASP B 688 28.51 51.37 1.88
N MET B 689 27.78 52.20 1.11
CA MET B 689 26.41 51.86 0.76
C MET B 689 26.35 50.61 -0.11
N GLU B 690 27.31 50.43 -1.02
CA GLU B 690 27.27 49.26 -1.89
C GLU B 690 27.59 48.00 -1.11
N ALA B 691 28.52 48.07 -0.14
CA ALA B 691 28.76 46.93 0.73
C ALA B 691 27.51 46.58 1.54
N LEU B 692 26.79 47.60 2.03
CA LEU B 692 25.56 47.35 2.77
C LEU B 692 24.49 46.75 1.89
N LYS B 693 24.42 47.18 0.62
CA LYS B 693 23.46 46.60 -0.31
C LYS B 693 23.70 45.10 -0.47
N ILE B 694 24.97 44.70 -0.64
CA ILE B 694 25.28 43.29 -0.79
C ILE B 694 24.93 42.53 0.48
N THR B 695 25.16 43.16 1.63
CA THR B 695 24.82 42.53 2.90
C THR B 695 23.31 42.29 2.99
N SER B 696 22.52 43.30 2.61
CA SER B 696 21.06 43.17 2.70
C SER B 696 20.55 42.10 1.74
N GLU B 697 21.11 42.04 0.53
CA GLU B 697 20.62 41.08 -0.45
C GLU B 697 20.97 39.66 -0.06
N TYR B 698 22.16 39.45 0.54
CA TYR B 698 22.50 38.13 1.06
C TYR B 698 21.55 37.75 2.20
N CYS B 699 21.26 38.69 3.10
CA CYS B 699 20.30 38.43 4.16
C CYS B 699 18.95 38.01 3.59
N ASN B 700 18.51 38.68 2.53
CA ASN B 700 17.26 38.32 1.88
C ASN B 700 17.28 36.88 1.39
N PHE B 701 18.36 36.51 0.70
CA PHE B 701 18.44 35.18 0.11
C PHE B 701 18.37 34.11 1.19
N LYS B 702 19.22 34.24 2.21
CA LYS B 702 19.31 33.27 3.29
C LYS B 702 18.04 33.22 4.11
N LYS B 703 17.40 34.37 4.32
CA LYS B 703 16.18 34.41 5.10
C LYS B 703 15.03 33.74 4.36
N ASP B 704 14.93 33.96 3.05
CA ASP B 704 13.88 33.28 2.30
C ASP B 704 14.15 31.77 2.24
N CYS B 705 15.43 31.37 2.23
CA CYS B 705 15.77 29.96 2.31
C CYS B 705 15.34 29.37 3.65
N ALA B 706 15.54 30.13 4.74
CA ALA B 706 15.11 29.65 6.05
C ALA B 706 13.60 29.47 6.08
N TYR B 707 12.88 30.39 5.44
CA TYR B 707 11.44 30.26 5.32
C TYR B 707 11.06 29.01 4.54
N GLN B 708 11.70 28.81 3.39
CA GLN B 708 11.39 27.63 2.58
C GLN B 708 11.69 26.34 3.34
N ALA B 709 12.82 26.31 4.06
CA ALA B 709 13.15 25.12 4.84
C ALA B 709 12.09 24.84 5.89
N GLN B 710 11.60 25.89 6.56
CA GLN B 710 10.58 25.69 7.60
C GLN B 710 9.31 25.09 7.01
N GLU B 711 8.83 25.64 5.89
CA GLU B 711 7.59 25.13 5.32
C GLU B 711 7.79 23.75 4.70
N GLN B 712 8.96 23.49 4.11
CA GLN B 712 9.21 22.14 3.58
C GLN B 712 9.21 21.11 4.69
N ALA B 713 9.81 21.45 5.84
CA ALA B 713 9.85 20.50 6.95
C ALA B 713 8.47 20.32 7.58
N ILE B 714 7.68 21.39 7.68
CA ILE B 714 6.29 21.24 8.11
C ILE B 714 5.56 20.28 7.18
N HIS B 715 5.69 20.53 5.87
CA HIS B 715 5.00 19.75 4.86
C HIS B 715 5.39 18.28 4.96
N LEU B 716 6.68 18.01 5.22
CA LEU B 716 7.16 16.64 5.35
C LEU B 716 6.49 15.93 6.52
N LEU B 717 6.51 16.56 7.71
CA LEU B 717 5.92 15.93 8.87
C LEU B 717 4.42 15.82 8.74
N LEU B 718 3.78 16.79 8.08
CA LEU B 718 2.33 16.71 7.87
C LEU B 718 1.97 15.54 6.98
N CYS B 719 2.76 15.30 5.93
CA CYS B 719 2.48 14.15 5.06
C CYS B 719 2.65 12.84 5.82
N LYS B 720 3.71 12.72 6.63
CA LYS B 720 3.86 11.55 7.48
C LYS B 720 2.68 11.40 8.42
N THR B 721 2.18 12.53 8.96
CA THR B 721 1.06 12.51 9.89
C THR B 721 -0.23 12.08 9.19
N ILE B 722 -0.47 12.58 7.98
CA ILE B 722 -1.66 12.19 7.23
C ILE B 722 -1.67 10.68 6.97
N ASN B 723 -0.51 10.12 6.61
CA ASN B 723 -0.48 8.68 6.32
C ASN B 723 -0.55 7.86 7.59
N ASP B 724 -0.05 8.39 8.71
CA ASP B 724 -0.20 7.68 9.98
C ASP B 724 -1.64 7.78 10.47
N MET B 725 -2.30 8.91 10.25
CA MET B 725 -3.72 9.02 10.58
C MET B 725 -4.55 8.04 9.75
N GLY B 726 -4.06 7.66 8.57
CA GLY B 726 -4.74 6.69 7.73
C GLY B 726 -4.04 5.35 7.74
N ASN B 727 -3.63 4.89 8.92
CA ASN B 727 -2.79 3.69 9.01
C ASN B 727 -3.40 2.50 8.27
N THR B 728 -4.72 2.34 8.34
CA THR B 728 -5.38 1.27 7.60
C THR B 728 -6.03 1.74 6.31
N THR B 729 -6.48 2.99 6.27
CA THR B 729 -7.21 3.49 5.12
C THR B 729 -6.30 4.14 4.08
N GLY B 730 -5.07 4.49 4.45
CA GLY B 730 -4.16 5.12 3.52
C GLY B 730 -4.63 6.45 2.97
N GLN B 731 -5.63 7.06 3.59
CA GLN B 731 -6.25 8.25 3.02
C GLN B 731 -7.24 8.79 4.04
N LEU B 732 -7.50 10.10 3.98
CA LEU B 732 -8.44 10.74 4.88
C LEU B 732 -9.62 11.32 4.12
N LEU B 733 -10.74 11.46 4.84
CA LEU B 733 -11.94 12.10 4.31
C LEU B 733 -12.30 13.23 5.24
N THR B 734 -12.39 14.44 4.70
CA THR B 734 -12.70 15.60 5.53
C THR B 734 -13.50 16.59 4.70
N MET B 735 -14.28 17.41 5.40
CA MET B 735 -14.95 18.53 4.76
C MET B 735 -13.94 19.63 4.46
N ALA B 736 -14.05 20.21 3.27
CA ALA B 736 -13.21 21.31 2.82
C ALA B 736 -14.11 22.39 2.23
N THR B 737 -13.53 23.56 1.99
CA THR B 737 -14.25 24.68 1.40
C THR B 737 -13.69 24.97 0.01
N VAL B 738 -14.59 25.18 -0.95
CA VAL B 738 -14.19 25.52 -2.31
C VAL B 738 -13.76 26.98 -2.35
N LEU B 739 -12.56 27.23 -2.87
CA LEU B 739 -12.00 28.58 -2.95
C LEU B 739 -12.06 29.17 -4.35
N GLN B 740 -11.81 28.36 -5.38
CA GLN B 740 -11.91 28.81 -6.76
C GLN B 740 -12.43 27.65 -7.60
N VAL B 741 -13.24 27.97 -8.61
CA VAL B 741 -13.78 26.99 -9.53
C VAL B 741 -13.28 27.33 -10.93
N TYR B 742 -12.89 26.30 -11.69
CA TYR B 742 -12.40 26.49 -13.05
C TYR B 742 -13.17 25.57 -13.99
N GLU B 743 -12.80 25.62 -15.28
CA GLU B 743 -13.53 24.87 -16.30
C GLU B 743 -13.45 23.37 -16.07
N SER B 744 -12.33 22.86 -15.56
CA SER B 744 -12.19 21.42 -15.38
C SER B 744 -11.49 21.08 -14.07
N SER B 745 -11.53 21.97 -13.08
CA SER B 745 -10.85 21.74 -11.81
C SER B 745 -11.39 22.77 -10.83
N PHE B 746 -11.01 22.61 -9.56
CA PHE B 746 -11.35 23.60 -8.54
C PHE B 746 -10.40 23.44 -7.37
N ASP B 747 -10.17 24.55 -6.67
CA ASP B 747 -9.27 24.58 -5.51
C ASP B 747 -10.09 24.48 -4.23
N VAL B 748 -9.56 23.73 -3.27
CA VAL B 748 -10.15 23.61 -1.94
C VAL B 748 -9.07 23.96 -0.91
N PHE B 749 -9.52 24.46 0.23
CA PHE B 749 -8.61 24.64 1.37
C PHE B 749 -9.23 24.02 2.61
N ILE B 750 -8.35 23.63 3.53
CA ILE B 750 -8.73 22.90 4.74
C ILE B 750 -8.11 23.66 5.90
N PRO B 751 -8.85 24.55 6.57
CA PRO B 751 -8.23 25.36 7.62
C PRO B 751 -7.61 24.52 8.74
N GLU B 752 -8.17 23.35 9.01
CA GLU B 752 -7.64 22.52 10.09
C GLU B 752 -6.23 22.01 9.80
N PHE B 753 -5.86 21.93 8.52
CA PHE B 753 -4.53 21.50 8.11
C PHE B 753 -3.65 22.62 7.58
N GLY B 754 -4.23 23.78 7.27
CA GLY B 754 -3.45 24.85 6.66
C GLY B 754 -2.91 24.49 5.30
N ILE B 755 -3.72 23.84 4.46
CA ILE B 755 -3.29 23.49 3.11
C ILE B 755 -4.37 23.90 2.11
N GLU B 756 -3.93 24.12 0.88
CA GLU B 756 -4.79 24.47 -0.24
C GLU B 756 -4.35 23.60 -1.41
N LYS B 757 -5.29 22.86 -2.00
CA LYS B 757 -4.96 21.91 -3.05
C LYS B 757 -6.03 21.95 -4.13
N ARG B 758 -5.75 21.30 -5.26
CA ARG B 758 -6.59 21.39 -6.45
C ARG B 758 -7.15 20.01 -6.81
N VAL B 759 -8.47 19.94 -6.95
CA VAL B 759 -9.14 18.76 -7.45
C VAL B 759 -9.16 18.83 -8.97
N HIS B 760 -8.63 17.81 -9.63
CA HIS B 760 -8.55 17.77 -11.08
C HIS B 760 -9.62 16.83 -11.63
N GLY B 761 -10.40 17.33 -12.60
CA GLY B 761 -11.46 16.53 -13.17
C GLY B 761 -10.96 15.26 -13.81
N ASP B 762 -9.79 15.32 -14.45
CA ASP B 762 -9.23 14.16 -15.14
C ASP B 762 -8.67 13.11 -14.20
N GLN B 763 -8.84 13.26 -12.89
CA GLN B 763 -8.48 12.24 -11.93
C GLN B 763 -9.70 11.71 -11.19
N LEU B 764 -10.89 12.10 -11.62
CA LEU B 764 -12.15 11.65 -11.04
C LEU B 764 -12.92 10.81 -12.04
N PRO B 765 -13.71 9.83 -11.59
CA PRO B 765 -14.51 9.03 -12.53
C PRO B 765 -15.70 9.79 -13.09
N LEU B 766 -15.46 10.62 -14.10
CA LEU B 766 -16.47 11.48 -14.69
C LEU B 766 -16.81 11.05 -16.10
N ILE B 767 -17.99 11.46 -16.55
CA ILE B 767 -18.38 11.39 -17.95
C ILE B 767 -18.16 12.72 -18.67
N LYS B 768 -18.46 13.83 -18.01
CA LYS B 768 -18.24 15.15 -18.60
C LYS B 768 -18.25 16.18 -17.49
N ALA B 769 -18.10 17.44 -17.88
CA ALA B 769 -18.23 18.56 -16.96
C ALA B 769 -18.75 19.76 -17.74
N GLU B 770 -19.48 20.63 -17.05
CA GLU B 770 -20.01 21.85 -17.64
C GLU B 770 -19.65 23.02 -16.73
N PHE B 771 -19.20 24.12 -17.33
CA PHE B 771 -18.69 25.25 -16.58
C PHE B 771 -19.44 26.52 -16.99
N ASP B 772 -19.95 27.24 -15.99
CA ASP B 772 -20.67 28.50 -16.20
C ASP B 772 -19.77 29.63 -15.69
N GLY B 773 -19.09 30.30 -16.62
CA GLY B 773 -18.14 31.34 -16.27
C GLY B 773 -18.77 32.60 -15.71
N THR B 774 -20.04 32.85 -16.02
CA THR B 774 -20.70 34.04 -15.51
C THR B 774 -21.05 33.90 -14.03
N ASN B 775 -21.65 32.77 -13.65
CA ASN B 775 -22.06 32.51 -12.27
C ASN B 775 -21.05 31.70 -11.48
N ARG B 776 -19.90 31.36 -12.08
CA ARG B 776 -18.83 30.64 -11.40
C ARG B 776 -19.32 29.30 -10.81
N VAL B 777 -19.77 28.43 -11.70
CA VAL B 777 -20.32 27.13 -11.27
C VAL B 777 -19.81 26.03 -12.20
N LEU B 778 -19.24 24.98 -11.60
CA LEU B 778 -18.77 23.81 -12.33
C LEU B 778 -19.66 22.63 -11.98
N GLU B 779 -20.23 21.99 -13.01
CA GLU B 779 -21.12 20.85 -12.85
C GLU B 779 -20.40 19.57 -13.30
N LEU B 780 -20.12 18.70 -12.35
CA LEU B 780 -19.49 17.41 -12.63
C LEU B 780 -20.56 16.36 -12.94
N HIS B 781 -20.37 15.63 -14.04
CA HIS B 781 -21.22 14.49 -14.39
C HIS B 781 -20.47 13.22 -14.02
N TRP B 782 -20.85 12.62 -12.90
CA TRP B 782 -20.12 11.50 -12.34
C TRP B 782 -20.50 10.18 -13.00
N GLN B 783 -19.56 9.24 -12.97
CA GLN B 783 -19.88 7.84 -13.23
C GLN B 783 -20.54 7.27 -11.99
N PRO B 784 -21.81 6.87 -12.04
CA PRO B 784 -22.48 6.41 -10.82
C PRO B 784 -21.79 5.19 -10.24
N GLY B 785 -21.68 5.17 -8.91
CA GLY B 785 -21.19 4.01 -8.20
C GLY B 785 -19.69 3.83 -8.19
N VAL B 786 -18.93 4.71 -8.82
CA VAL B 786 -17.48 4.58 -8.90
C VAL B 786 -16.86 5.36 -7.75
N ASP B 787 -16.18 4.65 -6.85
CA ASP B 787 -15.61 5.28 -5.65
C ASP B 787 -14.38 6.09 -6.02
N SER B 788 -14.42 7.39 -5.68
CA SER B 788 -13.27 8.27 -5.92
C SER B 788 -12.05 7.86 -5.11
N ALA B 789 -12.25 7.25 -3.95
CA ALA B 789 -11.13 6.90 -3.09
C ALA B 789 -10.19 5.93 -3.77
N THR B 790 -10.72 5.06 -4.63
CA THR B 790 -9.93 4.00 -5.25
C THR B 790 -9.84 4.10 -6.77
N PHE B 791 -10.39 5.14 -7.38
CA PHE B 791 -10.41 5.23 -8.83
C PHE B 791 -9.02 5.56 -9.38
N ILE B 792 -8.61 4.81 -10.38
CA ILE B 792 -7.32 5.03 -11.05
C ILE B 792 -7.62 5.40 -12.51
N PRO B 793 -7.43 6.65 -12.91
CA PRO B 793 -7.68 7.01 -14.31
C PRO B 793 -6.92 6.11 -15.26
N ALA B 794 -7.53 5.80 -16.40
CA ALA B 794 -6.87 4.93 -17.38
C ALA B 794 -5.53 5.51 -17.80
N ASP B 795 -5.45 6.83 -17.97
CA ASP B 795 -4.22 7.44 -18.45
C ASP B 795 -3.10 7.42 -17.41
N GLU B 796 -3.40 7.06 -16.16
CA GLU B 796 -2.40 6.98 -15.11
C GLU B 796 -1.93 5.55 -14.86
N LYS B 797 -2.40 4.59 -15.66
CA LYS B 797 -1.87 3.24 -15.65
C LYS B 797 -0.66 3.09 -16.57
N ASN B 798 -0.35 4.13 -17.34
CA ASN B 798 0.87 4.16 -18.14
C ASN B 798 2.10 4.13 -17.23
N PRO B 799 3.11 3.30 -17.54
CA PRO B 799 4.35 3.34 -16.75
C PRO B 799 5.06 4.69 -16.80
N LYS B 800 4.65 5.60 -17.66
CA LYS B 800 5.19 6.96 -17.67
C LYS B 800 4.54 7.86 -16.64
N SER B 801 3.45 7.43 -16.01
CA SER B 801 2.78 8.27 -15.03
C SER B 801 3.59 8.34 -13.74
N TYR B 802 3.54 9.51 -13.10
CA TYR B 802 4.15 9.66 -11.78
C TYR B 802 3.64 8.62 -10.80
N ARG B 803 2.41 8.14 -11.00
CA ARG B 803 1.80 7.22 -10.06
C ARG B 803 2.65 5.98 -9.87
N ASN B 804 3.36 5.55 -10.92
CA ASN B 804 4.20 4.36 -10.81
C ASN B 804 5.34 4.54 -9.83
N SER B 805 5.77 5.77 -9.57
CA SER B 805 6.84 6.01 -8.61
C SER B 805 6.30 6.31 -7.21
N ILE B 806 4.99 6.34 -7.04
CA ILE B 806 4.39 6.48 -5.71
C ILE B 806 4.39 5.13 -5.03
N LYS B 807 4.94 5.07 -3.81
CA LYS B 807 5.07 3.78 -3.14
C LYS B 807 3.77 3.32 -2.49
N ASN B 808 2.95 4.24 -1.97
CA ASN B 808 1.76 3.82 -1.25
C ASN B 808 0.55 3.84 -2.17
N LYS B 809 -0.46 3.06 -1.77
CA LYS B 809 -1.65 2.81 -2.58
C LYS B 809 -2.90 3.04 -1.75
N PHE B 810 -4.03 3.14 -2.44
CA PHE B 810 -5.31 3.51 -1.83
C PHE B 810 -6.29 2.37 -2.05
N ARG B 811 -6.54 1.61 -0.99
CA ARG B 811 -7.35 0.40 -1.10
C ARG B 811 -8.71 0.52 -0.43
N SER B 812 -8.79 1.16 0.74
CA SER B 812 -10.05 1.16 1.46
C SER B 812 -11.08 2.01 0.72
N THR B 813 -12.35 1.66 0.90
CA THR B 813 -13.43 2.40 0.29
C THR B 813 -13.75 3.67 1.07
N ALA B 814 -14.44 4.59 0.40
CA ALA B 814 -14.88 5.80 1.07
C ALA B 814 -15.78 5.47 2.26
N ALA B 815 -16.68 4.49 2.10
CA ALA B 815 -17.54 4.10 3.21
C ALA B 815 -16.73 3.63 4.41
N GLU B 816 -15.70 2.82 4.17
CA GLU B 816 -14.86 2.36 5.26
C GLU B 816 -14.13 3.52 5.93
N ILE B 817 -13.63 4.47 5.14
CA ILE B 817 -12.95 5.63 5.72
C ILE B 817 -13.90 6.42 6.59
N ALA B 818 -15.12 6.66 6.09
CA ALA B 818 -16.09 7.43 6.85
C ALA B 818 -16.45 6.74 8.16
N ASN B 819 -16.71 5.42 8.11
CA ASN B 819 -17.07 4.68 9.31
C ASN B 819 -16.00 4.85 10.38
N ILE B 820 -14.74 4.61 10.00
CA ILE B 820 -13.64 4.67 10.95
C ILE B 820 -13.53 6.06 11.56
N GLU B 821 -13.58 7.10 10.72
CA GLU B 821 -13.40 8.46 11.21
C GLU B 821 -14.52 8.88 12.15
N LEU B 822 -15.78 8.66 11.75
CA LEU B 822 -16.88 9.07 12.61
C LEU B 822 -16.95 8.23 13.87
N ASP B 823 -16.63 6.94 13.75
CA ASP B 823 -16.59 6.09 14.94
C ASP B 823 -15.57 6.59 15.95
N LYS B 824 -14.40 7.01 15.48
CA LYS B 824 -13.39 7.52 16.40
C LYS B 824 -13.80 8.88 16.95
N GLU B 825 -14.52 9.70 16.17
CA GLU B 825 -14.95 11.00 16.67
C GLU B 825 -15.92 10.85 17.82
N ALA B 826 -17.04 10.17 17.58
CA ALA B 826 -18.05 9.98 18.61
C ALA B 826 -17.45 9.39 19.87
N GLU B 827 -16.51 8.47 19.72
CA GLU B 827 -15.87 7.80 20.85
C GLU B 827 -14.66 8.57 21.35
N SER B 828 -14.30 9.67 20.70
CA SER B 828 -13.15 10.51 21.07
C SER B 828 -11.84 9.72 21.07
N GLU B 829 -11.70 8.76 20.11
CA GLU B 829 -10.47 7.99 20.00
C GLU B 829 -9.54 8.62 18.98
N PRO B 830 -8.22 8.50 19.15
CA PRO B 830 -7.30 9.13 18.20
C PRO B 830 -7.18 8.34 16.91
N LEU B 831 -7.04 9.06 15.80
CA LEU B 831 -6.71 8.42 14.52
C LEU B 831 -5.22 8.15 14.40
N ILE B 832 -4.41 8.94 15.09
CA ILE B 832 -2.96 8.87 14.99
C ILE B 832 -2.45 7.73 15.87
N SER B 833 -1.43 7.02 15.38
CA SER B 833 -0.83 5.95 16.15
C SER B 833 -0.17 6.51 17.40
N ASP B 834 0.09 5.62 18.36
CA ASP B 834 0.68 6.04 19.63
C ASP B 834 2.14 6.45 19.48
N PRO B 835 2.93 5.74 18.66
CA PRO B 835 4.32 6.20 18.45
C PRO B 835 4.40 7.60 17.89
N LEU B 836 3.60 7.94 16.89
CA LEU B 836 3.65 9.28 16.33
C LEU B 836 3.07 10.30 17.31
N SER B 837 2.05 9.93 18.06
CA SER B 837 1.49 10.84 19.06
C SER B 837 2.55 11.25 20.07
N LYS B 838 3.40 10.30 20.49
CA LYS B 838 4.51 10.66 21.36
C LYS B 838 5.48 11.60 20.65
N GLU B 839 5.77 11.33 19.37
CA GLU B 839 6.70 12.17 18.64
C GLU B 839 6.20 13.61 18.58
N LEU B 840 4.95 13.81 18.18
CA LEU B 840 4.39 15.15 18.10
C LEU B 840 4.35 15.81 19.46
N SER B 841 4.00 15.05 20.50
CA SER B 841 3.96 15.61 21.85
C SER B 841 5.35 16.11 22.26
N ASP B 842 6.38 15.28 22.06
CA ASP B 842 7.73 15.70 22.40
C ASP B 842 8.11 16.98 21.67
N LEU B 843 7.73 17.09 20.39
CA LEU B 843 7.96 18.30 19.62
C LEU B 843 6.96 19.40 19.93
N HIS B 844 6.03 19.15 20.85
CA HIS B 844 5.02 20.14 21.21
C HIS B 844 4.19 20.56 19.99
N LEU B 845 3.79 19.58 19.18
CA LEU B 845 2.93 19.78 18.04
C LEU B 845 1.56 19.20 18.32
N THR B 846 0.58 19.60 17.52
CA THR B 846 -0.81 19.18 17.70
C THR B 846 -1.27 18.40 16.49
N VAL B 847 -1.91 17.26 16.73
CA VAL B 847 -2.45 16.45 15.63
C VAL B 847 -3.52 17.25 14.90
N PRO B 848 -3.53 17.27 13.57
CA PRO B 848 -4.62 17.97 12.88
C PRO B 848 -5.96 17.32 13.17
N ASN B 849 -6.99 18.16 13.24
CA ASN B 849 -8.36 17.71 13.43
C ASN B 849 -9.08 17.62 12.10
N LEU B 850 -9.85 16.57 11.91
CA LEU B 850 -10.70 16.46 10.73
C LEU B 850 -11.94 17.31 10.91
N ARG B 851 -12.48 17.79 9.80
CA ARG B 851 -13.77 18.48 9.78
C ARG B 851 -14.80 17.45 9.32
N LEU B 852 -15.62 16.97 10.25
CA LEU B 852 -16.59 15.93 9.92
C LEU B 852 -18.00 16.51 9.86
N PRO B 853 -18.90 15.91 9.08
CA PRO B 853 -20.27 16.41 8.97
C PRO B 853 -21.09 16.15 10.24
N ASN B 858 -29.17 11.12 12.75
CA ASN B 858 -30.21 10.49 11.95
C ASN B 858 -30.03 8.98 11.90
N LYS B 859 -30.65 8.34 10.90
CA LYS B 859 -30.41 6.94 10.60
C LYS B 859 -29.33 6.76 9.53
N GLN B 860 -28.88 7.85 8.94
CA GLN B 860 -27.84 7.86 7.92
C GLN B 860 -26.53 7.26 8.42
N ASN B 861 -25.95 6.38 7.60
CA ASN B 861 -24.62 5.82 7.86
C ASN B 861 -23.56 6.91 7.64
N ALA B 862 -22.34 6.63 8.11
CA ALA B 862 -21.26 7.61 8.10
C ALA B 862 -21.04 8.20 6.70
N LEU B 863 -20.87 7.33 5.70
CA LEU B 863 -20.61 7.83 4.36
C LEU B 863 -21.70 8.81 3.95
N GLU B 864 -22.94 8.42 4.20
CA GLU B 864 -24.06 9.25 3.76
C GLU B 864 -24.06 10.59 4.47
N LYS B 865 -23.58 10.65 5.71
CA LYS B 865 -23.44 11.95 6.36
C LYS B 865 -22.59 12.88 5.51
N PHE B 866 -21.51 12.37 4.91
CA PHE B 866 -20.71 13.17 4.00
C PHE B 866 -21.48 13.49 2.72
N ILE B 867 -22.20 12.51 2.18
CA ILE B 867 -22.87 12.69 0.90
C ILE B 867 -23.97 13.74 1.01
N SER B 868 -24.64 13.82 2.14
CA SER B 868 -25.73 14.79 2.30
C SER B 868 -25.25 16.24 2.30
N THR B 869 -23.94 16.49 2.40
CA THR B 869 -23.44 17.86 2.30
C THR B 869 -23.31 18.33 0.85
N THR B 870 -23.49 17.46 -0.13
CA THR B 870 -23.26 17.79 -1.53
C THR B 870 -24.55 18.24 -2.20
N GLU B 871 -24.40 19.02 -3.28
CA GLU B 871 -25.51 19.54 -4.06
C GLU B 871 -25.56 18.77 -5.38
N THR B 872 -26.56 17.90 -5.51
CA THR B 872 -26.62 16.97 -6.63
C THR B 872 -28.01 16.96 -7.26
N ARG B 873 -28.08 16.44 -8.48
CA ARG B 873 -29.35 16.19 -9.13
C ARG B 873 -29.12 15.18 -10.24
N ILE B 874 -30.15 14.38 -10.50
CA ILE B 874 -30.08 13.30 -11.48
C ILE B 874 -31.06 13.63 -12.60
N GLU B 875 -30.53 13.85 -13.79
CA GLU B 875 -31.32 14.17 -14.98
C GLU B 875 -31.09 13.06 -16.01
N ASN B 876 -32.06 12.14 -16.10
CA ASN B 876 -31.96 10.95 -16.93
C ASN B 876 -30.69 10.21 -16.49
N ASP B 877 -29.70 10.02 -17.35
CA ASP B 877 -28.49 9.30 -16.99
C ASP B 877 -27.38 10.23 -16.54
N ASN B 878 -27.67 11.51 -16.38
CA ASN B 878 -26.69 12.49 -15.90
C ASN B 878 -26.75 12.53 -14.38
N TYR B 879 -25.60 12.29 -13.74
CA TYR B 879 -25.47 12.35 -12.29
C TYR B 879 -24.61 13.56 -11.97
N ILE B 880 -25.27 14.67 -11.66
CA ILE B 880 -24.65 15.99 -11.66
C ILE B 880 -24.40 16.44 -10.23
N GLN B 881 -23.17 16.90 -9.97
CA GLN B 881 -22.82 17.57 -8.73
C GLN B 881 -22.41 19.00 -9.05
N GLU B 882 -22.97 19.95 -8.32
CA GLU B 882 -22.64 21.35 -8.50
C GLU B 882 -21.51 21.75 -7.55
N ILE B 883 -20.48 22.38 -8.09
CA ILE B 883 -19.37 22.92 -7.31
C ILE B 883 -19.48 24.44 -7.34
N HIS B 884 -19.66 25.04 -6.17
CA HIS B 884 -19.79 26.48 -6.03
C HIS B 884 -18.64 27.01 -5.19
N GLU B 885 -18.22 28.24 -5.48
CA GLU B 885 -17.17 28.86 -4.68
C GLU B 885 -17.67 29.11 -3.26
N LEU B 886 -16.82 28.80 -2.29
CA LEU B 886 -17.06 28.96 -0.85
C LEU B 886 -18.07 27.96 -0.31
N GLN B 887 -18.49 26.98 -1.10
CA GLN B 887 -19.32 25.90 -0.59
C GLN B 887 -18.45 24.86 0.11
N LYS B 888 -19.07 24.11 1.01
CA LYS B 888 -18.42 23.00 1.69
C LYS B 888 -18.56 21.75 0.84
N ILE B 889 -17.51 20.95 0.79
CA ILE B 889 -17.49 19.76 -0.06
C ILE B 889 -16.69 18.66 0.63
N PRO B 890 -17.12 17.40 0.56
CA PRO B 890 -16.29 16.32 1.13
C PRO B 890 -15.13 15.97 0.22
N ILE B 891 -13.93 15.90 0.80
CA ILE B 891 -12.69 15.76 0.06
C ILE B 891 -11.90 14.58 0.59
N LEU B 892 -11.41 13.75 -0.30
CA LEU B 892 -10.43 12.73 0.04
C LEU B 892 -9.03 13.33 -0.04
N LEU B 893 -8.25 13.17 1.03
CA LEU B 893 -6.95 13.81 1.17
C LEU B 893 -5.89 12.73 1.33
N ARG B 894 -4.83 12.79 0.52
CA ARG B 894 -3.80 11.76 0.50
C ARG B 894 -2.42 12.41 0.49
N ALA B 895 -1.45 11.69 1.05
CA ALA B 895 -0.03 12.02 0.95
C ALA B 895 0.63 10.92 0.14
N GLU B 896 0.94 11.20 -1.11
CA GLU B 896 1.61 10.25 -1.99
C GLU B 896 3.12 10.32 -1.77
N VAL B 897 3.69 9.23 -1.26
CA VAL B 897 5.11 9.12 -0.95
C VAL B 897 5.81 8.29 -2.02
N GLY B 898 7.05 8.65 -2.32
CA GLY B 898 7.82 7.91 -3.31
C GLY B 898 8.96 8.73 -3.86
N MET B 899 8.71 10.01 -4.06
CA MET B 899 9.73 10.92 -4.57
C MET B 899 10.56 11.44 -3.39
N ALA B 900 11.59 12.22 -3.69
CA ALA B 900 12.38 12.83 -2.64
C ALA B 900 11.49 13.56 -1.64
N LEU B 901 10.45 14.23 -2.13
CA LEU B 901 9.49 14.90 -1.28
C LEU B 901 8.10 14.31 -1.48
N PRO B 902 7.32 14.18 -0.40
CA PRO B 902 5.94 13.69 -0.56
C PRO B 902 5.07 14.70 -1.27
N CYS B 903 3.96 14.20 -1.81
CA CYS B 903 2.99 15.00 -2.57
C CYS B 903 1.63 14.89 -1.91
N LEU B 904 1.08 16.03 -1.48
CA LEU B 904 -0.31 16.09 -1.05
C LEU B 904 -1.21 16.13 -2.28
N THR B 905 -2.28 15.34 -2.25
CA THR B 905 -3.23 15.29 -3.34
C THR B 905 -4.63 15.19 -2.77
N VAL B 906 -5.60 15.70 -3.51
CA VAL B 906 -7.00 15.70 -3.07
C VAL B 906 -7.89 15.19 -4.19
N ARG B 907 -8.98 14.54 -3.79
CA ARG B 907 -10.00 14.06 -4.70
C ARG B 907 -11.35 14.42 -4.11
N ALA B 908 -12.29 14.78 -4.97
CA ALA B 908 -13.68 14.95 -4.54
C ALA B 908 -14.30 13.58 -4.31
N LEU B 909 -15.08 13.47 -3.22
CA LEU B 909 -15.89 12.29 -2.98
C LEU B 909 -16.98 12.19 -4.05
N ASN B 910 -17.16 11.00 -4.58
CA ASN B 910 -18.26 10.76 -5.52
C ASN B 910 -19.55 10.70 -4.71
N PRO B 911 -20.47 11.68 -4.85
CA PRO B 911 -21.71 11.62 -4.07
C PRO B 911 -22.68 10.54 -4.54
N PHE B 912 -22.45 9.94 -5.70
CA PHE B 912 -23.36 8.94 -6.27
C PHE B 912 -22.87 7.52 -6.00
N MET B 913 -22.60 7.22 -4.73
CA MET B 913 -22.21 5.89 -4.32
C MET B 913 -23.43 4.98 -4.19
N LYS B 914 -23.17 3.67 -4.32
CA LYS B 914 -24.19 2.66 -4.16
C LYS B 914 -24.34 2.31 -2.68
N ARG B 915 -25.58 2.04 -2.27
CA ARG B 915 -25.85 1.73 -0.88
C ARG B 915 -25.55 0.26 -0.58
#